data_2W0P
# 
_entry.id   2W0P 
# 
_audit_conform.dict_name       mmcif_pdbx.dic 
_audit_conform.dict_version    5.382 
_audit_conform.dict_location   http://mmcif.pdb.org/dictionaries/ascii/mmcif_pdbx.dic 
# 
loop_
_database_2.database_id 
_database_2.database_code 
_database_2.pdbx_database_accession 
_database_2.pdbx_DOI 
PDB   2W0P         pdb_00002w0p 10.2210/pdb2w0p/pdb 
PDBE  EBI-37248    ?            ?                   
WWPDB D_1290037248 ?            ?                   
# 
loop_
_pdbx_database_related.db_name 
_pdbx_database_related.db_id 
_pdbx_database_related.content_type 
_pdbx_database_related.details 
PDB 2J3S unspecified 'CRYSTAL STRUCTURE OF THE HUMAN FILAMIN A IG DOMAINS 19 TO 21'                                            
PDB 2BP3 unspecified 'CRYSTAL STRUCTURE OF FILAMIN A DOMAIN 17 AND GPIB ALPHA CYTOPLASMIC DOMAIN COMPLEX'                      
PDB 2JF1 unspecified 'CRYSTAL STRUCTURE OF THE FILAMIN A REPEAT 21 COMPLEXED WITH THE INTEGRIN BETA2 CYTOPLASMIC TAIL PEPTIDE' 
PDB 2BRQ unspecified 'CRYSTAL STRUCTURE OF THE FILAMIN A REPEAT 21 COMPLEXED WITH THE INTEGRIN BETA7 CYTOPLASMIC TAIL PEPTIDE' 
PDB 2AAV unspecified 'SOLUTION NMR STRUCTURE OF FILAMIN A DOMAIN 17'                                                           
# 
_pdbx_database_status.status_code                     REL 
_pdbx_database_status.entry_id                        2W0P 
_pdbx_database_status.deposit_site                    PDBE 
_pdbx_database_status.process_site                    PDBE 
_pdbx_database_status.SG_entry                        . 
_pdbx_database_status.recvd_initial_deposition_date   2008-08-20 
_pdbx_database_status.pdb_format_compatible           Y 
_pdbx_database_status.status_code_sf                  REL 
_pdbx_database_status.status_code_mr                  ? 
_pdbx_database_status.status_code_cs                  ? 
_pdbx_database_status.methods_development_category    ? 
_pdbx_database_status.status_code_nmr_data            ? 
# 
loop_
_audit_author.name 
_audit_author.pdbx_ordinal 
'Ruskamo, S.' 1 
'Ylanne, J.'  2 
# 
_citation.id                        primary 
_citation.title                     
'Structural Basis of the Migfilin-Filamin Interaction and Competition with Integrin {Beta} Tails.' 
_citation.journal_abbrev            J.Biol.Chem. 
_citation.journal_volume            283 
_citation.page_first                35154 
_citation.page_last                 ? 
_citation.year                      2008 
_citation.journal_id_ASTM           JBCHA3 
_citation.country                   US 
_citation.journal_id_ISSN           0021-9258 
_citation.journal_id_CSD            0071 
_citation.book_publisher            ? 
_citation.pdbx_database_id_PubMed   18829455 
_citation.pdbx_database_id_DOI      10.1074/JBC.M802592200 
# 
loop_
_citation_author.citation_id 
_citation_author.name 
_citation_author.ordinal 
_citation_author.identifier_ORCID 
primary 'Lad, Y.'          1 ? 
primary 'Jiang, P.'        2 ? 
primary 'Ruskamo, S.'      3 ? 
primary 'Harburger, D.S.'  4 ? 
primary 'Ylanne, J.'       5 ? 
primary 'Campbell, I.D.'   6 ? 
primary 'Calderwood, D.A.' 7 ? 
# 
_cell.entry_id           2W0P 
_cell.length_a           36.890 
_cell.length_b           68.480 
_cell.length_c           85.220 
_cell.angle_alpha        90.00 
_cell.angle_beta         90.00 
_cell.angle_gamma        90.00 
_cell.Z_PDB              8 
_cell.pdbx_unique_axis   ? 
# 
_symmetry.entry_id                         2W0P 
_symmetry.space_group_name_H-M             'P 21 21 21' 
_symmetry.pdbx_full_space_group_name_H-M   ? 
_symmetry.cell_setting                     ? 
_symmetry.Int_Tables_number                19 
# 
loop_
_entity.id 
_entity.type 
_entity.src_method 
_entity.pdbx_description 
_entity.formula_weight 
_entity.pdbx_number_of_molecules 
_entity.pdbx_ec 
_entity.pdbx_mutation 
_entity.pdbx_fragment 
_entity.details 
1 polymer     man FILAMIN-A                       9705.669 2  ? ? 'IG-21, RESIDUES 2236-2329' ? 
2 polymer     syn 'FILAMIN-BINDING LIM PROTEIN 1' 1616.898 1  ? ? 'RESIDUES 5-19'             ? 
3 non-polymer syn 'SULFATE ION'                   96.063   2  ? ? ?                           ? 
4 water       nat water                           18.015   70 ? ? ?                           ? 
# 
loop_
_entity_name_com.entity_id 
_entity_name_com.name 
1 'ALPHA-FILAMIN, FILAMIN-1, ENDOTHELIAL ACTIN-BINDING PROTEIN, ACTIN-BINDING PROTEIN 280, ABP-280, NONMUSCLE FILAMIN' 
2 'MITOGEN-INDUCIBLE 2-INTERACTING PROTEIN, MIGFILIN'                                                                  
# 
loop_
_entity_poly.entity_id 
_entity_poly.type 
_entity_poly.nstd_linkage 
_entity_poly.nstd_monomer 
_entity_poly.pdbx_seq_one_letter_code 
_entity_poly.pdbx_seq_one_letter_code_can 
_entity_poly.pdbx_strand_id 
_entity_poly.pdbx_target_identifier 
1 'polypeptide(L)' no no 
;GGAHKVRAGGPGLERAEAGVPAEFSIWTREAGAGGLAIAVEGPSKAEISFEDRKDGSCGVAYVVQEPGDYEVSVKFNEEH
IPDSPFVVPVASPS
;
;GGAHKVRAGGPGLERAEAGVPAEFSIWTREAGAGGLAIAVEGPSKAEISFEDRKDGSCGVAYVVQEPGDYEVSVKFNEEH
IPDSPFVVPVASPS
;
A,B ? 
2 'polypeptide(L)' no no PEKRVASSVFITLAP                                                                                   
PEKRVASSVFITLAP                                                                                   C   ? 
# 
loop_
_entity_poly_seq.entity_id 
_entity_poly_seq.num 
_entity_poly_seq.mon_id 
_entity_poly_seq.hetero 
1 1  GLY n 
1 2  GLY n 
1 3  ALA n 
1 4  HIS n 
1 5  LYS n 
1 6  VAL n 
1 7  ARG n 
1 8  ALA n 
1 9  GLY n 
1 10 GLY n 
1 11 PRO n 
1 12 GLY n 
1 13 LEU n 
1 14 GLU n 
1 15 ARG n 
1 16 ALA n 
1 17 GLU n 
1 18 ALA n 
1 19 GLY n 
1 20 VAL n 
1 21 PRO n 
1 22 ALA n 
1 23 GLU n 
1 24 PHE n 
1 25 SER n 
1 26 ILE n 
1 27 TRP n 
1 28 THR n 
1 29 ARG n 
1 30 GLU n 
1 31 ALA n 
1 32 GLY n 
1 33 ALA n 
1 34 GLY n 
1 35 GLY n 
1 36 LEU n 
1 37 ALA n 
1 38 ILE n 
1 39 ALA n 
1 40 VAL n 
1 41 GLU n 
1 42 GLY n 
1 43 PRO n 
1 44 SER n 
1 45 LYS n 
1 46 ALA n 
1 47 GLU n 
1 48 ILE n 
1 49 SER n 
1 50 PHE n 
1 51 GLU n 
1 52 ASP n 
1 53 ARG n 
1 54 LYS n 
1 55 ASP n 
1 56 GLY n 
1 57 SER n 
1 58 CYS n 
1 59 GLY n 
1 60 VAL n 
1 61 ALA n 
1 62 TYR n 
1 63 VAL n 
1 64 VAL n 
1 65 GLN n 
1 66 GLU n 
1 67 PRO n 
1 68 GLY n 
1 69 ASP n 
1 70 TYR n 
1 71 GLU n 
1 72 VAL n 
1 73 SER n 
1 74 VAL n 
1 75 LYS n 
1 76 PHE n 
1 77 ASN n 
1 78 GLU n 
1 79 GLU n 
1 80 HIS n 
1 81 ILE n 
1 82 PRO n 
1 83 ASP n 
1 84 SER n 
1 85 PRO n 
1 86 PHE n 
1 87 VAL n 
1 88 VAL n 
1 89 PRO n 
1 90 VAL n 
1 91 ALA n 
1 92 SER n 
1 93 PRO n 
1 94 SER n 
2 1  PRO n 
2 2  GLU n 
2 3  LYS n 
2 4  ARG n 
2 5  VAL n 
2 6  ALA n 
2 7  SER n 
2 8  SER n 
2 9  VAL n 
2 10 PHE n 
2 11 ILE n 
2 12 THR n 
2 13 LEU n 
2 14 ALA n 
2 15 PRO n 
# 
_entity_src_gen.entity_id                          1 
_entity_src_gen.pdbx_src_id                        1 
_entity_src_gen.pdbx_alt_source_flag               sample 
_entity_src_gen.pdbx_seq_type                      ? 
_entity_src_gen.pdbx_beg_seq_num                   ? 
_entity_src_gen.pdbx_end_seq_num                   ? 
_entity_src_gen.gene_src_common_name               HUMAN 
_entity_src_gen.gene_src_genus                     ? 
_entity_src_gen.pdbx_gene_src_gene                 ? 
_entity_src_gen.gene_src_species                   ? 
_entity_src_gen.gene_src_strain                    ? 
_entity_src_gen.gene_src_tissue                    ? 
_entity_src_gen.gene_src_tissue_fraction           ? 
_entity_src_gen.gene_src_details                   ? 
_entity_src_gen.pdbx_gene_src_fragment             ? 
_entity_src_gen.pdbx_gene_src_scientific_name      'HOMO SAPIENS' 
_entity_src_gen.pdbx_gene_src_ncbi_taxonomy_id     9606 
_entity_src_gen.pdbx_gene_src_variant              ? 
_entity_src_gen.pdbx_gene_src_cell_line            ? 
_entity_src_gen.pdbx_gene_src_atcc                 ? 
_entity_src_gen.pdbx_gene_src_organ                ? 
_entity_src_gen.pdbx_gene_src_organelle            ? 
_entity_src_gen.pdbx_gene_src_cell                 ? 
_entity_src_gen.pdbx_gene_src_cellular_location    ? 
_entity_src_gen.host_org_common_name               ? 
_entity_src_gen.pdbx_host_org_scientific_name      'ESCHERICHIA COLI' 
_entity_src_gen.pdbx_host_org_ncbi_taxonomy_id     511693 
_entity_src_gen.host_org_genus                     ? 
_entity_src_gen.pdbx_host_org_gene                 ? 
_entity_src_gen.pdbx_host_org_organ                ? 
_entity_src_gen.host_org_species                   ? 
_entity_src_gen.pdbx_host_org_tissue               ? 
_entity_src_gen.pdbx_host_org_tissue_fraction      ? 
_entity_src_gen.pdbx_host_org_strain               BL21 
_entity_src_gen.pdbx_host_org_variant              ? 
_entity_src_gen.pdbx_host_org_cell_line            ? 
_entity_src_gen.pdbx_host_org_atcc                 ? 
_entity_src_gen.pdbx_host_org_culture_collection   ? 
_entity_src_gen.pdbx_host_org_cell                 ? 
_entity_src_gen.pdbx_host_org_organelle            ? 
_entity_src_gen.pdbx_host_org_cellular_location    ? 
_entity_src_gen.pdbx_host_org_vector_type          ? 
_entity_src_gen.pdbx_host_org_vector               ? 
_entity_src_gen.host_org_details                   ? 
_entity_src_gen.expression_system_id               ? 
_entity_src_gen.plasmid_name                       PGEX-4T-3 
_entity_src_gen.plasmid_details                    ? 
_entity_src_gen.pdbx_description                   ? 
# 
_pdbx_entity_src_syn.entity_id              2 
_pdbx_entity_src_syn.pdbx_src_id            1 
_pdbx_entity_src_syn.pdbx_alt_source_flag   sample 
_pdbx_entity_src_syn.pdbx_beg_seq_num       ? 
_pdbx_entity_src_syn.pdbx_end_seq_num       ? 
_pdbx_entity_src_syn.organism_scientific    'HOMO SAPIENS' 
_pdbx_entity_src_syn.organism_common_name   HUMAN 
_pdbx_entity_src_syn.ncbi_taxonomy_id       9606 
_pdbx_entity_src_syn.details                ? 
# 
loop_
_struct_ref.id 
_struct_ref.db_name 
_struct_ref.db_code 
_struct_ref.entity_id 
_struct_ref.pdbx_seq_one_letter_code 
_struct_ref.pdbx_align_begin 
_struct_ref.pdbx_db_accession 
_struct_ref.pdbx_db_isoform 
1 UNP FLNA_HUMAN  1 ? ? P21333 ? 
2 UNP FBLI1_HUMAN 2 ? ? Q8WUP2 ? 
# 
loop_
_struct_ref_seq.align_id 
_struct_ref_seq.ref_id 
_struct_ref_seq.pdbx_PDB_id_code 
_struct_ref_seq.pdbx_strand_id 
_struct_ref_seq.seq_align_beg 
_struct_ref_seq.pdbx_seq_align_beg_ins_code 
_struct_ref_seq.seq_align_end 
_struct_ref_seq.pdbx_seq_align_end_ins_code 
_struct_ref_seq.pdbx_db_accession 
_struct_ref_seq.db_align_beg 
_struct_ref_seq.pdbx_db_align_beg_ins_code 
_struct_ref_seq.db_align_end 
_struct_ref_seq.pdbx_db_align_end_ins_code 
_struct_ref_seq.pdbx_auth_seq_align_beg 
_struct_ref_seq.pdbx_auth_seq_align_end 
1 1 2W0P A 1 ? 94 ? P21333 2236 ? 2329 ? 2236 2329 
2 1 2W0P B 1 ? 94 ? P21333 2236 ? 2329 ? 2236 2329 
3 2 2W0P C 1 ? 15 ? Q8WUP2 5    ? 19   ? 5    19   
# 
loop_
_chem_comp.id 
_chem_comp.type 
_chem_comp.mon_nstd_flag 
_chem_comp.name 
_chem_comp.pdbx_synonyms 
_chem_comp.formula 
_chem_comp.formula_weight 
ALA 'L-peptide linking' y ALANINE         ? 'C3 H7 N O2'     89.093  
ARG 'L-peptide linking' y ARGININE        ? 'C6 H15 N4 O2 1' 175.209 
ASN 'L-peptide linking' y ASPARAGINE      ? 'C4 H8 N2 O3'    132.118 
ASP 'L-peptide linking' y 'ASPARTIC ACID' ? 'C4 H7 N O4'     133.103 
CYS 'L-peptide linking' y CYSTEINE        ? 'C3 H7 N O2 S'   121.158 
GLN 'L-peptide linking' y GLUTAMINE       ? 'C5 H10 N2 O3'   146.144 
GLU 'L-peptide linking' y 'GLUTAMIC ACID' ? 'C5 H9 N O4'     147.129 
GLY 'peptide linking'   y GLYCINE         ? 'C2 H5 N O2'     75.067  
HIS 'L-peptide linking' y HISTIDINE       ? 'C6 H10 N3 O2 1' 156.162 
HOH non-polymer         . WATER           ? 'H2 O'           18.015  
ILE 'L-peptide linking' y ISOLEUCINE      ? 'C6 H13 N O2'    131.173 
LEU 'L-peptide linking' y LEUCINE         ? 'C6 H13 N O2'    131.173 
LYS 'L-peptide linking' y LYSINE          ? 'C6 H15 N2 O2 1' 147.195 
PHE 'L-peptide linking' y PHENYLALANINE   ? 'C9 H11 N O2'    165.189 
PRO 'L-peptide linking' y PROLINE         ? 'C5 H9 N O2'     115.130 
SER 'L-peptide linking' y SERINE          ? 'C3 H7 N O3'     105.093 
SO4 non-polymer         . 'SULFATE ION'   ? 'O4 S -2'        96.063  
THR 'L-peptide linking' y THREONINE       ? 'C4 H9 N O3'     119.119 
TRP 'L-peptide linking' y TRYPTOPHAN      ? 'C11 H12 N2 O2'  204.225 
TYR 'L-peptide linking' y TYROSINE        ? 'C9 H11 N O3'    181.189 
VAL 'L-peptide linking' y VALINE          ? 'C5 H11 N O2'    117.146 
# 
_exptl.entry_id          2W0P 
_exptl.method            'X-RAY DIFFRACTION' 
_exptl.crystals_number   1 
# 
_exptl_crystal.id                    1 
_exptl_crystal.density_meas          ? 
_exptl_crystal.density_Matthews      2.51 
_exptl_crystal.density_percent_sol   50.6 
_exptl_crystal.description           NONE 
# 
_exptl_crystal_grow.crystal_id      1 
_exptl_crystal_grow.method          ? 
_exptl_crystal_grow.temp            ? 
_exptl_crystal_grow.temp_details    ? 
_exptl_crystal_grow.pH              ? 
_exptl_crystal_grow.pdbx_pH_range   ? 
_exptl_crystal_grow.pdbx_details    '1.7M (NH4)2SO4, 5% 2-PROPANOL' 
# 
_diffrn.id                     1 
_diffrn.ambient_temp           100 
_diffrn.ambient_temp_details   ? 
_diffrn.crystal_id             1 
# 
_diffrn_detector.diffrn_id              1 
_diffrn_detector.detector               CCD 
_diffrn_detector.type                   'ADSC QUANTUM 4' 
_diffrn_detector.pdbx_collection_date   2008-07-17 
_diffrn_detector.details                'TOROIDAL MIRROR' 
# 
_diffrn_radiation.diffrn_id                        1 
_diffrn_radiation.wavelength_id                    1 
_diffrn_radiation.pdbx_monochromatic_or_laue_m_l   M 
_diffrn_radiation.monochromator                    'DIAMOND (111)' 
_diffrn_radiation.pdbx_diffrn_protocol             'SINGLE WAVELENGTH' 
_diffrn_radiation.pdbx_scattering_type             x-ray 
# 
_diffrn_radiation_wavelength.id           1 
_diffrn_radiation_wavelength.wavelength   0.933 
_diffrn_radiation_wavelength.wt           1.0 
# 
_diffrn_source.diffrn_id                   1 
_diffrn_source.source                      SYNCHROTRON 
_diffrn_source.type                        'ESRF BEAMLINE ID14-2' 
_diffrn_source.pdbx_synchrotron_site       ESRF 
_diffrn_source.pdbx_synchrotron_beamline   ID14-2 
_diffrn_source.pdbx_wavelength             0.933 
_diffrn_source.pdbx_wavelength_list        ? 
# 
_reflns.pdbx_diffrn_id               1 
_reflns.pdbx_ordinal                 1 
_reflns.entry_id                     2W0P 
_reflns.observed_criterion_sigma_I   . 
_reflns.observed_criterion_sigma_F   ? 
_reflns.d_resolution_low             32.48 
_reflns.d_resolution_high            1.90 
_reflns.number_obs                   17625 
_reflns.number_all                   ? 
_reflns.percent_possible_obs         99.9 
_reflns.pdbx_Rmerge_I_obs            0.13 
_reflns.pdbx_Rsym_value              ? 
_reflns.pdbx_netI_over_sigmaI        13.50 
_reflns.B_iso_Wilson_estimate        ? 
_reflns.pdbx_redundancy              2.54 
# 
_reflns_shell.pdbx_diffrn_id         1 
_reflns_shell.pdbx_ordinal           1 
_reflns_shell.d_res_high             1.90 
_reflns_shell.d_res_low              1.95 
_reflns_shell.percent_possible_all   97.7 
_reflns_shell.Rmerge_I_obs           0.74 
_reflns_shell.pdbx_Rsym_value        ? 
_reflns_shell.meanI_over_sigI_obs    2.35 
_reflns_shell.pdbx_redundancy        2.50 
# 
_refine.pdbx_refine_id                           'X-RAY DIFFRACTION' 
_refine.entry_id                                 2W0P 
_refine.pdbx_diffrn_id                           1 
_refine.pdbx_TLS_residual_ADP_flag               ? 
_refine.ls_number_reflns_obs                     16730 
_refine.ls_number_reflns_all                     ? 
_refine.pdbx_ls_sigma_I                          ? 
_refine.pdbx_ls_sigma_F                          ? 
_refine.pdbx_data_cutoff_high_absF               ? 
_refine.pdbx_data_cutoff_low_absF                ? 
_refine.pdbx_data_cutoff_high_rms_absF           ? 
_refine.ls_d_res_low                             32.48 
_refine.ls_d_res_high                            1.90 
_refine.ls_percent_reflns_obs                    99.9 
_refine.ls_R_factor_obs                          0.210 
_refine.ls_R_factor_all                          ? 
_refine.ls_R_factor_R_work                       0.209 
_refine.ls_R_factor_R_free                       0.239 
_refine.ls_R_factor_R_free_error                 ? 
_refine.ls_R_factor_R_free_error_details         ? 
_refine.ls_percent_reflns_R_free                 5.100 
_refine.ls_number_reflns_R_free                  895 
_refine.ls_number_parameters                     ? 
_refine.ls_number_restraints                     ? 
_refine.occupancy_min                            ? 
_refine.occupancy_max                            ? 
_refine.correlation_coeff_Fo_to_Fc               0.943 
_refine.correlation_coeff_Fo_to_Fc_free          0.926 
_refine.B_iso_mean                               24.88 
_refine.aniso_B[1][1]                            -0.01000 
_refine.aniso_B[2][2]                            -0.01000 
_refine.aniso_B[3][3]                            0.02000 
_refine.aniso_B[1][2]                            0.00000 
_refine.aniso_B[1][3]                            0.00000 
_refine.aniso_B[2][3]                            0.00000 
_refine.solvent_model_details                    MASK 
_refine.solvent_model_param_ksol                 ? 
_refine.solvent_model_param_bsol                 ? 
_refine.pdbx_solvent_vdw_probe_radii             1.20 
_refine.pdbx_solvent_ion_probe_radii             0.80 
_refine.pdbx_solvent_shrinkage_radii             0.80 
_refine.pdbx_ls_cross_valid_method               THROUGHOUT 
_refine.details                                  
;HYDROGENS HAVE BEEN ADDED IN THE RIDING POSITIONS. SOME OF THE SIDE CHAIN ATOMS OF RESIDUES A 2262 TRP, A 2287 ASP, A 2289 LYS, B 2252 GLU, B 2265 GLU, B 2268 ALA, B 2289 LYS, B 2313 GLU, B 2314 GLU HAVE NO ELECTRON DENSITY BUT THEY WERE MODELED. SOME OF THE SIDE CHAIN ATOMS OF RESIDUES A 2239 HIS, A 2240 LYS, A 2242 ARG, A 2250 ARG, A 2252 GLU, A 2268 ALA, A 2286 GLU, A 2314 GLU, B 2240 LYS, B 2250 ARG, B 2286 GLU, B 2306 GLU HAVE A POORLY DEFINED DENSITY.
;
_refine.pdbx_starting_model                      'PDB ENTRY 2BRQ, CHAIN A' 
_refine.pdbx_method_to_determine_struct          'MOLECULAR REPLACEMENT' 
_refine.pdbx_isotropic_thermal_model             ? 
_refine.pdbx_stereochemistry_target_values       'MAXIMUM LIKELIHOOD' 
_refine.pdbx_stereochem_target_val_spec_case     ? 
_refine.pdbx_R_Free_selection_details            RANDOM 
_refine.pdbx_overall_ESU_R                       0.153 
_refine.pdbx_overall_ESU_R_Free                  0.140 
_refine.overall_SU_ML                            0.091 
_refine.pdbx_overall_phase_error                 ? 
_refine.overall_SU_B                             3.046 
_refine.overall_SU_R_Cruickshank_DPI             ? 
_refine.pdbx_overall_SU_R_free_Cruickshank_DPI   ? 
_refine.pdbx_overall_SU_R_Blow_DPI               ? 
_refine.pdbx_overall_SU_R_free_Blow_DPI          ? 
# 
_refine_hist.pdbx_refine_id                   'X-RAY DIFFRACTION' 
_refine_hist.cycle_id                         LAST 
_refine_hist.pdbx_number_atoms_protein        1430 
_refine_hist.pdbx_number_atoms_nucleic_acid   0 
_refine_hist.pdbx_number_atoms_ligand         10 
_refine_hist.number_atoms_solvent             70 
_refine_hist.number_atoms_total               1510 
_refine_hist.d_res_high                       1.90 
_refine_hist.d_res_low                        32.48 
# 
loop_
_refine_ls_restr.type 
_refine_ls_restr.dev_ideal 
_refine_ls_restr.dev_ideal_target 
_refine_ls_restr.weight 
_refine_ls_restr.number 
_refine_ls_restr.pdbx_refine_id 
_refine_ls_restr.pdbx_restraint_function 
r_bond_refined_d             0.021  0.022  ? 1496 'X-RAY DIFFRACTION' ? 
r_bond_other_d               ?      ?      ? ?    'X-RAY DIFFRACTION' ? 
r_angle_refined_deg          1.789  1.961  ? 2031 'X-RAY DIFFRACTION' ? 
r_angle_other_deg            ?      ?      ? ?    'X-RAY DIFFRACTION' ? 
r_dihedral_angle_1_deg       6.140  5.000  ? 193  'X-RAY DIFFRACTION' ? 
r_dihedral_angle_2_deg       27.088 24.062 ? 64   'X-RAY DIFFRACTION' ? 
r_dihedral_angle_3_deg       14.186 15.000 ? 218  'X-RAY DIFFRACTION' ? 
r_dihedral_angle_4_deg       16.021 15.000 ? 9    'X-RAY DIFFRACTION' ? 
r_chiral_restr               0.143  0.200  ? 212  'X-RAY DIFFRACTION' ? 
r_gen_planes_refined         0.008  0.020  ? 1170 'X-RAY DIFFRACTION' ? 
r_gen_planes_other           ?      ?      ? ?    'X-RAY DIFFRACTION' ? 
r_nbd_refined                0.239  0.200  ? 557  'X-RAY DIFFRACTION' ? 
r_nbd_other                  ?      ?      ? ?    'X-RAY DIFFRACTION' ? 
r_nbtor_refined              0.309  0.200  ? 956  'X-RAY DIFFRACTION' ? 
r_nbtor_other                ?      ?      ? ?    'X-RAY DIFFRACTION' ? 
r_xyhbond_nbd_refined        0.115  0.200  ? 78   'X-RAY DIFFRACTION' ? 
r_xyhbond_nbd_other          ?      ?      ? ?    'X-RAY DIFFRACTION' ? 
r_metal_ion_refined          ?      ?      ? ?    'X-RAY DIFFRACTION' ? 
r_metal_ion_other            ?      ?      ? ?    'X-RAY DIFFRACTION' ? 
r_symmetry_vdw_refined       0.212  0.200  ? 44   'X-RAY DIFFRACTION' ? 
r_symmetry_vdw_other         ?      ?      ? ?    'X-RAY DIFFRACTION' ? 
r_symmetry_hbond_refined     0.311  0.200  ? 11   'X-RAY DIFFRACTION' ? 
r_symmetry_hbond_other       ?      ?      ? ?    'X-RAY DIFFRACTION' ? 
r_symmetry_metal_ion_refined ?      ?      ? ?    'X-RAY DIFFRACTION' ? 
r_symmetry_metal_ion_other   ?      ?      ? ?    'X-RAY DIFFRACTION' ? 
r_mcbond_it                  1.437  1.500  ? 990  'X-RAY DIFFRACTION' ? 
r_mcbond_other               ?      ?      ? ?    'X-RAY DIFFRACTION' ? 
r_mcangle_it                 2.335  2.000  ? 1551 'X-RAY DIFFRACTION' ? 
r_mcangle_other              ?      ?      ? ?    'X-RAY DIFFRACTION' ? 
r_scbond_it                  3.447  3.000  ? 575  'X-RAY DIFFRACTION' ? 
r_scbond_other               ?      ?      ? ?    'X-RAY DIFFRACTION' ? 
r_scangle_it                 5.539  4.500  ? 480  'X-RAY DIFFRACTION' ? 
r_scangle_other              ?      ?      ? ?    'X-RAY DIFFRACTION' ? 
r_long_range_B_refined       ?      ?      ? ?    'X-RAY DIFFRACTION' ? 
r_long_range_B_other         ?      ?      ? ?    'X-RAY DIFFRACTION' ? 
r_rigid_bond_restr           ?      ?      ? ?    'X-RAY DIFFRACTION' ? 
r_sphericity_free            ?      ?      ? ?    'X-RAY DIFFRACTION' ? 
r_sphericity_bonded          ?      ?      ? ?    'X-RAY DIFFRACTION' ? 
# 
loop_
_refine_ls_restr_ncs.dom_id 
_refine_ls_restr_ncs.pdbx_auth_asym_id 
_refine_ls_restr_ncs.pdbx_number 
_refine_ls_restr_ncs.rms_dev_position 
_refine_ls_restr_ncs.weight_position 
_refine_ls_restr_ncs.pdbx_type 
_refine_ls_restr_ncs.pdbx_ens_id 
_refine_ls_restr_ncs.pdbx_ordinal 
_refine_ls_restr_ncs.pdbx_refine_id 
_refine_ls_restr_ncs.ncs_model_details 
_refine_ls_restr_ncs.rms_dev_B_iso 
_refine_ls_restr_ncs.weight_B_iso 
_refine_ls_restr_ncs.pdbx_asym_id 
_refine_ls_restr_ncs.pdbx_rms 
_refine_ls_restr_ncs.pdbx_weight 
1 A 655 0.35 0.50 'medium positional' 1 1 'X-RAY DIFFRACTION' ? ? ? ? ? ? 
2 B 655 0.35 0.50 'medium positional' 1 2 'X-RAY DIFFRACTION' ? ? ? ? ? ? 
1 A 655 1.84 2.00 'medium thermal'    1 3 'X-RAY DIFFRACTION' ? ? ? ? ? ? 
2 B 655 1.84 2.00 'medium thermal'    1 4 'X-RAY DIFFRACTION' ? ? ? ? ? ? 
# 
_refine_ls_shell.pdbx_refine_id                   'X-RAY DIFFRACTION' 
_refine_ls_shell.pdbx_total_number_of_bins_used   20 
_refine_ls_shell.d_res_high                       1.90 
_refine_ls_shell.d_res_low                        1.95 
_refine_ls_shell.number_reflns_R_work             1208 
_refine_ls_shell.R_factor_R_work                  0.2330 
_refine_ls_shell.percent_reflns_obs               ? 
_refine_ls_shell.R_factor_R_free                  0.2850 
_refine_ls_shell.R_factor_R_free_error            ? 
_refine_ls_shell.percent_reflns_R_free            ? 
_refine_ls_shell.number_reflns_R_free             68 
_refine_ls_shell.number_reflns_all                ? 
_refine_ls_shell.R_factor_all                     ? 
# 
loop_
_struct_ncs_dom.id 
_struct_ncs_dom.details 
_struct_ncs_dom.pdbx_ens_id 
1 A 1 
2 B 1 
# 
loop_
_struct_ncs_dom_lim.pdbx_ens_id 
_struct_ncs_dom_lim.dom_id 
_struct_ncs_dom_lim.pdbx_component_id 
_struct_ncs_dom_lim.beg_label_asym_id 
_struct_ncs_dom_lim.beg_label_comp_id 
_struct_ncs_dom_lim.beg_label_seq_id 
_struct_ncs_dom_lim.beg_label_alt_id 
_struct_ncs_dom_lim.end_label_asym_id 
_struct_ncs_dom_lim.end_label_comp_id 
_struct_ncs_dom_lim.end_label_seq_id 
_struct_ncs_dom_lim.end_label_alt_id 
_struct_ncs_dom_lim.beg_auth_asym_id 
_struct_ncs_dom_lim.beg_auth_comp_id 
_struct_ncs_dom_lim.beg_auth_seq_id 
_struct_ncs_dom_lim.end_auth_asym_id 
_struct_ncs_dom_lim.end_auth_comp_id 
_struct_ncs_dom_lim.end_auth_seq_id 
_struct_ncs_dom_lim.pdbx_refine_code 
_struct_ncs_dom_lim.selection_details 
1 1 1 A GLY 2 . A PRO 93 . A GLY 2237 A PRO 2328 4 ? 
1 2 1 B GLY 2 . B PRO 93 . B GLY 2237 B PRO 2328 4 ? 
# 
_struct_ncs_ens.id        1 
_struct_ncs_ens.details   ? 
# 
_struct.entry_id                  2W0P 
_struct.title                     'Crystal structure of the filamin A repeat 21 complexed with the migfilin peptide' 
_struct.pdbx_model_details        ? 
_struct.pdbx_CASP_flag            ? 
_struct.pdbx_model_type_details   ? 
# 
_struct_keywords.entry_id        2W0P 
_struct_keywords.pdbx_keywords   'CELL ADHESION' 
_struct_keywords.text            
;ALTERNATIVE SPLICING, CYTOSKELETON-COMPLEX, PHOSPHOPROTEIN, DISEASE MUTATION, IMMUNOGLOBULIN LIKE, ZINC, FILAMIN, COMPLEX, INTEGRIN, MIGFILIN, RECEPTOR, POLYMORPHISM, CYTOSKELETON, ACTIN-BINDING, CELL JUNCTION, CELL ADHESION, METAL-BINDING, CYTOPLASM, LIM DOMAIN, CELL SHAPE, ACETYLATION
;
# 
loop_
_struct_asym.id 
_struct_asym.pdbx_blank_PDB_chainid_flag 
_struct_asym.pdbx_modified 
_struct_asym.entity_id 
_struct_asym.details 
A N N 1 ? 
B N N 1 ? 
C N N 2 ? 
D N N 3 ? 
E N N 3 ? 
F N N 4 ? 
G N N 4 ? 
H N N 4 ? 
# 
_struct_biol.id   1 
# 
loop_
_struct_conf.conf_type_id 
_struct_conf.id 
_struct_conf.pdbx_PDB_helix_id 
_struct_conf.beg_label_comp_id 
_struct_conf.beg_label_asym_id 
_struct_conf.beg_label_seq_id 
_struct_conf.pdbx_beg_PDB_ins_code 
_struct_conf.end_label_comp_id 
_struct_conf.end_label_asym_id 
_struct_conf.end_label_seq_id 
_struct_conf.pdbx_end_PDB_ins_code 
_struct_conf.beg_auth_comp_id 
_struct_conf.beg_auth_asym_id 
_struct_conf.beg_auth_seq_id 
_struct_conf.end_auth_comp_id 
_struct_conf.end_auth_asym_id 
_struct_conf.end_auth_seq_id 
_struct_conf.pdbx_PDB_helix_class 
_struct_conf.details 
_struct_conf.pdbx_PDB_helix_length 
HELX_P HELX_P1 1 GLY A 2  ? VAL A 6  ? GLY A 2237 VAL A 2241 5 ? 5 
HELX_P HELX_P2 2 GLY A 10 ? GLU A 14 ? GLY A 2245 GLU A 2249 5 ? 5 
HELX_P HELX_P3 3 THR A 28 ? GLY A 32 ? THR A 2263 GLY A 2267 5 ? 5 
HELX_P HELX_P4 4 GLY B 2  ? VAL B 6  ? GLY B 2237 VAL B 2241 5 ? 5 
HELX_P HELX_P5 5 GLY B 10 ? GLU B 14 ? GLY B 2245 GLU B 2249 5 ? 5 
# 
_struct_conf_type.id          HELX_P 
_struct_conf_type.criteria    ? 
_struct_conf_type.reference   ? 
# 
loop_
_struct_mon_prot_cis.pdbx_id 
_struct_mon_prot_cis.label_comp_id 
_struct_mon_prot_cis.label_seq_id 
_struct_mon_prot_cis.label_asym_id 
_struct_mon_prot_cis.label_alt_id 
_struct_mon_prot_cis.pdbx_PDB_ins_code 
_struct_mon_prot_cis.auth_comp_id 
_struct_mon_prot_cis.auth_seq_id 
_struct_mon_prot_cis.auth_asym_id 
_struct_mon_prot_cis.pdbx_label_comp_id_2 
_struct_mon_prot_cis.pdbx_label_seq_id_2 
_struct_mon_prot_cis.pdbx_label_asym_id_2 
_struct_mon_prot_cis.pdbx_PDB_ins_code_2 
_struct_mon_prot_cis.pdbx_auth_comp_id_2 
_struct_mon_prot_cis.pdbx_auth_seq_id_2 
_struct_mon_prot_cis.pdbx_auth_asym_id_2 
_struct_mon_prot_cis.pdbx_PDB_model_num 
_struct_mon_prot_cis.pdbx_omega_angle 
1 SER 84 A . ? SER 2319 A PRO 85 A ? PRO 2320 A 1 -1.14 
2 SER 84 B . ? SER 2319 B PRO 85 B ? PRO 2320 B 1 3.08  
# 
loop_
_struct_sheet.id 
_struct_sheet.type 
_struct_sheet.number_strands 
_struct_sheet.details 
AA ? 4 ? 
AB ? 7 ? 
AC ? 4 ? 
BA ? 4 ? 
# 
loop_
_struct_sheet_order.sheet_id 
_struct_sheet_order.range_id_1 
_struct_sheet_order.range_id_2 
_struct_sheet_order.offset 
_struct_sheet_order.sense 
AA 1 2 ? anti-parallel 
AA 2 3 ? anti-parallel 
AA 3 4 ? anti-parallel 
AB 1 2 ? parallel      
AB 2 3 ? anti-parallel 
AB 3 4 ? anti-parallel 
AB 4 5 ? anti-parallel 
AB 5 6 ? anti-parallel 
AB 6 7 ? anti-parallel 
AC 1 2 ? parallel      
AC 2 3 ? anti-parallel 
AC 3 4 ? anti-parallel 
BA 1 2 ? anti-parallel 
BA 2 3 ? anti-parallel 
BA 3 4 ? anti-parallel 
# 
loop_
_struct_sheet_range.sheet_id 
_struct_sheet_range.id 
_struct_sheet_range.beg_label_comp_id 
_struct_sheet_range.beg_label_asym_id 
_struct_sheet_range.beg_label_seq_id 
_struct_sheet_range.pdbx_beg_PDB_ins_code 
_struct_sheet_range.end_label_comp_id 
_struct_sheet_range.end_label_asym_id 
_struct_sheet_range.end_label_seq_id 
_struct_sheet_range.pdbx_end_PDB_ins_code 
_struct_sheet_range.beg_auth_comp_id 
_struct_sheet_range.beg_auth_asym_id 
_struct_sheet_range.beg_auth_seq_id 
_struct_sheet_range.end_auth_comp_id 
_struct_sheet_range.end_auth_asym_id 
_struct_sheet_range.end_auth_seq_id 
AA 1 ARG A 7  ? GLY A 9  ? ARG A 2242 GLY A 2244 
AA 2 ALA A 22 ? TRP A 27 ? ALA A 2257 TRP A 2262 
AA 3 CYS A 58 ? VAL A 63 ? CYS A 2293 VAL A 2298 
AA 4 GLU A 47 ? ASP A 52 ? GLU A 2282 ASP A 2287 
AB 1 ALA A 16 ? GLU A 17 ? ALA A 2251 GLU A 2252 
AB 2 PHE A 86 ? ALA A 91 ? PHE A 2321 ALA A 2326 
AB 3 GLY A 68 ? PHE A 76 ? GLY A 2303 PHE A 2311 
AB 4 LEU A 36 ? GLY A 42 ? LEU A 2271 GLY A 2277 
AB 5 VAL C 5  ? THR C 12 ? VAL C 9    THR C 16   
AB 6 LEU B 36 ? GLY B 42 ? LEU B 2271 GLY B 2277 
AB 7 GLY B 68 ? PHE B 76 ? GLY B 2303 PHE B 2311 
AC 1 ALA A 16 ? GLU A 17 ? ALA A 2251 GLU A 2252 
AC 2 PHE A 86 ? ALA A 91 ? PHE A 2321 ALA A 2326 
AC 3 GLY A 68 ? PHE A 76 ? GLY A 2303 PHE A 2311 
AC 4 GLU A 79 ? HIS A 80 ? GLU A 2314 HIS A 2315 
BA 1 ARG B 7  ? GLY B 9  ? ARG B 2242 GLY B 2244 
BA 2 ALA B 22 ? TRP B 27 ? ALA B 2257 TRP B 2262 
BA 3 CYS B 58 ? VAL B 63 ? CYS B 2293 VAL B 2298 
BA 4 GLU B 47 ? ASP B 52 ? GLU B 2282 ASP B 2287 
# 
loop_
_pdbx_struct_sheet_hbond.sheet_id 
_pdbx_struct_sheet_hbond.range_id_1 
_pdbx_struct_sheet_hbond.range_id_2 
_pdbx_struct_sheet_hbond.range_1_label_atom_id 
_pdbx_struct_sheet_hbond.range_1_label_comp_id 
_pdbx_struct_sheet_hbond.range_1_label_asym_id 
_pdbx_struct_sheet_hbond.range_1_label_seq_id 
_pdbx_struct_sheet_hbond.range_1_PDB_ins_code 
_pdbx_struct_sheet_hbond.range_1_auth_atom_id 
_pdbx_struct_sheet_hbond.range_1_auth_comp_id 
_pdbx_struct_sheet_hbond.range_1_auth_asym_id 
_pdbx_struct_sheet_hbond.range_1_auth_seq_id 
_pdbx_struct_sheet_hbond.range_2_label_atom_id 
_pdbx_struct_sheet_hbond.range_2_label_comp_id 
_pdbx_struct_sheet_hbond.range_2_label_asym_id 
_pdbx_struct_sheet_hbond.range_2_label_seq_id 
_pdbx_struct_sheet_hbond.range_2_PDB_ins_code 
_pdbx_struct_sheet_hbond.range_2_auth_atom_id 
_pdbx_struct_sheet_hbond.range_2_auth_comp_id 
_pdbx_struct_sheet_hbond.range_2_auth_asym_id 
_pdbx_struct_sheet_hbond.range_2_auth_seq_id 
AA 1 2 N GLY A 9  ? N GLY A 2244 O SER A 25 ? O SER A 2260 
AA 2 3 N ILE A 26 ? N ILE A 2261 O CYS A 58 ? O CYS A 2293 
AA 3 4 N VAL A 63 ? N VAL A 2298 O GLU A 47 ? O GLU A 2282 
AB 1 2 N ALA A 16 ? N ALA A 2251 O PRO A 89 ? O PRO A 2324 
AB 2 3 N VAL A 90 ? N VAL A 2325 O GLY A 68 ? O GLY A 2303 
AB 3 4 N LYS A 75 ? N LYS A 2310 O ALA A 37 ? O ALA A 2272 
AB 4 5 N GLY A 42 ? N GLY A 2277 O VAL C 5  ? O VAL C 9    
AB 5 6 N THR C 12 ? N THR C 16   O LEU B 36 ? O LEU B 2271 
AB 6 7 N GLU B 41 ? N GLU B 2276 O GLU B 71 ? O GLU B 2306 
AC 1 2 N ALA A 16 ? N ALA A 2251 O PRO A 89 ? O PRO A 2324 
AC 2 3 N VAL A 90 ? N VAL A 2325 O GLY A 68 ? O GLY A 2303 
AC 3 4 N PHE A 76 ? N PHE A 2311 O GLU A 79 ? O GLU A 2314 
BA 1 2 N GLY B 9  ? N GLY B 2244 O SER B 25 ? O SER B 2260 
BA 2 3 N ILE B 26 ? N ILE B 2261 O CYS B 58 ? O CYS B 2293 
BA 3 4 N VAL B 63 ? N VAL B 2298 O GLU B 47 ? O GLU B 2282 
# 
loop_
_struct_site.id 
_struct_site.pdbx_evidence_code 
_struct_site.pdbx_auth_asym_id 
_struct_site.pdbx_auth_comp_id 
_struct_site.pdbx_auth_seq_id 
_struct_site.pdbx_auth_ins_code 
_struct_site.pdbx_num_residues 
_struct_site.details 
AC1 Software A SO4 3329 ? 2 'BINDING SITE FOR RESIDUE SO4 A 3329' 
AC2 Software B SO4 3330 ? 9 'BINDING SITE FOR RESIDUE SO4 B 3330' 
# 
loop_
_struct_site_gen.id 
_struct_site_gen.site_id 
_struct_site_gen.pdbx_num_res 
_struct_site_gen.label_comp_id 
_struct_site_gen.label_asym_id 
_struct_site_gen.label_seq_id 
_struct_site_gen.pdbx_auth_ins_code 
_struct_site_gen.auth_comp_id 
_struct_site_gen.auth_asym_id 
_struct_site_gen.auth_seq_id 
_struct_site_gen.label_atom_id 
_struct_site_gen.label_alt_id 
_struct_site_gen.symmetry 
_struct_site_gen.details 
1  AC1 2 ARG A 7  ? ARG A 2242 . ? 1_555 ? 
2  AC1 2 ARG B 7  ? ARG B 2242 . ? 1_555 ? 
3  AC2 9 LYS A 75 ? LYS A 2310 . ? 1_555 ? 
4  AC2 9 HIS A 80 ? HIS A 2315 . ? 1_555 ? 
5  AC2 9 HOH G .  ? HOH B 2033 . ? 1_555 ? 
6  AC2 9 HOH G .  ? HOH B 2034 . ? 1_555 ? 
7  AC2 9 PRO B 43 ? PRO B 2278 . ? 1_555 ? 
8  AC2 9 LYS B 45 ? LYS B 2280 . ? 1_555 ? 
9  AC2 9 GLU B 47 ? GLU B 2282 . ? 1_555 ? 
10 AC2 9 GLY B 68 ? GLY B 2303 . ? 1_555 ? 
11 AC2 9 ASP B 69 ? ASP B 2304 . ? 1_555 ? 
# 
_atom_sites.entry_id                    2W0P 
_atom_sites.fract_transf_matrix[1][1]   0.01572460 
_atom_sites.fract_transf_matrix[1][2]   0.01717718 
_atom_sites.fract_transf_matrix[1][3]   -0.01387534 
_atom_sites.fract_transf_matrix[2][1]   -0.00726072 
_atom_sites.fract_transf_matrix[2][2]   0.01129064 
_atom_sites.fract_transf_matrix[2][3]   0.00574901 
_atom_sites.fract_transf_matrix[3][1]   0.00757094 
_atom_sites.fract_transf_matrix[3][2]   0.00030662 
_atom_sites.fract_transf_matrix[3][3]   0.00895955 
_atom_sites.fract_transf_vector[1]      0.417127 
_atom_sites.fract_transf_vector[2]      0.322701 
_atom_sites.fract_transf_vector[3]      0.362529 
# 
loop_
_atom_type.symbol 
C 
N 
O 
S 
# 
loop_
_atom_site.group_PDB 
_atom_site.id 
_atom_site.type_symbol 
_atom_site.label_atom_id 
_atom_site.label_alt_id 
_atom_site.label_comp_id 
_atom_site.label_asym_id 
_atom_site.label_entity_id 
_atom_site.label_seq_id 
_atom_site.pdbx_PDB_ins_code 
_atom_site.Cartn_x 
_atom_site.Cartn_y 
_atom_site.Cartn_z 
_atom_site.occupancy 
_atom_site.B_iso_or_equiv 
_atom_site.pdbx_formal_charge 
_atom_site.auth_seq_id 
_atom_site.auth_comp_id 
_atom_site.auth_asym_id 
_atom_site.auth_atom_id 
_atom_site.pdbx_PDB_model_num 
ATOM   1    N N   . GLY A 1 1  ? 6.680   9.483   -13.638 1.00 33.16 ? 2236 GLY A N   1 
ATOM   2    C CA  . GLY A 1 1  ? 6.770   10.883  -13.075 1.00 31.96 ? 2236 GLY A CA  1 
ATOM   3    C C   . GLY A 1 1  ? 5.466   11.399  -12.446 1.00 31.99 ? 2236 GLY A C   1 
ATOM   4    O O   . GLY A 1 1  ? 4.499   10.635  -12.313 1.00 31.40 ? 2236 GLY A O   1 
ATOM   5    N N   . GLY A 1 2  ? 5.458   12.679  -12.028 1.00 31.50 ? 2237 GLY A N   1 
ATOM   6    C CA  . GLY A 1 2  ? 4.270   13.321  -11.442 1.00 30.06 ? 2237 GLY A CA  1 
ATOM   7    C C   . GLY A 1 2  ? 4.262   13.725  -9.964  1.00 29.10 ? 2237 GLY A C   1 
ATOM   8    O O   . GLY A 1 2  ? 3.526   14.641  -9.579  1.00 28.73 ? 2237 GLY A O   1 
ATOM   9    N N   . ALA A 1 3  ? 5.098   13.068  -9.148  1.00 26.89 ? 2238 ALA A N   1 
ATOM   10   C CA  . ALA A 1 3  ? 5.065   13.172  -7.676  1.00 26.09 ? 2238 ALA A CA  1 
ATOM   11   C C   . ALA A 1 3  ? 5.131   14.602  -7.188  1.00 25.73 ? 2238 ALA A C   1 
ATOM   12   O O   . ALA A 1 3  ? 4.439   14.947  -6.244  1.00 22.90 ? 2238 ALA A O   1 
ATOM   13   C CB  . ALA A 1 3  ? 6.213   12.331  -7.043  1.00 23.90 ? 2238 ALA A CB  1 
ATOM   14   N N   . HIS A 1 4  ? 5.933   15.454  -7.856  1.00 26.65 ? 2239 HIS A N   1 
ATOM   15   C CA  . HIS A 1 4  ? 6.125   16.855  -7.419  1.00 28.62 ? 2239 HIS A CA  1 
ATOM   16   C C   . HIS A 1 4  ? 4.836   17.688  -7.563  1.00 27.17 ? 2239 HIS A C   1 
ATOM   17   O O   . HIS A 1 4  ? 4.694   18.758  -6.952  1.00 26.42 ? 2239 HIS A O   1 
ATOM   18   C CB  . HIS A 1 4  ? 7.308   17.527  -8.176  1.00 30.30 ? 2239 HIS A CB  1 
ATOM   19   C CG  . HIS A 1 4  ? 6.969   17.964  -9.586  1.00 37.19 ? 2239 HIS A CG  1 
ATOM   20   N ND1 . HIS A 1 4  ? 6.705   17.068  -10.610 1.00 43.06 ? 2239 HIS A ND1 1 
ATOM   21   C CD2 . HIS A 1 4  ? 6.877   19.204  -10.140 1.00 41.10 ? 2239 HIS A CD2 1 
ATOM   22   C CE1 . HIS A 1 4  ? 6.466   17.741  -11.730 1.00 42.56 ? 2239 HIS A CE1 1 
ATOM   23   N NE2 . HIS A 1 4  ? 6.563   19.036  -11.471 1.00 40.75 ? 2239 HIS A NE2 1 
ATOM   24   N N   . LYS A 1 5  ? 3.919   17.170  -8.378  1.00 26.90 ? 2240 LYS A N   1 
ATOM   25   C CA  . LYS A 1 5  ? 2.629   17.833  -8.645  1.00 27.97 ? 2240 LYS A CA  1 
ATOM   26   C C   . LYS A 1 5  ? 1.519   17.414  -7.668  1.00 26.56 ? 2240 LYS A C   1 
ATOM   27   O O   . LYS A 1 5  ? 0.439   18.034  -7.644  1.00 26.83 ? 2240 LYS A O   1 
ATOM   28   C CB  . LYS A 1 5  ? 2.174   17.581  -10.079 1.00 29.25 ? 2240 LYS A CB  1 
ATOM   29   C CG  . LYS A 1 5  ? 3.022   18.261  -11.142 1.00 32.67 ? 2240 LYS A CG  1 
ATOM   30   C CD  . LYS A 1 5  ? 2.462   17.876  -12.496 1.00 37.86 ? 2240 LYS A CD  1 
ATOM   31   C CE  . LYS A 1 5  ? 3.519   17.815  -13.598 1.00 44.12 ? 2240 LYS A CE  1 
ATOM   32   N NZ  . LYS A 1 5  ? 2.908   17.214  -14.848 1.00 47.50 ? 2240 LYS A NZ  1 
ATOM   33   N N   . VAL A 1 6  ? 1.787   16.381  -6.863  1.00 24.33 ? 2241 VAL A N   1 
ATOM   34   C CA  . VAL A 1 6  ? 0.776   15.824  -5.965  1.00 23.11 ? 2241 VAL A CA  1 
ATOM   35   C C   . VAL A 1 6  ? 0.817   16.621  -4.664  1.00 23.15 ? 2241 VAL A C   1 
ATOM   36   O O   . VAL A 1 6  ? 1.858   17.151  -4.276  1.00 22.79 ? 2241 VAL A O   1 
ATOM   37   C CB  . VAL A 1 6  ? 1.035   14.294  -5.688  1.00 22.85 ? 2241 VAL A CB  1 
ATOM   38   C CG1 . VAL A 1 6  ? -0.045  13.683  -4.728  1.00 22.39 ? 2241 VAL A CG1 1 
ATOM   39   C CG2 . VAL A 1 6  ? 1.079   13.507  -6.988  1.00 23.30 ? 2241 VAL A CG2 1 
ATOM   40   N N   . ARG A 1 7  ? -0.321  16.741  -3.997  1.00 22.80 ? 2242 ARG A N   1 
ATOM   41   C CA  . ARG A 1 7  ? -0.344  17.383  -2.679  1.00 23.97 ? 2242 ARG A CA  1 
ATOM   42   C C   . ARG A 1 7  ? -1.159  16.522  -1.732  1.00 22.42 ? 2242 ARG A C   1 
ATOM   43   O O   . ARG A 1 7  ? -2.125  15.910  -2.131  1.00 20.62 ? 2242 ARG A O   1 
ATOM   44   C CB  . ARG A 1 7  ? -1.010  18.748  -2.742  1.00 24.11 ? 2242 ARG A CB  1 
ATOM   45   C CG  . ARG A 1 7  ? -0.366  19.755  -3.727  1.00 30.35 ? 2242 ARG A CG  1 
ATOM   46   C CD  . ARG A 1 7  ? 0.915   20.307  -3.115  1.00 37.40 ? 2242 ARG A CD  1 
ATOM   47   N NE  . ARG A 1 7  ? 1.611   21.256  -3.983  1.00 42.63 ? 2242 ARG A NE  1 
ATOM   48   C CZ  . ARG A 1 7  ? 2.426   20.933  -4.993  1.00 42.57 ? 2242 ARG A CZ  1 
ATOM   49   N NH1 . ARG A 1 7  ? 2.666   19.665  -5.318  1.00 41.47 ? 2242 ARG A NH1 1 
ATOM   50   N NH2 . ARG A 1 7  ? 3.000   21.905  -5.690  1.00 42.18 ? 2242 ARG A NH2 1 
ATOM   51   N N   . ALA A 1 8  ? -0.779  16.537  -0.461  1.00 22.73 ? 2243 ALA A N   1 
ATOM   52   C CA  . ALA A 1 8  ? -1.524  15.868  0.556   1.00 21.41 ? 2243 ALA A CA  1 
ATOM   53   C C   . ALA A 1 8  ? -1.641  16.796  1.759   1.00 21.80 ? 2243 ALA A C   1 
ATOM   54   O O   . ALA A 1 8  ? -0.765  17.636  1.983   1.00 22.12 ? 2243 ALA A O   1 
ATOM   55   C CB  . ALA A 1 8  ? -0.835  14.565  0.905   1.00 22.02 ? 2243 ALA A CB  1 
ATOM   56   N N   . GLY A 1 9  ? -2.728  16.685  2.520   1.00 20.68 ? 2244 GLY A N   1 
ATOM   57   C CA  . GLY A 1 9  ? -2.855  17.452  3.767   1.00 18.24 ? 2244 GLY A CA  1 
ATOM   58   C C   . GLY A 1 9  ? -4.067  16.959  4.533   1.00 19.79 ? 2244 GLY A C   1 
ATOM   59   O O   . GLY A 1 9  ? -4.936  16.288  3.965   1.00 16.95 ? 2244 GLY A O   1 
ATOM   60   N N   . GLY A 1 10 ? -4.156  17.338  5.811   1.00 18.53 ? 2245 GLY A N   1 
ATOM   61   C CA  . GLY A 1 10 ? -5.257  16.939  6.659   1.00 19.46 ? 2245 GLY A CA  1 
ATOM   62   C C   . GLY A 1 10 ? -4.756  16.569  8.055   1.00 19.08 ? 2245 GLY A C   1 
ATOM   63   O O   . GLY A 1 10 ? -3.537  16.369  8.239   1.00 21.68 ? 2245 GLY A O   1 
ATOM   64   N N   . PRO A 1 11 ? -5.676  16.446  9.012   1.00 20.14 ? 2246 PRO A N   1 
ATOM   65   C CA  . PRO A 1 11 ? -5.320  16.214  10.416  1.00 20.53 ? 2246 PRO A CA  1 
ATOM   66   C C   . PRO A 1 11 ? -4.406  14.979  10.627  1.00 19.27 ? 2246 PRO A C   1 
ATOM   67   O O   . PRO A 1 11 ? -3.462  15.048  11.440  1.00 20.34 ? 2246 PRO A O   1 
ATOM   68   C CB  . PRO A 1 11 ? -6.686  16.047  11.136  1.00 21.20 ? 2246 PRO A CB  1 
ATOM   69   C CG  . PRO A 1 11 ? -7.733  16.103  10.125  1.00 22.41 ? 2246 PRO A CG  1 
ATOM   70   C CD  . PRO A 1 11 ? -7.131  16.454  8.786   1.00 19.38 ? 2246 PRO A CD  1 
ATOM   71   N N   . GLY A 1 12 ? -4.633  13.914  9.863   1.00 17.77 ? 2247 GLY A N   1 
ATOM   72   C CA  . GLY A 1 12 ? -3.862  12.660  9.984   1.00 17.18 ? 2247 GLY A CA  1 
ATOM   73   C C   . GLY A 1 12 ? -2.392  12.730  9.561   1.00 16.73 ? 2247 GLY A C   1 
ATOM   74   O O   . GLY A 1 12 ? -1.632  11.786  9.782   1.00 16.89 ? 2247 GLY A O   1 
ATOM   75   N N   . LEU A 1 13 ? -2.006  13.817  8.894   1.00 15.90 ? 2248 LEU A N   1 
ATOM   76   C CA  . LEU A 1 13 ? -0.607  14.093  8.595   1.00 15.59 ? 2248 LEU A CA  1 
ATOM   77   C C   . LEU A 1 13 ? 0.063   15.040  9.615   1.00 17.89 ? 2248 LEU A C   1 
ATOM   78   O O   . LEU A 1 13 ? 1.241   15.406  9.433   1.00 19.43 ? 2248 LEU A O   1 
ATOM   79   C CB  . LEU A 1 13 ? -0.448  14.627  7.177   1.00 15.09 ? 2248 LEU A CB  1 
ATOM   80   C CG  . LEU A 1 13 ? -0.860  13.670  6.032   1.00 16.23 ? 2248 LEU A CG  1 
ATOM   81   C CD1 . LEU A 1 13 ? -0.574  14.381  4.734   1.00 17.97 ? 2248 LEU A CD1 1 
ATOM   82   C CD2 . LEU A 1 13 ? -0.107  12.359  6.099   1.00 14.04 ? 2248 LEU A CD2 1 
ATOM   83   N N   . GLU A 1 14 ? -0.659  15.394  10.671  1.00 17.89 ? 2249 GLU A N   1 
ATOM   84   C CA  . GLU A 1 14 ? -0.225  16.383  11.652  1.00 21.47 ? 2249 GLU A CA  1 
ATOM   85   C C   . GLU A 1 14 ? -0.170  15.744  13.066  1.00 21.99 ? 2249 GLU A C   1 
ATOM   86   O O   . GLU A 1 14 ? 0.869   15.749  13.709  1.00 23.01 ? 2249 GLU A O   1 
ATOM   87   C CB  . GLU A 1 14 ? -1.141  17.607  11.603  1.00 20.93 ? 2249 GLU A CB  1 
ATOM   88   C CG  . GLU A 1 14 ? -1.092  18.396  10.249  1.00 24.62 ? 2249 GLU A CG  1 
ATOM   89   C CD  . GLU A 1 14 ? -2.334  19.344  10.026  1.00 26.93 ? 2249 GLU A CD  1 
ATOM   90   O OE1 . GLU A 1 14 ? -3.092  19.573  10.991  1.00 29.44 ? 2249 GLU A OE1 1 
ATOM   91   O OE2 . GLU A 1 14 ? -2.565  19.831  8.867   1.00 31.45 ? 2249 GLU A OE2 1 
ATOM   92   N N   . ARG A 1 15 ? -1.265  15.154  13.527  1.00 22.06 ? 2250 ARG A N   1 
ATOM   93   C CA  . ARG A 1 15 ? -1.264  14.450  14.824  1.00 22.99 ? 2250 ARG A CA  1 
ATOM   94   C C   . ARG A 1 15 ? -2.441  13.459  14.876  1.00 22.32 ? 2250 ARG A C   1 
ATOM   95   O O   . ARG A 1 15 ? -3.423  13.623  14.173  1.00 21.77 ? 2250 ARG A O   1 
ATOM   96   C CB  . ARG A 1 15 ? -1.394  15.476  15.941  1.00 24.24 ? 2250 ARG A CB  1 
ATOM   97   C CG  . ARG A 1 15 ? -2.688  16.242  15.821  1.00 29.03 ? 2250 ARG A CG  1 
ATOM   98   C CD  . ARG A 1 15 ? -2.461  17.723  16.085  1.00 40.17 ? 2250 ARG A CD  1 
ATOM   99   N NE  . ARG A 1 15 ? -1.989  17.937  17.456  1.00 46.65 ? 2250 ARG A NE  1 
ATOM   100  C CZ  . ARG A 1 15 ? -1.394  19.048  17.876  1.00 50.44 ? 2250 ARG A CZ  1 
ATOM   101  N NH1 . ARG A 1 15 ? -1.188  20.052  17.028  1.00 54.16 ? 2250 ARG A NH1 1 
ATOM   102  N NH2 . ARG A 1 15 ? -1.012  19.158  19.143  1.00 52.79 ? 2250 ARG A NH2 1 
ATOM   103  N N   . ALA A 1 16 ? -2.361  12.447  15.724  1.00 21.64 ? 2251 ALA A N   1 
ATOM   104  C CA  . ALA A 1 16 ? -3.433  11.453  15.769  1.00 21.16 ? 2251 ALA A CA  1 
ATOM   105  C C   . ALA A 1 16 ? -3.555  10.948  17.176  1.00 21.35 ? 2251 ALA A C   1 
ATOM   106  O O   . ALA A 1 16 ? -2.751  11.333  18.020  1.00 22.36 ? 2251 ALA A O   1 
ATOM   107  C CB  . ALA A 1 16 ? -3.164  10.317  14.821  1.00 19.15 ? 2251 ALA A CB  1 
ATOM   108  N N   . GLU A 1 17 ? -4.553  10.085  17.403  1.00 22.63 ? 2252 GLU A N   1 
ATOM   109  C CA  . GLU A 1 17 ? -4.776  9.419   18.690  1.00 23.79 ? 2252 GLU A CA  1 
ATOM   110  C C   . GLU A 1 17 ? -4.980  7.911   18.492  1.00 23.39 ? 2252 GLU A C   1 
ATOM   111  O O   . GLU A 1 17 ? -5.572  7.462   17.508  1.00 22.42 ? 2252 GLU A O   1 
ATOM   112  C CB  . GLU A 1 17 ? -5.965  10.080  19.388  1.00 25.09 ? 2252 GLU A CB  1 
ATOM   113  C CG  . GLU A 1 17 ? -6.274  9.596   20.751  1.00 29.36 ? 2252 GLU A CG  1 
ATOM   114  C CD  . GLU A 1 17 ? -7.643  10.089  21.221  1.00 40.47 ? 2252 GLU A CD  1 
ATOM   115  O OE1 . GLU A 1 17 ? -7.887  11.331  21.188  1.00 42.41 ? 2252 GLU A OE1 1 
ATOM   116  O OE2 . GLU A 1 17 ? -8.465  9.224   21.619  1.00 44.69 ? 2252 GLU A OE2 1 
ATOM   117  N N   . ALA A 1 18 ? -4.408  7.118   19.388  1.00 22.72 ? 2253 ALA A N   1 
ATOM   118  C CA  . ALA A 1 18 ? -4.512  5.674   19.297  1.00 23.80 ? 2253 ALA A CA  1 
ATOM   119  C C   . ALA A 1 18 ? -5.973  5.222   19.202  1.00 24.54 ? 2253 ALA A C   1 
ATOM   120  O O   . ALA A 1 18 ? -6.789  5.639   20.016  1.00 25.83 ? 2253 ALA A O   1 
ATOM   121  C CB  . ALA A 1 18 ? -3.760  5.006   20.511  1.00 23.23 ? 2253 ALA A CB  1 
ATOM   122  N N   . GLY A 1 19 ? -6.302  4.399   18.213  1.00 23.68 ? 2254 GLY A N   1 
ATOM   123  C CA  . GLY A 1 19 ? -7.659  3.865   18.081  1.00 25.03 ? 2254 GLY A CA  1 
ATOM   124  C C   . GLY A 1 19 ? -8.663  4.765   17.418  1.00 25.19 ? 2254 GLY A C   1 
ATOM   125  O O   . GLY A 1 19 ? -9.815  4.355   17.204  1.00 26.70 ? 2254 GLY A O   1 
ATOM   126  N N   . VAL A 1 20 ? -8.266  5.995   17.102  1.00 24.01 ? 2255 VAL A N   1 
ATOM   127  C CA  . VAL A 1 20 ? -9.128  6.900   16.343  1.00 24.74 ? 2255 VAL A CA  1 
ATOM   128  C C   . VAL A 1 20 ? -8.638  7.062   14.871  1.00 24.66 ? 2255 VAL A C   1 
ATOM   129  O O   . VAL A 1 20 ? -7.470  7.403   14.643  1.00 24.78 ? 2255 VAL A O   1 
ATOM   130  C CB  . VAL A 1 20 ? -9.224  8.288   17.034  1.00 24.76 ? 2255 VAL A CB  1 
ATOM   131  C CG1 . VAL A 1 20 ? -10.144 9.218   16.276  1.00 25.95 ? 2255 VAL A CG1 1 
ATOM   132  C CG2 . VAL A 1 20 ? -9.616  8.165   18.544  1.00 26.16 ? 2255 VAL A CG2 1 
ATOM   133  N N   . PRO A 1 21 ? -9.535  6.828   13.879  1.00 23.87 ? 2256 PRO A N   1 
ATOM   134  C CA  . PRO A 1 21 ? -9.178  7.082   12.474  1.00 23.32 ? 2256 PRO A CA  1 
ATOM   135  C C   . PRO A 1 21 ? -8.512  8.424   12.237  1.00 21.42 ? 2256 PRO A C   1 
ATOM   136  O O   . PRO A 1 21 ? -9.066  9.441   12.564  1.00 21.96 ? 2256 PRO A O   1 
ATOM   137  C CB  . PRO A 1 21 ? -10.512 6.979   11.730  1.00 23.33 ? 2256 PRO A CB  1 
ATOM   138  C CG  . PRO A 1 21 ? -11.321 6.033   12.579  1.00 24.58 ? 2256 PRO A CG  1 
ATOM   139  C CD  . PRO A 1 21 ? -10.917 6.302   14.014  1.00 24.03 ? 2256 PRO A CD  1 
ATOM   140  N N   . ALA A 1 22 ? -7.296  8.393   11.688  1.00 20.83 ? 2257 ALA A N   1 
ATOM   141  C CA  . ALA A 1 22 ? -6.501  9.576   11.356  1.00 20.65 ? 2257 ALA A CA  1 
ATOM   142  C C   . ALA A 1 22 ? -6.658  9.831   9.853   1.00 20.12 ? 2257 ALA A C   1 
ATOM   143  O O   . ALA A 1 22 ? -6.243  9.007   9.047   1.00 22.09 ? 2257 ALA A O   1 
ATOM   144  C CB  . ALA A 1 22 ? -4.999  9.337   11.699  1.00 18.85 ? 2257 ALA A CB  1 
ATOM   145  N N   . GLU A 1 23 ? -7.229  10.979  9.492   1.00 19.48 ? 2258 GLU A N   1 
ATOM   146  C CA  . GLU A 1 23 ? -7.688  11.195  8.122   1.00 18.69 ? 2258 GLU A CA  1 
ATOM   147  C C   . GLU A 1 23 ? -6.944  12.319  7.397   1.00 17.22 ? 2258 GLU A C   1 
ATOM   148  O O   . GLU A 1 23 ? -6.650  13.367  7.979   1.00 17.51 ? 2258 GLU A O   1 
ATOM   149  C CB  . GLU A 1 23 ? -9.215  11.421  8.138   1.00 19.10 ? 2258 GLU A CB  1 
ATOM   150  C CG  . GLU A 1 23 ? -9.901  10.266  8.876   1.00 24.40 ? 2258 GLU A CG  1 
ATOM   151  C CD  . GLU A 1 23 ? -11.373 10.195  8.603   1.00 30.81 ? 2258 GLU A CD  1 
ATOM   152  O OE1 . GLU A 1 23 ? -11.734 10.036  7.431   1.00 36.06 ? 2258 GLU A OE1 1 
ATOM   153  O OE2 . GLU A 1 23 ? -12.158 10.317  9.560   1.00 34.64 ? 2258 GLU A OE2 1 
ATOM   154  N N   . PHE A 1 24 ? -6.627  12.075  6.123   1.00 17.17 ? 2259 PHE A N   1 
ATOM   155  C CA  . PHE A 1 24 ? -6.074  13.121  5.263   1.00 16.17 ? 2259 PHE A CA  1 
ATOM   156  C C   . PHE A 1 24 ? -6.505  12.929  3.809   1.00 15.67 ? 2259 PHE A C   1 
ATOM   157  O O   . PHE A 1 24 ? -7.037  11.885  3.458   1.00 16.30 ? 2259 PHE A O   1 
ATOM   158  C CB  . PHE A 1 24 ? -4.553  13.222  5.398   1.00 15.03 ? 2259 PHE A CB  1 
ATOM   159  C CG  . PHE A 1 24 ? -3.808  11.982  4.970   1.00 15.70 ? 2259 PHE A CG  1 
ATOM   160  C CD1 . PHE A 1 24 ? -3.274  11.886  3.666   1.00 13.54 ? 2259 PHE A CD1 1 
ATOM   161  C CD2 . PHE A 1 24 ? -3.560  10.936  5.896   1.00 15.84 ? 2259 PHE A CD2 1 
ATOM   162  C CE1 . PHE A 1 24 ? -2.565  10.745  3.237   1.00 14.23 ? 2259 PHE A CE1 1 
ATOM   163  C CE2 . PHE A 1 24 ? -2.862  9.795   5.508   1.00 15.24 ? 2259 PHE A CE2 1 
ATOM   164  C CZ  . PHE A 1 24 ? -2.349  9.673   4.168   1.00 14.62 ? 2259 PHE A CZ  1 
ATOM   165  N N   . SER A 1 25 ? -6.200  13.933  2.988   1.00 14.64 ? 2260 SER A N   1 
ATOM   166  C CA  . SER A 1 25 ? -6.546  13.925  1.574   1.00 17.77 ? 2260 SER A CA  1 
ATOM   167  C C   . SER A 1 25 ? -5.304  13.993  0.717   1.00 15.69 ? 2260 SER A C   1 
ATOM   168  O O   . SER A 1 25 ? -4.340  14.608  1.118   1.00 15.50 ? 2260 SER A O   1 
ATOM   169  C CB  . SER A 1 25 ? -7.386  15.181  1.197   1.00 17.83 ? 2260 SER A CB  1 
ATOM   170  O OG  . SER A 1 25 ? -8.687  14.951  1.596   1.00 26.85 ? 2260 SER A OG  1 
ATOM   171  N N   . ILE A 1 26 ? -5.401  13.399  -0.469  1.00 15.77 ? 2261 ILE A N   1 
ATOM   172  C CA  . ILE A 1 26 ? -4.398  13.496  -1.515  1.00 18.01 ? 2261 ILE A CA  1 
ATOM   173  C C   . ILE A 1 26 ? -5.053  14.012  -2.793  1.00 19.87 ? 2261 ILE A C   1 
ATOM   174  O O   . ILE A 1 26 ? -6.125  13.507  -3.235  1.00 21.63 ? 2261 ILE A O   1 
ATOM   175  C CB  . ILE A 1 26 ? -3.709  12.088  -1.814  1.00 17.79 ? 2261 ILE A CB  1 
ATOM   176  C CG1 . ILE A 1 26 ? -3.152  11.480  -0.509  1.00 16.20 ? 2261 ILE A CG1 1 
ATOM   177  C CG2 . ILE A 1 26 ? -2.588  12.233  -2.830  1.00 17.92 ? 2261 ILE A CG2 1 
ATOM   178  C CD1 . ILE A 1 26 ? -2.921  9.964   -0.532  1.00 16.99 ? 2261 ILE A CD1 1 
ATOM   179  N N   . TRP A 1 27 ? -4.391  14.965  -3.413  1.00 22.46 ? 2262 TRP A N   1 
ATOM   180  C CA  . TRP A 1 27 ? -4.826  15.468  -4.707  1.00 25.90 ? 2262 TRP A CA  1 
ATOM   181  C C   . TRP A 1 27 ? -3.760  15.145  -5.793  1.00 25.14 ? 2262 TRP A C   1 
ATOM   182  O O   . TRP A 1 27 ? -2.664  15.706  -5.786  1.00 24.02 ? 2262 TRP A O   1 
ATOM   183  C CB  . TRP A 1 27 ? -5.139  16.968  -4.596  1.00 27.78 ? 2262 TRP A CB  1 
ATOM   184  C CG  A TRP A 1 27 ? -5.407  17.638  -5.913  0.70 32.98 ? 2262 TRP A CG  1 
ATOM   185  C CG  B TRP A 1 27 ? -5.009  17.603  -3.193  0.30 27.80 ? 2262 TRP A CG  1 
ATOM   186  C CD1 A TRP A 1 27 ? -6.608  17.744  -6.566  0.70 36.58 ? 2262 TRP A CD1 1 
ATOM   187  C CD1 B TRP A 1 27 ? -5.188  16.990  -1.968  0.30 27.84 ? 2262 TRP A CD1 1 
ATOM   188  C CD2 A TRP A 1 27 ? -4.445  18.312  -6.723  0.70 35.71 ? 2262 TRP A CD2 1 
ATOM   189  C CD2 B TRP A 1 27 ? -4.702  18.976  -2.898  0.30 28.27 ? 2262 TRP A CD2 1 
ATOM   190  N NE1 A TRP A 1 27 ? -6.446  18.469  -7.733  0.70 37.63 ? 2262 TRP A NE1 1 
ATOM   191  N NE1 B TRP A 1 27 ? -4.987  17.884  -0.947  0.30 26.51 ? 2262 TRP A NE1 1 
ATOM   192  C CE2 A TRP A 1 27 ? -5.118  18.811  -7.850  0.70 38.16 ? 2262 TRP A CE2 1 
ATOM   193  C CE2 B TRP A 1 27 ? -4.695  19.111  -1.486  0.30 28.48 ? 2262 TRP A CE2 1 
ATOM   194  C CE3 A TRP A 1 27 ? -3.065  18.553  -6.596  0.70 37.19 ? 2262 TRP A CE3 1 
ATOM   195  C CE3 B TRP A 1 27 ? -4.436  20.107  -3.686  0.30 27.73 ? 2262 TRP A CE3 1 
ATOM   196  C CZ2 A TRP A 1 27 ? -4.456  19.521  -8.845  0.70 37.35 ? 2262 TRP A CZ2 1 
ATOM   197  C CZ2 B TRP A 1 27 ? -4.425  20.329  -0.853  0.30 28.18 ? 2262 TRP A CZ2 1 
ATOM   198  C CZ3 A TRP A 1 27 ? -2.421  19.247  -7.574  0.70 35.73 ? 2262 TRP A CZ3 1 
ATOM   199  C CZ3 B TRP A 1 27 ? -4.172  21.315  -3.051  0.30 27.61 ? 2262 TRP A CZ3 1 
ATOM   200  C CH2 A TRP A 1 27 ? -3.110  19.729  -8.680  0.70 35.66 ? 2262 TRP A CH2 1 
ATOM   201  C CH2 B TRP A 1 27 ? -4.169  21.415  -1.653  0.30 27.88 ? 2262 TRP A CH2 1 
ATOM   202  N N   . THR A 1 28 ? -4.076  14.231  -6.696  1.00 26.48 ? 2263 THR A N   1 
ATOM   203  C CA  . THR A 1 28 ? -3.115  13.878  -7.766  1.00 30.73 ? 2263 THR A CA  1 
ATOM   204  C C   . THR A 1 28 ? -3.601  14.291  -9.140  1.00 33.01 ? 2263 THR A C   1 
ATOM   205  O O   . THR A 1 28 ? -3.052  13.832  -10.159 1.00 33.18 ? 2263 THR A O   1 
ATOM   206  C CB  . THR A 1 28 ? -2.896  12.358  -7.911  1.00 31.12 ? 2263 THR A CB  1 
ATOM   207  O OG1 . THR A 1 28 ? -4.077  11.785  -8.480  1.00 34.32 ? 2263 THR A OG1 1 
ATOM   208  C CG2 . THR A 1 28 ? -2.543  11.661  -6.574  1.00 31.04 ? 2263 THR A CG2 1 
ATOM   209  N N   . ARG A 1 29 ? -4.629  15.145  -9.173  1.00 35.30 ? 2264 ARG A N   1 
ATOM   210  C CA  . ARG A 1 29 ? -5.279  15.519  -10.430 1.00 37.31 ? 2264 ARG A CA  1 
ATOM   211  C C   . ARG A 1 29 ? -4.274  16.065  -11.476 1.00 38.08 ? 2264 ARG A C   1 
ATOM   212  O O   . ARG A 1 29 ? -4.280  15.629  -12.626 1.00 39.20 ? 2264 ARG A O   1 
ATOM   213  C CB  . ARG A 1 29 ? -6.487  16.449  -10.177 1.00 37.13 ? 2264 ARG A CB  1 
ATOM   214  C CG  . ARG A 1 29 ? -7.373  16.597  -11.386 1.00 38.90 ? 2264 ARG A CG  1 
ATOM   215  C CD  . ARG A 1 29 ? -8.857  16.889  -11.045 1.00 41.53 ? 2264 ARG A CD  1 
ATOM   216  N NE  . ARG A 1 29 ? -9.656  16.911  -12.279 1.00 41.12 ? 2264 ARG A NE  1 
ATOM   217  C CZ  . ARG A 1 29 ? -10.170 15.820  -12.839 1.00 42.91 ? 2264 ARG A CZ  1 
ATOM   218  N NH1 . ARG A 1 29 ? -10.006 14.621  -12.257 1.00 45.94 ? 2264 ARG A NH1 1 
ATOM   219  N NH2 . ARG A 1 29 ? -10.863 15.910  -13.967 1.00 43.89 ? 2264 ARG A NH2 1 
ATOM   220  N N   . GLU A 1 30 ? -3.393  16.964  -11.071 1.00 39.27 ? 2265 GLU A N   1 
ATOM   221  C CA  . GLU A 1 30 ? -2.344  17.470  -11.962 1.00 41.16 ? 2265 GLU A CA  1 
ATOM   222  C C   . GLU A 1 30 ? -1.157  16.535  -12.315 1.00 41.30 ? 2265 GLU A C   1 
ATOM   223  O O   . GLU A 1 30 ? -0.280  16.943  -13.072 1.00 41.95 ? 2265 GLU A O   1 
ATOM   224  C CB  . GLU A 1 30 ? -1.799  18.786  -11.424 1.00 41.69 ? 2265 GLU A CB  1 
ATOM   225  C CG  . GLU A 1 30 ? -2.801  19.970  -11.401 1.00 47.25 ? 2265 GLU A CG  1 
ATOM   226  C CD  . GLU A 1 30 ? -3.473  20.288  -12.750 1.00 52.59 ? 2265 GLU A CD  1 
ATOM   227  O OE1 . GLU A 1 30 ? -3.762  19.349  -13.546 1.00 53.96 ? 2265 GLU A OE1 1 
ATOM   228  O OE2 . GLU A 1 30 ? -3.749  21.495  -12.992 1.00 55.05 ? 2265 GLU A OE2 1 
ATOM   229  N N   . ALA A 1 31 ? -1.125  15.298  -11.808 1.00 41.13 ? 2266 ALA A N   1 
ATOM   230  C CA  . ALA A 1 31 ? 0.088   14.442  -11.907 1.00 41.01 ? 2266 ALA A CA  1 
ATOM   231  C C   . ALA A 1 31 ? 0.091   13.429  -13.056 1.00 41.34 ? 2266 ALA A C   1 
ATOM   232  O O   . ALA A 1 31 ? 1.121   12.801  -13.349 1.00 40.68 ? 2266 ALA A O   1 
ATOM   233  C CB  . ALA A 1 31 ? 0.360   13.718  -10.587 1.00 40.61 ? 2266 ALA A CB  1 
ATOM   234  N N   . GLY A 1 32 ? -1.059  13.247  -13.692 1.00 41.17 ? 2267 GLY A N   1 
ATOM   235  C CA  . GLY A 1 32 ? -1.112  12.404  -14.866 1.00 41.44 ? 2267 GLY A CA  1 
ATOM   236  C C   . GLY A 1 32 ? -1.242  10.961  -14.453 1.00 41.63 ? 2267 GLY A C   1 
ATOM   237  O O   . GLY A 1 32 ? -1.713  10.672  -13.346 1.00 41.35 ? 2267 GLY A O   1 
ATOM   238  N N   . ALA A 1 33 ? -0.826  10.060  -15.346 1.00 41.01 ? 2268 ALA A N   1 
ATOM   239  C CA  . ALA A 1 33 ? -0.983  8.622   -15.134 1.00 40.32 ? 2268 ALA A CA  1 
ATOM   240  C C   . ALA A 1 33 ? -0.116  8.144   -13.965 1.00 39.15 ? 2268 ALA A C   1 
ATOM   241  O O   . ALA A 1 33 ? 1.028   8.593   -13.824 1.00 38.81 ? 2268 ALA A O   1 
ATOM   242  C CB  . ALA A 1 33 ? -0.625  7.847   -16.432 1.00 40.66 ? 2268 ALA A CB  1 
ATOM   243  N N   . GLY A 1 34 ? -0.666  7.277   -13.112 1.00 38.14 ? 2269 GLY A N   1 
ATOM   244  C CA  . GLY A 1 34 ? 0.180   6.621   -12.114 1.00 35.64 ? 2269 GLY A CA  1 
ATOM   245  C C   . GLY A 1 34 ? -0.432  5.875   -10.947 1.00 34.02 ? 2269 GLY A C   1 
ATOM   246  O O   . GLY A 1 34 ? -1.631  5.841   -10.777 1.00 34.28 ? 2269 GLY A O   1 
ATOM   247  N N   . GLY A 1 35 ? 0.444   5.261   -10.151 1.00 31.62 ? 2270 GLY A N   1 
ATOM   248  C CA  . GLY A 1 35 ? 0.086   4.521   -8.951  1.00 28.81 ? 2270 GLY A CA  1 
ATOM   249  C C   . GLY A 1 35 ? 0.436   5.326   -7.707  1.00 25.38 ? 2270 GLY A C   1 
ATOM   250  O O   . GLY A 1 35 ? 1.501   5.923   -7.621  1.00 24.80 ? 2270 GLY A O   1 
ATOM   251  N N   . LEU A 1 36 ? -0.476  5.337   -6.759  1.00 22.50 ? 2271 LEU A N   1 
ATOM   252  C CA  . LEU A 1 36 ? -0.235  5.948   -5.484  1.00 21.08 ? 2271 LEU A CA  1 
ATOM   253  C C   . LEU A 1 36 ? 0.123   4.849   -4.499  1.00 20.71 ? 2271 LEU A C   1 
ATOM   254  O O   . LEU A 1 36 ? -0.490  3.763   -4.489  1.00 19.36 ? 2271 LEU A O   1 
ATOM   255  C CB  . LEU A 1 36 ? -1.514  6.624   -5.029  1.00 22.41 ? 2271 LEU A CB  1 
ATOM   256  C CG  . LEU A 1 36 ? -1.503  7.633   -3.893  1.00 25.41 ? 2271 LEU A CG  1 
ATOM   257  C CD1 . LEU A 1 36 ? -0.681  8.910   -4.219  1.00 25.42 ? 2271 LEU A CD1 1 
ATOM   258  C CD2 . LEU A 1 36 ? -2.991  7.966   -3.677  1.00 28.62 ? 2271 LEU A CD2 1 
ATOM   259  N N   . ALA A 1 37 ? 1.082   5.133   -3.630  1.00 19.14 ? 2272 ALA A N   1 
ATOM   260  C CA  . ALA A 1 37 ? 1.437   4.182   -2.574  1.00 18.89 ? 2272 ALA A CA  1 
ATOM   261  C C   . ALA A 1 37 ? 1.480   4.954   -1.234  1.00 17.58 ? 2272 ALA A C   1 
ATOM   262  O O   . ALA A 1 37 ? 2.044   6.016   -1.157  1.00 20.23 ? 2272 ALA A O   1 
ATOM   263  C CB  . ALA A 1 37 ? 2.824   3.494   -2.894  1.00 17.96 ? 2272 ALA A CB  1 
ATOM   264  N N   . ILE A 1 38 ? 0.869   4.395   -0.212  1.00 16.30 ? 2273 ILE A N   1 
ATOM   265  C CA  . ILE A 1 38 ? 0.729   4.960   1.113   1.00 15.88 ? 2273 ILE A CA  1 
ATOM   266  C C   . ILE A 1 38 ? 1.292   3.905   2.077   1.00 14.21 ? 2273 ILE A C   1 
ATOM   267  O O   . ILE A 1 38 ? 1.039   2.685   1.936   1.00 14.81 ? 2273 ILE A O   1 
ATOM   268  C CB  . ILE A 1 38 ? -0.761  5.282   1.405   1.00 16.06 ? 2273 ILE A CB  1 
ATOM   269  C CG1 . ILE A 1 38 ? -1.276  6.353   0.408   1.00 20.28 ? 2273 ILE A CG1 1 
ATOM   270  C CG2 . ILE A 1 38 ? -1.002  5.734   2.877   1.00 17.91 ? 2273 ILE A CG2 1 
ATOM   271  C CD1 . ILE A 1 38 ? -2.711  6.135   0.016   1.00 23.67 ? 2273 ILE A CD1 1 
ATOM   272  N N   . ALA A 1 39 ? 2.099   4.355   3.029   1.00 13.68 ? 2274 ALA A N   1 
ATOM   273  C CA  . ALA A 1 39 ? 2.633   3.404   4.019   1.00 12.43 ? 2274 ALA A CA  1 
ATOM   274  C C   . ALA A 1 39 ? 2.565   4.065   5.388   1.00 13.24 ? 2274 ALA A C   1 
ATOM   275  O O   . ALA A 1 39 ? 2.656   5.298   5.498   1.00 11.45 ? 2274 ALA A O   1 
ATOM   276  C CB  . ALA A 1 39 ? 4.098   3.001   3.655   1.00 13.12 ? 2274 ALA A CB  1 
ATOM   277  N N   . VAL A 1 40 ? 2.405   3.250   6.432   1.00 12.46 ? 2275 VAL A N   1 
ATOM   278  C CA  . VAL A 1 40 ? 2.424   3.806   7.790   1.00 12.15 ? 2275 VAL A CA  1 
ATOM   279  C C   . VAL A 1 40 ? 3.367   2.885   8.573   1.00 12.70 ? 2275 VAL A C   1 
ATOM   280  O O   . VAL A 1 40 ? 3.190   1.675   8.498   1.00 13.31 ? 2275 VAL A O   1 
ATOM   281  C CB  . VAL A 1 40 ? 1.042   3.857   8.444   1.00 11.48 ? 2275 VAL A CB  1 
ATOM   282  C CG1 . VAL A 1 40 ? 1.164   4.316   9.949   1.00 14.99 ? 2275 VAL A CG1 1 
ATOM   283  C CG2 . VAL A 1 40 ? 0.063   4.847   7.681   1.00 12.53 ? 2275 VAL A CG2 1 
ATOM   284  N N   . GLU A 1 41 ? 4.338   3.482   9.279   1.00 13.65 ? 2276 GLU A N   1 
ATOM   285  C CA  . GLU A 1 41 ? 5.321   2.658   9.991   1.00 14.19 ? 2276 GLU A CA  1 
ATOM   286  C C   . GLU A 1 41 ? 5.452   3.204   11.410  1.00 14.25 ? 2276 GLU A C   1 
ATOM   287  O O   . GLU A 1 41 ? 5.510   4.398   11.585  1.00 12.93 ? 2276 GLU A O   1 
ATOM   288  C CB  . GLU A 1 41 ? 6.660   2.732   9.204   1.00 14.66 ? 2276 GLU A CB  1 
ATOM   289  C CG  . GLU A 1 41 ? 7.726   1.875   9.823   1.00 18.76 ? 2276 GLU A CG  1 
ATOM   290  C CD  . GLU A 1 41 ? 8.788   1.446   8.849   1.00 20.98 ? 2276 GLU A CD  1 
ATOM   291  O OE1 . GLU A 1 41 ? 8.976   2.166   7.826   1.00 20.94 ? 2276 GLU A OE1 1 
ATOM   292  O OE2 . GLU A 1 41 ? 9.479   0.438   9.162   1.00 25.95 ? 2276 GLU A OE2 1 
ATOM   293  N N   . GLY A 1 42 ? 5.476   2.321   12.428  1.00 14.46 ? 2277 GLY A N   1 
ATOM   294  C CA  . GLY A 1 42 ? 5.740   2.786   13.788  1.00 14.76 ? 2277 GLY A CA  1 
ATOM   295  C C   . GLY A 1 42 ? 5.519   1.589   14.716  1.00 16.86 ? 2277 GLY A C   1 
ATOM   296  O O   . GLY A 1 42 ? 5.652   0.446   14.274  1.00 17.23 ? 2277 GLY A O   1 
ATOM   297  N N   . PRO A 1 43 ? 5.250   1.844   16.000  1.00 17.70 ? 2278 PRO A N   1 
ATOM   298  C CA  . PRO A 1 43 ? 5.183   0.773   17.044  1.00 19.92 ? 2278 PRO A CA  1 
ATOM   299  C C   . PRO A 1 43 ? 3.983   -0.170  17.011  1.00 22.02 ? 2278 PRO A C   1 
ATOM   300  O O   . PRO A 1 43 ? 3.947   -1.111  17.811  1.00 24.58 ? 2278 PRO A O   1 
ATOM   301  C CB  . PRO A 1 43 ? 5.273   1.554   18.394  1.00 20.80 ? 2278 PRO A CB  1 
ATOM   302  C CG  . PRO A 1 43 ? 4.866   2.970   18.072  1.00 17.88 ? 2278 PRO A CG  1 
ATOM   303  C CD  . PRO A 1 43 ? 5.224   3.208   16.590  1.00 18.13 ? 2278 PRO A CD  1 
ATOM   304  N N   . SER A 1 44 ? 3.028   -0.005  16.092  1.00 19.77 ? 2279 SER A N   1 
ATOM   305  C CA  . SER A 1 44 ? 1.956   -1.026  15.961  1.00 20.28 ? 2279 SER A CA  1 
ATOM   306  C C   . SER A 1 44 ? 1.444   -1.105  14.539  1.00 20.70 ? 2279 SER A C   1 
ATOM   307  O O   . SER A 1 44 ? 1.765   -0.196  13.776  1.00 17.96 ? 2279 SER A O   1 
ATOM   308  C CB  . SER A 1 44 ? 0.809   -0.747  16.953  1.00 20.90 ? 2279 SER A CB  1 
ATOM   309  O OG  . SER A 1 44 ? 0.136   0.463   16.637  1.00 19.62 ? 2279 SER A OG  1 
ATOM   310  N N   . LYS A 1 45 ? 0.693   -2.184  14.185  1.00 20.99 ? 2280 LYS A N   1 
ATOM   311  C CA  . LYS A 1 45 ? 0.176   -2.410  12.794  1.00 23.27 ? 2280 LYS A CA  1 
ATOM   312  C C   . LYS A 1 45 ? -0.875  -1.328  12.457  1.00 22.60 ? 2280 LYS A C   1 
ATOM   313  O O   . LYS A 1 45 ? -1.768  -1.078  13.261  1.00 23.48 ? 2280 LYS A O   1 
ATOM   314  C CB  . LYS A 1 45 ? -0.500  -3.806  12.691  1.00 23.88 ? 2280 LYS A CB  1 
ATOM   315  C CG  . LYS A 1 45 ? -0.998  -4.279  11.273  1.00 24.47 ? 2280 LYS A CG  1 
ATOM   316  C CD  . LYS A 1 45 ? -1.439  -5.776  11.275  1.00 26.12 ? 2280 LYS A CD  1 
ATOM   317  C CE  . LYS A 1 45 ? -1.385  -6.383  9.839   1.00 28.07 ? 2280 LYS A CE  1 
ATOM   318  N NZ  . LYS A 1 45 ? -1.414  -7.934  9.575   1.00 30.28 ? 2280 LYS A NZ  1 
ATOM   319  N N   . ALA A 1 46 ? -0.764  -0.686  11.290  1.00 21.47 ? 2281 ALA A N   1 
ATOM   320  C CA  . ALA A 1 46 ? -1.790  0.257   10.825  1.00 20.62 ? 2281 ALA A CA  1 
ATOM   321  C C   . ALA A 1 46 ? -2.829  -0.481  9.985   1.00 20.15 ? 2281 ALA A C   1 
ATOM   322  O O   . ALA A 1 46 ? -2.458  -1.328  9.179   1.00 21.00 ? 2281 ALA A O   1 
ATOM   323  C CB  . ALA A 1 46 ? -1.149  1.401   9.950   1.00 20.05 ? 2281 ALA A CB  1 
ATOM   324  N N   . GLU A 1 47 ? -4.105  -0.147  10.182  1.00 19.93 ? 2282 GLU A N   1 
ATOM   325  C CA  . GLU A 1 47 ? -5.149  -0.499  9.242   1.00 21.40 ? 2282 GLU A CA  1 
ATOM   326  C C   . GLU A 1 47 ? -5.379  0.732   8.347   1.00 20.76 ? 2282 GLU A C   1 
ATOM   327  O O   . GLU A 1 47 ? -5.774  1.766   8.854   1.00 21.59 ? 2282 GLU A O   1 
ATOM   328  C CB  . GLU A 1 47 ? -6.469  -0.782  9.959   1.00 21.65 ? 2282 GLU A CB  1 
ATOM   329  C CG  . GLU A 1 47 ? -6.466  -2.035  10.867  1.00 28.30 ? 2282 GLU A CG  1 
ATOM   330  C CD  . GLU A 1 47 ? -5.892  -3.276  10.198  1.00 35.78 ? 2282 GLU A CD  1 
ATOM   331  O OE1 . GLU A 1 47 ? -6.074  -3.463  8.949   1.00 39.08 ? 2282 GLU A OE1 1 
ATOM   332  O OE2 . GLU A 1 47 ? -5.296  -4.105  10.956  1.00 38.73 ? 2282 GLU A OE2 1 
ATOM   333  N N   . ILE A 1 48 ? -5.184  0.580   7.038   1.00 20.47 ? 2283 ILE A N   1 
ATOM   334  C CA  . ILE A 1 48 ? -5.251  1.763   6.110   1.00 19.34 ? 2283 ILE A CA  1 
ATOM   335  C C   . ILE A 1 48 ? -6.435  1.568   5.167   1.00 20.77 ? 2283 ILE A C   1 
ATOM   336  O O   . ILE A 1 48 ? -6.578  0.507   4.535   1.00 21.56 ? 2283 ILE A O   1 
ATOM   337  C CB  . ILE A 1 48 ? -3.964  1.892   5.288   1.00 19.69 ? 2283 ILE A CB  1 
ATOM   338  C CG1 . ILE A 1 48 ? -2.732  2.099   6.222   1.00 17.29 ? 2283 ILE A CG1 1 
ATOM   339  C CG2 . ILE A 1 48 ? -4.081  3.109   4.248   1.00 19.72 ? 2283 ILE A CG2 1 
ATOM   340  C CD1 . ILE A 1 48 ? -1.391  1.948   5.445   1.00 17.23 ? 2283 ILE A CD1 1 
ATOM   341  N N   . SER A 1 49 ? -7.290  2.570   5.093   1.00 22.41 ? 2284 SER A N   1 
ATOM   342  C CA  . SER A 1 49 ? -8.366  2.563   4.075   1.00 23.13 ? 2284 SER A CA  1 
ATOM   343  C C   . SER A 1 49 ? -8.292  3.760   3.134   1.00 23.03 ? 2284 SER A C   1 
ATOM   344  O O   . SER A 1 49 ? -7.718  4.800   3.466   1.00 20.30 ? 2284 SER A O   1 
ATOM   345  C CB  . SER A 1 49 ? -9.744  2.399   4.712   1.00 24.06 ? 2284 SER A CB  1 
ATOM   346  O OG  . SER A 1 49 ? -10.016 3.422   5.625   1.00 27.87 ? 2284 SER A OG  1 
ATOM   347  N N   . PHE A 1 50 ? -8.851  3.585   1.940   1.00 23.89 ? 2285 PHE A N   1 
ATOM   348  C CA  . PHE A 1 50 ? -8.590  4.515   0.855   1.00 26.85 ? 2285 PHE A CA  1 
ATOM   349  C C   . PHE A 1 50 ? -9.930  4.742   0.167   1.00 28.58 ? 2285 PHE A C   1 
ATOM   350  O O   . PHE A 1 50 ? -10.683 3.779   -0.017  1.00 29.70 ? 2285 PHE A O   1 
ATOM   351  C CB  . PHE A 1 50 ? -7.559  3.898   -0.111  1.00 26.70 ? 2285 PHE A CB  1 
ATOM   352  C CG  . PHE A 1 50 ? -7.331  4.707   -1.346  1.00 30.53 ? 2285 PHE A CG  1 
ATOM   353  C CD1 . PHE A 1 50 ? -6.421  5.778   -1.346  1.00 33.75 ? 2285 PHE A CD1 1 
ATOM   354  C CD2 . PHE A 1 50 ? -8.045  4.421   -2.529  1.00 31.93 ? 2285 PHE A CD2 1 
ATOM   355  C CE1 . PHE A 1 50 ? -6.221  6.566   -2.517  1.00 35.19 ? 2285 PHE A CE1 1 
ATOM   356  C CE2 . PHE A 1 50 ? -7.856  5.198   -3.698  1.00 34.34 ? 2285 PHE A CE2 1 
ATOM   357  C CZ  . PHE A 1 50 ? -6.955  6.268   -3.697  1.00 33.44 ? 2285 PHE A CZ  1 
ATOM   358  N N   . GLU A 1 51 ? -10.262 5.988   -0.166  1.00 28.93 ? 2286 GLU A N   1 
ATOM   359  C CA  . GLU A 1 51 ? -11.479 6.241   -0.966  1.00 30.88 ? 2286 GLU A CA  1 
ATOM   360  C C   . GLU A 1 51 ? -11.154 7.114   -2.160  1.00 30.76 ? 2286 GLU A C   1 
ATOM   361  O O   . GLU A 1 51 ? -10.650 8.230   -2.011  1.00 27.88 ? 2286 GLU A O   1 
ATOM   362  C CB  . GLU A 1 51 ? -12.625 6.837   -0.157  1.00 30.99 ? 2286 GLU A CB  1 
ATOM   363  C CG  . GLU A 1 51 ? -13.955 6.694   -0.962  1.00 37.61 ? 2286 GLU A CG  1 
ATOM   364  C CD  . GLU A 1 51 ? -15.009 7.705   -0.581  1.00 43.67 ? 2286 GLU A CD  1 
ATOM   365  O OE1 . GLU A 1 51 ? -14.940 8.202   0.569   1.00 48.62 ? 2286 GLU A OE1 1 
ATOM   366  O OE2 . GLU A 1 51 ? -15.903 8.001   -1.432  1.00 48.72 ? 2286 GLU A OE2 1 
ATOM   367  N N   . ASP A 1 52 ? -11.394 6.549   -3.340  1.00 32.08 ? 2287 ASP A N   1 
ATOM   368  C CA  . ASP A 1 52 ? -11.128 7.226   -4.603  1.00 33.93 ? 2287 ASP A CA  1 
ATOM   369  C C   . ASP A 1 52 ? -12.432 7.986   -4.905  1.00 33.39 ? 2287 ASP A C   1 
ATOM   370  O O   . ASP A 1 52 ? -13.435 7.366   -5.285  1.00 34.64 ? 2287 ASP A O   1 
ATOM   371  C CB  . ASP A 1 52 ? -10.822 6.151   -5.656  1.00 35.47 ? 2287 ASP A CB  1 
ATOM   372  C CG  . ASP A 1 52 ? -10.643 6.709   -7.089  1.00 39.61 ? 2287 ASP A CG  1 
ATOM   373  O OD1 . ASP A 1 52 ? -10.454 7.940   -7.292  1.00 42.82 ? 2287 ASP A OD1 1 
ATOM   374  O OD2 . ASP A 1 52 ? -10.696 5.869   -8.033  1.00 44.92 ? 2287 ASP A OD2 1 
ATOM   375  N N   . ARG A 1 53 ? -12.454 9.294   -4.669  1.00 31.83 ? 2288 ARG A N   1 
ATOM   376  C CA  . ARG A 1 53 ? -13.724 10.049  -4.791  1.00 32.32 ? 2288 ARG A CA  1 
ATOM   377  C C   . ARG A 1 53 ? -13.945 10.592  -6.212  1.00 32.47 ? 2288 ARG A C   1 
ATOM   378  O O   . ARG A 1 53 ? -13.012 10.754  -6.971  1.00 31.08 ? 2288 ARG A O   1 
ATOM   379  C CB  . ARG A 1 53 ? -13.778 11.196  -3.796  1.00 31.56 ? 2288 ARG A CB  1 
ATOM   380  C CG  . ARG A 1 53 ? -13.799 10.787  -2.336  1.00 32.47 ? 2288 ARG A CG  1 
ATOM   381  C CD  . ARG A 1 53 ? -13.101 11.882  -1.600  1.00 32.07 ? 2288 ARG A CD  1 
ATOM   382  N NE  . ARG A 1 53 ? -13.032 11.629  -0.182  1.00 35.04 ? 2288 ARG A NE  1 
ATOM   383  C CZ  . ARG A 1 53 ? -12.191 12.241  0.636   1.00 33.06 ? 2288 ARG A CZ  1 
ATOM   384  N NH1 . ARG A 1 53 ? -11.310 13.140  0.168   1.00 33.03 ? 2288 ARG A NH1 1 
ATOM   385  N NH2 . ARG A 1 53 ? -12.225 11.928  1.917   1.00 32.35 ? 2288 ARG A NH2 1 
ATOM   386  N N   . LYS A 1 54 ? -15.176 10.893  -6.581  1.00 34.23 ? 2289 LYS A N   1 
ATOM   387  C CA  . LYS A 1 54 ? -15.364 11.346  -7.959  1.00 36.46 ? 2289 LYS A CA  1 
ATOM   388  C C   . LYS A 1 54 ? -15.006 12.845  -8.153  1.00 34.49 ? 2289 LYS A C   1 
ATOM   389  O O   . LYS A 1 54 ? -15.152 13.400  -9.229  1.00 33.75 ? 2289 LYS A O   1 
ATOM   390  C CB  . LYS A 1 54 ? -16.751 10.946  -8.479  1.00 37.84 ? 2289 LYS A CB  1 
ATOM   391  C CG  . LYS A 1 54 ? -16.926 9.376   -8.642  1.00 40.34 ? 2289 LYS A CG  1 
ATOM   392  C CD  . LYS A 1 54 ? -18.063 8.985   -9.612  1.00 40.57 ? 2289 LYS A CD  1 
ATOM   393  C CE  . LYS A 1 54 ? -18.660 7.597   -9.287  1.00 44.41 ? 2289 LYS A CE  1 
ATOM   394  N NZ  . LYS A 1 54 ? -19.232 7.527   -7.888  1.00 46.63 ? 2289 LYS A NZ  1 
ATOM   395  N N   . ASP A 1 55 ? -14.471 13.469  -7.100  1.00 34.33 ? 2290 ASP A N   1 
ATOM   396  C CA  . ASP A 1 55 ? -14.318 14.937  -7.026  1.00 32.39 ? 2290 ASP A CA  1 
ATOM   397  C C   . ASP A 1 55 ? -12.906 15.530  -7.192  1.00 32.22 ? 2290 ASP A C   1 
ATOM   398  O O   . ASP A 1 55 ? -12.683 16.682  -6.829  1.00 31.53 ? 2290 ASP A O   1 
ATOM   399  C CB  . ASP A 1 55 ? -14.916 15.438  -5.733  1.00 31.58 ? 2290 ASP A CB  1 
ATOM   400  C CG  . ASP A 1 55 ? -14.099 15.058  -4.534  1.00 30.99 ? 2290 ASP A CG  1 
ATOM   401  O OD1 . ASP A 1 55 ? -13.009 14.464  -4.706  1.00 28.84 ? 2290 ASP A OD1 1 
ATOM   402  O OD2 . ASP A 1 55 ? -14.535 15.389  -3.423  1.00 32.25 ? 2290 ASP A OD2 1 
ATOM   403  N N   . GLY A 1 56 ? -11.975 14.755  -7.745  1.00 33.56 ? 2291 GLY A N   1 
ATOM   404  C CA  . GLY A 1 56 ? -10.581 15.192  -7.887  1.00 33.31 ? 2291 GLY A CA  1 
ATOM   405  C C   . GLY A 1 56 ? -9.730  14.935  -6.636  1.00 33.87 ? 2291 GLY A C   1 
ATOM   406  O O   . GLY A 1 56 ? -8.586  15.452  -6.521  1.00 34.86 ? 2291 GLY A O   1 
ATOM   407  N N   . SER A 1 57 ? -10.258 14.148  -5.686  1.00 31.90 ? 2292 SER A N   1 
ATOM   408  C CA  . SER A 1 57 ? -9.513  13.923  -4.440  1.00 28.80 ? 2292 SER A CA  1 
ATOM   409  C C   . SER A 1 57 ? -9.542  12.473  -3.994  1.00 27.73 ? 2292 SER A C   1 
ATOM   410  O O   . SER A 1 57 ? -10.451 11.708  -4.338  1.00 26.43 ? 2292 SER A O   1 
ATOM   411  C CB  . SER A 1 57 ? -9.968  14.833  -3.305  1.00 28.41 ? 2292 SER A CB  1 
ATOM   412  O OG  . SER A 1 57 ? -11.183 14.421  -2.703  1.00 28.18 ? 2292 SER A OG  1 
ATOM   413  N N   . CYS A 1 58 ? -8.533  12.080  -3.228  1.00 25.26 ? 2293 CYS A N   1 
ATOM   414  C CA  . CYS A 1 58 ? -8.477  10.698  -2.740  1.00 23.69 ? 2293 CYS A CA  1 
ATOM   415  C C   . CYS A 1 58 ? -8.439  10.763  -1.202  1.00 21.71 ? 2293 CYS A C   1 
ATOM   416  O O   . CYS A 1 58 ? -7.648  11.485  -0.621  1.00 22.27 ? 2293 CYS A O   1 
ATOM   417  C CB  . CYS A 1 58 ? -7.244  10.010  -3.326  1.00 23.20 ? 2293 CYS A CB  1 
ATOM   418  S SG  A CYS A 1 58 ? -7.372  9.655   -5.134  0.70 31.45 ? 2293 CYS A SG  1 
ATOM   419  S SG  B CYS A 1 58 ? -6.576  8.693   -2.312  0.30 26.44 ? 2293 CYS A SG  1 
ATOM   420  N N   . GLY A 1 59 ? -9.316  10.039  -0.537  1.00 20.00 ? 2294 GLY A N   1 
ATOM   421  C CA  . GLY A 1 59 ? -9.321  10.089  0.893   1.00 17.80 ? 2294 GLY A CA  1 
ATOM   422  C C   . GLY A 1 59 ? -8.563  8.900   1.511   1.00 17.95 ? 2294 GLY A C   1 
ATOM   423  O O   . GLY A 1 59 ? -8.738  7.780   1.088   1.00 15.90 ? 2294 GLY A O   1 
ATOM   424  N N   . VAL A 1 60 ? -7.858  9.152   2.604   1.00 16.58 ? 2295 VAL A N   1 
ATOM   425  C CA  . VAL A 1 60 ? -7.108  8.099   3.278   1.00 17.61 ? 2295 VAL A CA  1 
ATOM   426  C C   . VAL A 1 60 ? -7.452  8.195   4.757   1.00 16.53 ? 2295 VAL A C   1 
ATOM   427  O O   . VAL A 1 60 ? -7.657  9.298   5.267   1.00 16.34 ? 2295 VAL A O   1 
ATOM   428  C CB  . VAL A 1 60 ? -5.545  8.321   3.127   1.00 17.68 ? 2295 VAL A CB  1 
ATOM   429  C CG1 . VAL A 1 60 ? -4.798  7.109   3.697   1.00 16.75 ? 2295 VAL A CG1 1 
ATOM   430  C CG2 . VAL A 1 60 ? -5.141  8.582   1.662   1.00 20.37 ? 2295 VAL A CG2 1 
ATOM   431  N N   . ALA A 1 61 ? -7.534  7.032   5.428   1.00 17.73 ? 2296 ALA A N   1 
ATOM   432  C CA  . ALA A 1 61 ? -7.689  7.027   6.881   1.00 17.91 ? 2296 ALA A CA  1 
ATOM   433  C C   . ALA A 1 61 ? -6.813  5.851   7.372   1.00 17.66 ? 2296 ALA A C   1 
ATOM   434  O O   . ALA A 1 61 ? -6.683  4.810   6.672   1.00 17.99 ? 2296 ALA A O   1 
ATOM   435  C CB  . ALA A 1 61 ? -9.151  6.884   7.342   1.00 18.09 ? 2296 ALA A CB  1 
ATOM   436  N N   . TYR A 1 62 ? -6.176  6.041   8.531   1.00 16.61 ? 2297 TYR A N   1 
ATOM   437  C CA  . TYR A 1 62 ? -5.478  4.894   9.127   1.00 15.88 ? 2297 TYR A CA  1 
ATOM   438  C C   . TYR A 1 62 ? -5.814  4.852   10.599  1.00 16.75 ? 2297 TYR A C   1 
ATOM   439  O O   . TYR A 1 62 ? -6.164  5.873   11.190  1.00 16.67 ? 2297 TYR A O   1 
ATOM   440  C CB  . TYR A 1 62 ? -3.957  4.903   8.866   1.00 15.77 ? 2297 TYR A CB  1 
ATOM   441  C CG  . TYR A 1 62 ? -3.249  6.121   9.475   1.00 16.09 ? 2297 TYR A CG  1 
ATOM   442  C CD1 . TYR A 1 62 ? -2.695  6.058   10.765  1.00 12.39 ? 2297 TYR A CD1 1 
ATOM   443  C CD2 . TYR A 1 62 ? -3.174  7.319   8.778   1.00 14.51 ? 2297 TYR A CD2 1 
ATOM   444  C CE1 . TYR A 1 62 ? -2.056  7.178   11.336  1.00 14.52 ? 2297 TYR A CE1 1 
ATOM   445  C CE2 . TYR A 1 62 ? -2.529  8.448   9.305   1.00 15.06 ? 2297 TYR A CE2 1 
ATOM   446  C CZ  . TYR A 1 62 ? -1.983  8.382   10.590  1.00 15.44 ? 2297 TYR A CZ  1 
ATOM   447  O OH  . TYR A 1 62 ? -1.357  9.490   11.107  1.00 15.84 ? 2297 TYR A OH  1 
ATOM   448  N N   . VAL A 1 63 ? -5.714  3.656   11.173  1.00 18.00 ? 2298 VAL A N   1 
ATOM   449  C CA  . VAL A 1 63 ? -5.854  3.524   12.613  1.00 18.11 ? 2298 VAL A CA  1 
ATOM   450  C C   . VAL A 1 63 ? -4.701  2.682   13.142  1.00 17.32 ? 2298 VAL A C   1 
ATOM   451  O O   . VAL A 1 63 ? -4.370  1.623   12.611  1.00 16.91 ? 2298 VAL A O   1 
ATOM   452  C CB  . VAL A 1 63 ? -7.185  2.804   13.011  1.00 19.73 ? 2298 VAL A CB  1 
ATOM   453  C CG1 . VAL A 1 63 ? -7.405  2.942   14.550  1.00 18.93 ? 2298 VAL A CG1 1 
ATOM   454  C CG2 . VAL A 1 63 ? -8.370  3.432   12.324  1.00 24.27 ? 2298 VAL A CG2 1 
ATOM   455  N N   . VAL A 1 64 ? -4.089  3.160   14.205  1.00 17.90 ? 2299 VAL A N   1 
ATOM   456  C CA  . VAL A 1 64 ? -3.004  2.399   14.856  1.00 18.21 ? 2299 VAL A CA  1 
ATOM   457  C C   . VAL A 1 64 ? -3.387  2.282   16.335  1.00 19.32 ? 2299 VAL A C   1 
ATOM   458  O O   . VAL A 1 64 ? -4.025  3.197   16.859  1.00 18.89 ? 2299 VAL A O   1 
ATOM   459  C CB  . VAL A 1 64 ? -1.594  3.040   14.666  1.00 16.36 ? 2299 VAL A CB  1 
ATOM   460  C CG1 . VAL A 1 64 ? -1.108  2.949   13.180  1.00 16.75 ? 2299 VAL A CG1 1 
ATOM   461  C CG2 . VAL A 1 64 ? -1.518  4.491   15.173  1.00 17.77 ? 2299 VAL A CG2 1 
ATOM   462  N N   . GLN A 1 65 ? -3.037  1.173   17.003  1.00 21.39 ? 2300 GLN A N   1 
ATOM   463  C CA  . GLN A 1 65 ? -3.562  1.017   18.397  1.00 22.40 ? 2300 GLN A CA  1 
ATOM   464  C C   . GLN A 1 65 ? -2.632  1.467   19.496  1.00 22.78 ? 2300 GLN A C   1 
ATOM   465  O O   . GLN A 1 65 ? -3.067  1.674   20.651  1.00 24.72 ? 2300 GLN A O   1 
ATOM   466  C CB  . GLN A 1 65 ? -4.131  -0.399  18.658  1.00 23.84 ? 2300 GLN A CB  1 
ATOM   467  C CG  . GLN A 1 65 ? -5.288  -0.789  17.736  1.00 24.97 ? 2300 GLN A CG  1 
ATOM   468  C CD  . GLN A 1 65 ? -6.564  0.007   17.986  1.00 30.76 ? 2300 GLN A CD  1 
ATOM   469  O OE1 . GLN A 1 65 ? -6.791  0.502   19.088  1.00 31.21 ? 2300 GLN A OE1 1 
ATOM   470  N NE2 . GLN A 1 65 ? -7.406  0.125   16.954  1.00 29.96 ? 2300 GLN A NE2 1 
ATOM   471  N N   . GLU A 1 66 ? -1.356  1.634   19.166  1.00 22.21 ? 2301 GLU A N   1 
ATOM   472  C CA  . GLU A 1 66 ? -0.387  2.016   20.160  1.00 22.30 ? 2301 GLU A CA  1 
ATOM   473  C C   . GLU A 1 66 ? 0.096   3.470   20.012  1.00 21.41 ? 2301 GLU A C   1 
ATOM   474  O O   . GLU A 1 66 ? 0.537   3.885   18.923  1.00 21.29 ? 2301 GLU A O   1 
ATOM   475  C CB  . GLU A 1 66 ? 0.786   1.056   20.074  1.00 21.54 ? 2301 GLU A CB  1 
ATOM   476  C CG  . GLU A 1 66 ? 2.019   1.485   20.816  1.00 25.22 ? 2301 GLU A CG  1 
ATOM   477  C CD  . GLU A 1 66 ? 2.029   1.018   22.261  1.00 30.19 ? 2301 GLU A CD  1 
ATOM   478  O OE1 . GLU A 1 66 ? 0.945   0.690   22.821  1.00 30.58 ? 2301 GLU A OE1 1 
ATOM   479  O OE2 . GLU A 1 66 ? 3.138   0.988   22.836  1.00 34.40 ? 2301 GLU A OE2 1 
ATOM   480  N N   . PRO A 1 67 ? 0.093   4.231   21.115  1.00 21.68 ? 2302 PRO A N   1 
ATOM   481  C CA  . PRO A 1 67 ? 0.685   5.599   21.053  1.00 21.91 ? 2302 PRO A CA  1 
ATOM   482  C C   . PRO A 1 67 ? 2.167   5.605   20.701  1.00 20.91 ? 2302 PRO A C   1 
ATOM   483  O O   . PRO A 1 67 ? 2.886   4.650   21.015  1.00 22.18 ? 2302 PRO A O   1 
ATOM   484  C CB  . PRO A 1 67 ? 0.486   6.163   22.461  1.00 22.89 ? 2302 PRO A CB  1 
ATOM   485  C CG  . PRO A 1 67 ? -0.398  5.195   23.170  1.00 23.52 ? 2302 PRO A CG  1 
ATOM   486  C CD  . PRO A 1 67 ? -0.402  3.878   22.459  1.00 21.45 ? 2302 PRO A CD  1 
ATOM   487  N N   . GLY A 1 68 ? 2.639   6.662   20.058  1.00 19.70 ? 2303 GLY A N   1 
ATOM   488  C CA  . GLY A 1 68 ? 4.028   6.795   19.743  1.00 18.76 ? 2303 GLY A CA  1 
ATOM   489  C C   . GLY A 1 68 ? 4.164   7.592   18.464  1.00 20.07 ? 2303 GLY A C   1 
ATOM   490  O O   . GLY A 1 68 ? 3.164   8.114   17.947  1.00 19.08 ? 2303 GLY A O   1 
ATOM   491  N N   . ASP A 1 69 ? 5.379   7.661   17.932  1.00 19.18 ? 2304 ASP A N   1 
ATOM   492  C CA  . ASP A 1 69 ? 5.606   8.438   16.691  1.00 20.00 ? 2304 ASP A CA  1 
ATOM   493  C C   . ASP A 1 69 ? 5.546   7.509   15.498  1.00 18.46 ? 2304 ASP A C   1 
ATOM   494  O O   . ASP A 1 69 ? 6.170   6.436   15.492  1.00 18.08 ? 2304 ASP A O   1 
ATOM   495  C CB  . ASP A 1 69 ? 6.955   9.108   16.683  1.00 19.56 ? 2304 ASP A CB  1 
ATOM   496  C CG  . ASP A 1 69 ? 6.971   10.399  17.508  1.00 25.78 ? 2304 ASP A CG  1 
ATOM   497  O OD1 . ASP A 1 69 ? 5.909   10.972  17.771  1.00 26.33 ? 2304 ASP A OD1 1 
ATOM   498  O OD2 . ASP A 1 69 ? 8.069   10.840  17.902  1.00 31.74 ? 2304 ASP A OD2 1 
ATOM   499  N N   . TYR A 1 70 ? 4.845   7.960   14.469  1.00 17.42 ? 2305 TYR A N   1 
ATOM   500  C CA  . TYR A 1 70 ? 4.629   7.149   13.271  1.00 15.22 ? 2305 TYR A CA  1 
ATOM   501  C C   . TYR A 1 70 ? 5.110   7.939   12.039  1.00 15.58 ? 2305 TYR A C   1 
ATOM   502  O O   . TYR A 1 70 ? 5.112   9.153   12.041  1.00 16.89 ? 2305 TYR A O   1 
ATOM   503  C CB  . TYR A 1 70 ? 3.136   6.763   13.132  1.00 12.93 ? 2305 TYR A CB  1 
ATOM   504  C CG  . TYR A 1 70 ? 2.677   5.670   14.113  1.00 14.63 ? 2305 TYR A CG  1 
ATOM   505  C CD1 . TYR A 1 70 ? 2.519   4.333   13.699  1.00 15.29 ? 2305 TYR A CD1 1 
ATOM   506  C CD2 . TYR A 1 70 ? 2.382   6.005   15.439  1.00 16.84 ? 2305 TYR A CD2 1 
ATOM   507  C CE1 . TYR A 1 70 ? 2.086   3.345   14.594  1.00 15.16 ? 2305 TYR A CE1 1 
ATOM   508  C CE2 . TYR A 1 70 ? 1.942   5.029   16.361  1.00 16.67 ? 2305 TYR A CE2 1 
ATOM   509  C CZ  . TYR A 1 70 ? 1.816   3.699   15.924  1.00 13.90 ? 2305 TYR A CZ  1 
ATOM   510  O OH  . TYR A 1 70 ? 1.374   2.746   16.803  1.00 16.36 ? 2305 TYR A OH  1 
ATOM   511  N N   . GLU A 1 71 ? 5.542   7.224   11.003  1.00 14.75 ? 2306 GLU A N   1 
ATOM   512  C CA  . GLU A 1 71 ? 5.840   7.852   9.746   1.00 15.10 ? 2306 GLU A CA  1 
ATOM   513  C C   . GLU A 1 71 ? 4.797   7.504   8.723   1.00 13.50 ? 2306 GLU A C   1 
ATOM   514  O O   . GLU A 1 71 ? 4.435   6.317   8.531   1.00 14.13 ? 2306 GLU A O   1 
ATOM   515  C CB  . GLU A 1 71 ? 7.153   7.286   9.180   1.00 16.87 ? 2306 GLU A CB  1 
ATOM   516  C CG  . GLU A 1 71 ? 8.367   7.784   9.816   1.00 23.97 ? 2306 GLU A CG  1 
ATOM   517  C CD  . GLU A 1 71 ? 9.569   7.458   8.948   1.00 29.32 ? 2306 GLU A CD  1 
ATOM   518  O OE1 . GLU A 1 71 ? 9.548   7.690   7.713   1.00 31.91 ? 2306 GLU A OE1 1 
ATOM   519  O OE2 . GLU A 1 71 ? 10.497  6.901   9.514   1.00 35.90 ? 2306 GLU A OE2 1 
ATOM   520  N N   . VAL A 1 72 ? 4.352   8.517   8.007   1.00 14.06 ? 2307 VAL A N   1 
ATOM   521  C CA  . VAL A 1 72 ? 3.344   8.281   6.929   1.00 14.07 ? 2307 VAL A CA  1 
ATOM   522  C C   . VAL A 1 72 ? 4.018   8.671   5.609   1.00 14.00 ? 2307 VAL A C   1 
ATOM   523  O O   . VAL A 1 72 ? 4.458   9.793   5.478   1.00 14.53 ? 2307 VAL A O   1 
ATOM   524  C CB  . VAL A 1 72 ? 1.978   9.066   7.089   1.00 14.61 ? 2307 VAL A CB  1 
ATOM   525  C CG1 . VAL A 1 72 ? 1.021   8.662   5.890   1.00 14.60 ? 2307 VAL A CG1 1 
ATOM   526  C CG2 . VAL A 1 72 ? 1.294   8.776   8.473   1.00 14.61 ? 2307 VAL A CG2 1 
ATOM   527  N N   . SER A 1 73 ? 4.065   7.728   4.649   1.00 13.91 ? 2308 SER A N   1 
ATOM   528  C CA  . SER A 1 73 ? 4.772   7.905   3.352   1.00 15.70 ? 2308 SER A CA  1 
ATOM   529  C C   . SER A 1 73 ? 3.705   8.014   2.295   1.00 13.98 ? 2308 SER A C   1 
ATOM   530  O O   . SER A 1 73 ? 2.747   7.239   2.360   1.00 15.26 ? 2308 SER A O   1 
ATOM   531  C CB  . SER A 1 73 ? 5.560   6.619   3.037   1.00 15.13 ? 2308 SER A CB  1 
ATOM   532  O OG  . SER A 1 73 ? 6.711   6.546   3.811   1.00 19.95 ? 2308 SER A OG  1 
ATOM   533  N N   . VAL A 1 74 ? 3.827   8.967   1.367   1.00 14.62 ? 2309 VAL A N   1 
ATOM   534  C CA  . VAL A 1 74 ? 2.925   9.036   0.235   1.00 14.14 ? 2309 VAL A CA  1 
ATOM   535  C C   . VAL A 1 74 ? 3.835   9.169   -0.980  1.00 14.39 ? 2309 VAL A C   1 
ATOM   536  O O   . VAL A 1 74 ? 4.665   10.101  -1.071  1.00 11.63 ? 2309 VAL A O   1 
ATOM   537  C CB  . VAL A 1 74 ? 1.952   10.229  0.345   1.00 15.24 ? 2309 VAL A CB  1 
ATOM   538  C CG1 . VAL A 1 74 ? 0.988   10.306  -0.888  1.00 15.53 ? 2309 VAL A CG1 1 
ATOM   539  C CG2 . VAL A 1 74 ? 1.195   10.180  1.682   1.00 14.05 ? 2309 VAL A CG2 1 
ATOM   540  N N   . LYS A 1 75 ? 3.675   8.218   -1.910  1.00 14.76 ? 2310 LYS A N   1 
ATOM   541  C CA  . LYS A 1 75 ? 4.514   8.203   -3.086  1.00 17.10 ? 2310 LYS A CA  1 
ATOM   542  C C   . LYS A 1 75 ? 3.617   8.170   -4.305  1.00 17.67 ? 2310 LYS A C   1 
ATOM   543  O O   . LYS A 1 75 ? 2.550   7.590   -4.257  1.00 17.17 ? 2310 LYS A O   1 
ATOM   544  C CB  . LYS A 1 75 ? 5.418   6.972   -3.119  1.00 17.73 ? 2310 LYS A CB  1 
ATOM   545  C CG  . LYS A 1 75 ? 6.475   6.936   -1.998  1.00 18.33 ? 2310 LYS A CG  1 
ATOM   546  C CD  . LYS A 1 75 ? 7.478   5.773   -2.325  1.00 18.70 ? 2310 LYS A CD  1 
ATOM   547  C CE  . LYS A 1 75 ? 8.646   5.766   -1.390  1.00 27.04 ? 2310 LYS A CE  1 
ATOM   548  N NZ  . LYS A 1 75 ? 9.275   4.417   -1.347  1.00 23.83 ? 2310 LYS A NZ  1 
ATOM   549  N N   . PHE A 1 76 ? 4.039   8.840   -5.356  1.00 18.97 ? 2311 PHE A N   1 
ATOM   550  C CA  . PHE A 1 76 ? 3.332   8.746   -6.663  1.00 19.20 ? 2311 PHE A CA  1 
ATOM   551  C C   . PHE A 1 76 ? 4.317   8.242   -7.707  1.00 19.51 ? 2311 PHE A C   1 
ATOM   552  O O   . PHE A 1 76 ? 5.368   8.861   -7.876  1.00 20.45 ? 2311 PHE A O   1 
ATOM   553  C CB  . PHE A 1 76 ? 2.819   10.112  -7.108  1.00 20.45 ? 2311 PHE A CB  1 
ATOM   554  C CG  . PHE A 1 76 ? 1.859   10.018  -8.272  1.00 22.20 ? 2311 PHE A CG  1 
ATOM   555  C CD1 . PHE A 1 76 ? 0.568   9.528   -8.060  1.00 21.11 ? 2311 PHE A CD1 1 
ATOM   556  C CD2 . PHE A 1 76 ? 2.268   10.354  -9.556  1.00 25.71 ? 2311 PHE A CD2 1 
ATOM   557  C CE1 . PHE A 1 76 ? -0.323  9.413   -9.109  1.00 26.35 ? 2311 PHE A CE1 1 
ATOM   558  C CE2 . PHE A 1 76 ? 1.379   10.231  -10.627 1.00 23.47 ? 2311 PHE A CE2 1 
ATOM   559  C CZ  . PHE A 1 76 ? 0.084   9.793   -10.389 1.00 25.76 ? 2311 PHE A CZ  1 
ATOM   560  N N   . ASN A 1 77 ? 4.033   7.108   -8.336  1.00 19.71 ? 2312 ASN A N   1 
ATOM   561  C CA  . ASN A 1 77 ? 4.991   6.489   -9.269  1.00 21.99 ? 2312 ASN A CA  1 
ATOM   562  C C   . ASN A 1 77 ? 6.370   6.240   -8.621  1.00 22.70 ? 2312 ASN A C   1 
ATOM   563  O O   . ASN A 1 77 ? 7.446   6.567   -9.180  1.00 21.13 ? 2312 ASN A O   1 
ATOM   564  C CB  . ASN A 1 77 ? 5.112   7.324   -10.535 1.00 21.95 ? 2312 ASN A CB  1 
ATOM   565  C CG  . ASN A 1 77 ? 3.913   7.145   -11.441 1.00 24.80 ? 2312 ASN A CG  1 
ATOM   566  O OD1 . ASN A 1 77 ? 3.216   6.114   -11.364 1.00 24.08 ? 2312 ASN A OD1 1 
ATOM   567  N ND2 . ASN A 1 77 ? 3.692   8.109   -12.337 1.00 27.94 ? 2312 ASN A ND2 1 
ATOM   568  N N   . GLU A 1 78 ? 6.301   5.677   -7.418  1.00 22.78 ? 2313 GLU A N   1 
ATOM   569  C CA  . GLU A 1 78 ? 7.491   5.265   -6.666  1.00 25.21 ? 2313 GLU A CA  1 
ATOM   570  C C   . GLU A 1 78 ? 8.337   6.407   -6.104  1.00 23.82 ? 2313 GLU A C   1 
ATOM   571  O O   . GLU A 1 78 ? 9.439   6.156   -5.583  1.00 24.82 ? 2313 GLU A O   1 
ATOM   572  C CB  . GLU A 1 78 ? 8.354   4.263   -7.500  1.00 25.73 ? 2313 GLU A CB  1 
ATOM   573  C CG  . GLU A 1 78 ? 7.621   2.948   -7.880  1.00 27.64 ? 2313 GLU A CG  1 
ATOM   574  C CD  . GLU A 1 78 ? 8.332   2.167   -8.990  1.00 31.52 ? 2313 GLU A CD  1 
ATOM   575  O OE1 . GLU A 1 78 ? 9.574   2.224   -9.034  1.00 37.48 ? 2313 GLU A OE1 1 
ATOM   576  O OE2 . GLU A 1 78 ? 7.663   1.483   -9.830  1.00 37.73 ? 2313 GLU A OE2 1 
ATOM   577  N N   . GLU A 1 79 ? 7.854   7.650   -6.176  1.00 20.70 ? 2314 GLU A N   1 
ATOM   578  C CA  . GLU A 1 79 ? 8.600   8.801   -5.657  1.00 20.73 ? 2314 GLU A CA  1 
ATOM   579  C C   . GLU A 1 79 ? 7.844   9.526   -4.569  1.00 18.38 ? 2314 GLU A C   1 
ATOM   580  O O   . GLU A 1 79 ? 6.637   9.795   -4.741  1.00 14.53 ? 2314 GLU A O   1 
ATOM   581  C CB  . GLU A 1 79 ? 8.869   9.826   -6.756  1.00 21.77 ? 2314 GLU A CB  1 
ATOM   582  C CG  . GLU A 1 79 ? 9.803   9.279   -7.833  1.00 28.28 ? 2314 GLU A CG  1 
ATOM   583  C CD  . GLU A 1 79 ? 10.154  10.332  -8.877  1.00 39.79 ? 2314 GLU A CD  1 
ATOM   584  O OE1 . GLU A 1 79 ? 9.327   11.273  -9.206  1.00 42.77 ? 2314 GLU A OE1 1 
ATOM   585  O OE2 . GLU A 1 79 ? 11.304  10.202  -9.365  1.00 45.55 ? 2314 GLU A OE2 1 
ATOM   586  N N   . HIS A 1 80 ? 8.539   9.921   -3.495  1.00 16.80 ? 2315 HIS A N   1 
ATOM   587  C CA  . HIS A 1 80 ? 7.865   10.688  -2.418  1.00 17.34 ? 2315 HIS A CA  1 
ATOM   588  C C   . HIS A 1 80 ? 7.287   11.995  -2.965  1.00 18.76 ? 2315 HIS A C   1 
ATOM   589  O O   . HIS A 1 80 ? 7.936   12.672  -3.763  1.00 18.33 ? 2315 HIS A O   1 
ATOM   590  C CB  . HIS A 1 80 ? 8.807   11.018  -1.211  1.00 17.02 ? 2315 HIS A CB  1 
ATOM   591  C CG  . HIS A 1 80 ? 9.082   9.825   -0.326  1.00 15.34 ? 2315 HIS A CG  1 
ATOM   592  N ND1 . HIS A 1 80 ? 8.195   9.395   0.636   1.00 13.32 ? 2315 HIS A ND1 1 
ATOM   593  C CD2 . HIS A 1 80 ? 10.133  8.960   -0.287  1.00 14.88 ? 2315 HIS A CD2 1 
ATOM   594  C CE1 . HIS A 1 80 ? 8.688   8.326   1.251   1.00 14.34 ? 2315 HIS A CE1 1 
ATOM   595  N NE2 . HIS A 1 80 ? 9.866   8.041   0.705   1.00 12.27 ? 2315 HIS A NE2 1 
ATOM   596  N N   . ILE A 1 81 ? 6.076   12.340  -2.514  1.00 16.94 ? 2316 ILE A N   1 
ATOM   597  C CA  . ILE A 1 81 ? 5.498   13.638  -2.812  1.00 17.19 ? 2316 ILE A CA  1 
ATOM   598  C C   . ILE A 1 81 ? 6.127   14.685  -1.902  1.00 17.25 ? 2316 ILE A C   1 
ATOM   599  O O   . ILE A 1 81 ? 6.859   14.325  -0.950  1.00 17.87 ? 2316 ILE A O   1 
ATOM   600  C CB  . ILE A 1 81 ? 3.909   13.656  -2.676  1.00 16.07 ? 2316 ILE A CB  1 
ATOM   601  C CG1 . ILE A 1 81 ? 3.461   13.586  -1.193  1.00 16.15 ? 2316 ILE A CG1 1 
ATOM   602  C CG2 . ILE A 1 81 ? 3.329   12.581  -3.514  1.00 15.09 ? 2316 ILE A CG2 1 
ATOM   603  C CD1 . ILE A 1 81 ? 1.982   13.895  -1.020  1.00 16.64 ? 2316 ILE A CD1 1 
ATOM   604  N N   . PRO A 1 82 ? 5.852   15.968  -2.168  1.00 18.67 ? 2317 PRO A N   1 
ATOM   605  C CA  . PRO A 1 82 ? 6.372   17.012  -1.314  1.00 18.45 ? 2317 PRO A CA  1 
ATOM   606  C C   . PRO A 1 82 ? 6.021   16.804  0.180   1.00 18.21 ? 2317 PRO A C   1 
ATOM   607  O O   . PRO A 1 82 ? 4.907   16.440  0.509   1.00 17.39 ? 2317 PRO A O   1 
ATOM   608  C CB  . PRO A 1 82 ? 5.729   18.300  -1.886  1.00 19.88 ? 2317 PRO A CB  1 
ATOM   609  C CG  . PRO A 1 82 ? 5.599   18.012  -3.350  1.00 19.19 ? 2317 PRO A CG  1 
ATOM   610  C CD  . PRO A 1 82 ? 5.079   16.550  -3.310  1.00 19.07 ? 2317 PRO A CD  1 
ATOM   611  N N   . ASP A 1 83 ? 7.010   17.004  1.060   1.00 17.69 ? 2318 ASP A N   1 
ATOM   612  C CA  . ASP A 1 83 ? 6.839   16.816  2.521   1.00 18.22 ? 2318 ASP A CA  1 
ATOM   613  C C   . ASP A 1 83 ? 6.739   15.354  3.026   1.00 17.16 ? 2318 ASP A C   1 
ATOM   614  O O   . ASP A 1 83 ? 6.723   15.111  4.248   1.00 17.05 ? 2318 ASP A O   1 
ATOM   615  C CB  . ASP A 1 83 ? 5.674   17.667  3.053   1.00 18.57 ? 2318 ASP A CB  1 
ATOM   616  C CG  . ASP A 1 83 ? 5.949   19.176  2.934   1.00 24.31 ? 2318 ASP A CG  1 
ATOM   617  O OD1 . ASP A 1 83 ? 7.102   19.637  3.183   1.00 25.76 ? 2318 ASP A OD1 1 
ATOM   618  O OD2 . ASP A 1 83 ? 4.995   19.889  2.579   1.00 26.97 ? 2318 ASP A OD2 1 
ATOM   619  N N   . SER A 1 84 ? 6.732   14.370  2.122   1.00 15.92 ? 2319 SER A N   1 
ATOM   620  C CA  . SER A 1 84 ? 6.788   12.945  2.548   1.00 15.30 ? 2319 SER A CA  1 
ATOM   621  C C   . SER A 1 84 ? 8.286   12.473  2.674   1.00 14.98 ? 2319 SER A C   1 
ATOM   622  O O   . SER A 1 84 ? 9.126   12.843  1.861   1.00 15.03 ? 2319 SER A O   1 
ATOM   623  C CB  . SER A 1 84 ? 5.999   12.078  1.559   1.00 14.76 ? 2319 SER A CB  1 
ATOM   624  O OG  . SER A 1 84 ? 6.114   10.663  1.842   1.00 15.08 ? 2319 SER A OG  1 
ATOM   625  N N   . PRO A 1 85 ? 8.596   11.586  3.645   1.00 15.14 ? 2320 PRO A N   1 
ATOM   626  C CA  . PRO A 1 85 ? 7.686   11.011  4.635   1.00 14.38 ? 2320 PRO A CA  1 
ATOM   627  C C   . PRO A 1 85 ? 7.290   12.027  5.717   1.00 14.37 ? 2320 PRO A C   1 
ATOM   628  O O   . PRO A 1 85 ? 8.086   12.896  6.093   1.00 16.02 ? 2320 PRO A O   1 
ATOM   629  C CB  . PRO A 1 85 ? 8.492   9.800   5.214   1.00 13.32 ? 2320 PRO A CB  1 
ATOM   630  C CG  . PRO A 1 85 ? 9.934   10.137  4.914   1.00 14.90 ? 2320 PRO A CG  1 
ATOM   631  C CD  . PRO A 1 85 ? 9.921   10.940  3.662   1.00 13.38 ? 2320 PRO A CD  1 
ATOM   632  N N   . PHE A 1 86 ? 6.072   11.905  6.194   1.00 14.91 ? 2321 PHE A N   1 
ATOM   633  C CA  . PHE A 1 86 ? 5.559   12.756  7.277   1.00 15.02 ? 2321 PHE A CA  1 
ATOM   634  C C   . PHE A 1 86 ? 5.769   12.063  8.620   1.00 16.41 ? 2321 PHE A C   1 
ATOM   635  O O   . PHE A 1 86 ? 5.543   10.833  8.728   1.00 18.18 ? 2321 PHE A O   1 
ATOM   636  C CB  . PHE A 1 86 ? 4.065   12.974  7.116   1.00 15.03 ? 2321 PHE A CB  1 
ATOM   637  C CG  . PHE A 1 86 ? 3.677   13.702  5.847   1.00 14.64 ? 2321 PHE A CG  1 
ATOM   638  C CD1 . PHE A 1 86 ? 3.457   13.016  4.700   1.00 18.78 ? 2321 PHE A CD1 1 
ATOM   639  C CD2 . PHE A 1 86 ? 3.490   15.089  5.864   1.00 16.36 ? 2321 PHE A CD2 1 
ATOM   640  C CE1 . PHE A 1 86 ? 3.053   13.670  3.503   1.00 18.27 ? 2321 PHE A CE1 1 
ATOM   641  C CE2 . PHE A 1 86 ? 3.108   15.778  4.683   1.00 17.81 ? 2321 PHE A CE2 1 
ATOM   642  C CZ  . PHE A 1 86 ? 2.897   15.080  3.527   1.00 17.22 ? 2321 PHE A CZ  1 
ATOM   643  N N   . VAL A 1 87 ? 6.176   12.828  9.645   1.00 15.70 ? 2322 VAL A N   1 
ATOM   644  C CA  . VAL A 1 87 ? 6.296   12.255  10.999  1.00 15.55 ? 2322 VAL A CA  1 
ATOM   645  C C   . VAL A 1 87 ? 5.123   12.734  11.837  1.00 16.07 ? 2322 VAL A C   1 
ATOM   646  O O   . VAL A 1 87 ? 4.924   13.956  11.976  1.00 15.11 ? 2322 VAL A O   1 
ATOM   647  C CB  . VAL A 1 87 ? 7.694   12.577  11.688  1.00 17.74 ? 2322 VAL A CB  1 
ATOM   648  C CG1 . VAL A 1 87 ? 7.672   12.039  13.149  1.00 17.31 ? 2322 VAL A CG1 1 
ATOM   649  C CG2 . VAL A 1 87 ? 8.811   11.943  10.860  1.00 17.32 ? 2322 VAL A CG2 1 
ATOM   650  N N   . VAL A 1 88 ? 4.307   11.790  12.331  1.00 14.04 ? 2323 VAL A N   1 
ATOM   651  C CA  . VAL A 1 88 ? 3.034   12.101  13.045  1.00 16.09 ? 2323 VAL A CA  1 
ATOM   652  C C   . VAL A 1 88 ? 3.052   11.548  14.465  1.00 16.02 ? 2323 VAL A C   1 
ATOM   653  O O   . VAL A 1 88 ? 3.109   10.325  14.643  1.00 17.50 ? 2323 VAL A O   1 
ATOM   654  C CB  . VAL A 1 88 ? 1.763   11.515  12.271  1.00 16.40 ? 2323 VAL A CB  1 
ATOM   655  C CG1 . VAL A 1 88 ? 0.408   11.931  12.987  1.00 16.61 ? 2323 VAL A CG1 1 
ATOM   656  C CG2 . VAL A 1 88 ? 1.799   11.950  10.791  1.00 15.03 ? 2323 VAL A CG2 1 
ATOM   657  N N   . PRO A 1 89 ? 2.973   12.432  15.479  1.00 17.84 ? 2324 PRO A N   1 
ATOM   658  C CA  . PRO A 1 89 ? 2.812   11.965  16.886  1.00 17.81 ? 2324 PRO A CA  1 
ATOM   659  C C   . PRO A 1 89 ? 1.402   11.412  17.155  1.00 19.21 ? 2324 PRO A C   1 
ATOM   660  O O   . PRO A 1 89 ? 0.389   12.098  16.898  1.00 18.85 ? 2324 PRO A O   1 
ATOM   661  C CB  . PRO A 1 89 ? 3.107   13.235  17.723  1.00 18.86 ? 2324 PRO A CB  1 
ATOM   662  C CG  . PRO A 1 89 ? 2.804   14.388  16.860  1.00 20.25 ? 2324 PRO A CG  1 
ATOM   663  C CD  . PRO A 1 89 ? 2.990   13.913  15.381  1.00 17.58 ? 2324 PRO A CD  1 
ATOM   664  N N   . VAL A 1 90 ? 1.332   10.171  17.657  1.00 17.69 ? 2325 VAL A N   1 
ATOM   665  C CA  . VAL A 1 90 ? 0.071   9.529   17.992  1.00 18.56 ? 2325 VAL A CA  1 
ATOM   666  C C   . VAL A 1 90 ? -0.129  9.462   19.545  1.00 21.41 ? 2325 VAL A C   1 
ATOM   667  O O   . VAL A 1 90 ? 0.632   8.773   20.257  1.00 20.89 ? 2325 VAL A O   1 
ATOM   668  C CB  . VAL A 1 90 ? -0.054  8.152   17.322  1.00 18.19 ? 2325 VAL A CB  1 
ATOM   669  C CG1 . VAL A 1 90 ? -1.407  7.506   17.631  1.00 17.27 ? 2325 VAL A CG1 1 
ATOM   670  C CG2 . VAL A 1 90 ? 0.121   8.294   15.771  1.00 15.25 ? 2325 VAL A CG2 1 
ATOM   671  N N   . ALA A 1 91 ? -1.149  10.176  20.045  1.00 23.47 ? 2326 ALA A N   1 
ATOM   672  C CA  . ALA A 1 91 ? -1.311  10.352  21.502  1.00 26.21 ? 2326 ALA A CA  1 
ATOM   673  C C   . ALA A 1 91 ? -2.125  9.243   22.118  1.00 28.38 ? 2326 ALA A C   1 
ATOM   674  O O   . ALA A 1 91 ? -2.813  8.508   21.416  1.00 28.52 ? 2326 ALA A O   1 
ATOM   675  C CB  . ALA A 1 91 ? -1.936  11.719  21.821  1.00 26.78 ? 2326 ALA A CB  1 
ATOM   676  N N   . SER A 1 92 ? -2.019  9.068   23.436  1.00 30.78 ? 2327 SER A N   1 
ATOM   677  C CA  . SER A 1 92 ? -2.941  8.167   24.105  1.00 34.27 ? 2327 SER A CA  1 
ATOM   678  C C   . SER A 1 92 ? -4.351  8.750   24.047  1.00 35.96 ? 2327 SER A C   1 
ATOM   679  O O   . SER A 1 92 ? -4.542  9.965   23.959  1.00 35.91 ? 2327 SER A O   1 
ATOM   680  C CB  . SER A 1 92 ? -2.508  7.907   25.550  1.00 34.14 ? 2327 SER A CB  1 
ATOM   681  O OG  . SER A 1 92 ? -1.159  7.464   25.538  1.00 39.00 ? 2327 SER A OG  1 
ATOM   682  N N   . PRO A 1 93 ? -5.348  7.873   24.063  1.00 37.97 ? 2328 PRO A N   1 
ATOM   683  C CA  . PRO A 1 93 ? -6.724  8.332   23.998  1.00 38.91 ? 2328 PRO A CA  1 
ATOM   684  C C   . PRO A 1 93 ? -7.219  9.078   25.268  1.00 40.00 ? 2328 PRO A C   1 
ATOM   685  O O   . PRO A 1 93 ? -6.545  9.064   26.325  1.00 41.28 ? 2328 PRO A O   1 
ATOM   686  C CB  . PRO A 1 93 ? -7.505  7.034   23.774  1.00 39.24 ? 2328 PRO A CB  1 
ATOM   687  C CG  . PRO A 1 93 ? -6.490  5.962   23.536  1.00 38.56 ? 2328 PRO A CG  1 
ATOM   688  C CD  . PRO A 1 93 ? -5.231  6.404   24.134  1.00 37.96 ? 2328 PRO A CD  1 
ATOM   689  N N   . GLY B 1 1  ? -17.539 -5.124  -8.258  1.00 39.89 ? 2236 GLY B N   1 
ATOM   690  C CA  . GLY B 1 1  ? -16.303 -5.723  -8.883  1.00 39.38 ? 2236 GLY B CA  1 
ATOM   691  C C   . GLY B 1 1  ? -16.271 -7.235  -8.838  1.00 38.87 ? 2236 GLY B C   1 
ATOM   692  O O   . GLY B 1 1  ? -16.740 -7.857  -7.881  1.00 41.17 ? 2236 GLY B O   1 
ATOM   693  N N   . GLY B 1 2  ? -15.754 -7.853  -9.889  1.00 37.74 ? 2237 GLY B N   1 
ATOM   694  C CA  . GLY B 1 2  ? -15.678 -9.298  -9.905  1.00 34.94 ? 2237 GLY B CA  1 
ATOM   695  C C   . GLY B 1 2  ? -14.341 -9.745  -9.359  1.00 33.10 ? 2237 GLY B C   1 
ATOM   696  O O   . GLY B 1 2  ? -13.577 -10.375 -10.101 1.00 31.87 ? 2237 GLY B O   1 
ATOM   697  N N   . ALA B 1 3  ? -14.068 -9.435  -8.073  1.00 31.36 ? 2238 ALA B N   1 
ATOM   698  C CA  . ALA B 1 3  ? -12.852 -9.926  -7.376  1.00 30.78 ? 2238 ALA B CA  1 
ATOM   699  C C   . ALA B 1 3  ? -12.742 -11.442 -7.483  1.00 30.13 ? 2238 ALA B C   1 
ATOM   700  O O   . ALA B 1 3  ? -11.640 -11.964 -7.697  1.00 29.10 ? 2238 ALA B O   1 
ATOM   701  C CB  . ALA B 1 3  ? -12.802 -9.481  -5.886  1.00 29.50 ? 2238 ALA B CB  1 
ATOM   702  N N   . HIS B 1 4  ? -13.888 -12.152 -7.431  1.00 30.81 ? 2239 HIS B N   1 
ATOM   703  C CA  . HIS B 1 4  ? -13.879 -13.617 -7.524  1.00 31.93 ? 2239 HIS B CA  1 
ATOM   704  C C   . HIS B 1 4  ? -13.374 -14.092 -8.893  1.00 30.39 ? 2239 HIS B C   1 
ATOM   705  O O   . HIS B 1 4  ? -12.957 -15.239 -9.054  1.00 31.55 ? 2239 HIS B O   1 
ATOM   706  C CB  . HIS B 1 4  ? -15.267 -14.248 -7.144  1.00 32.70 ? 2239 HIS B CB  1 
ATOM   707  C CG  . HIS B 1 4  ? -16.261 -14.271 -8.269  1.00 38.08 ? 2239 HIS B CG  1 
ATOM   708  N ND1 . HIS B 1 4  ? -16.876 -13.131 -8.752  1.00 42.36 ? 2239 HIS B ND1 1 
ATOM   709  C CD2 . HIS B 1 4  ? -16.782 -15.307 -8.978  1.00 41.51 ? 2239 HIS B CD2 1 
ATOM   710  C CE1 . HIS B 1 4  ? -17.705 -13.458 -9.730  1.00 42.12 ? 2239 HIS B CE1 1 
ATOM   711  N NE2 . HIS B 1 4  ? -17.662 -14.772 -9.891  1.00 42.07 ? 2239 HIS B NE2 1 
ATOM   712  N N   . LYS B 1 5  ? -13.376 -13.207 -9.872  1.00 29.97 ? 2240 LYS B N   1 
ATOM   713  C CA  . LYS B 1 5  ? -12.868 -13.580 -11.220 1.00 30.78 ? 2240 LYS B CA  1 
ATOM   714  C C   . LYS B 1 5  ? -11.379 -13.304 -11.426 1.00 29.70 ? 2240 LYS B C   1 
ATOM   715  O O   . LYS B 1 5  ? -10.800 -13.717 -12.422 1.00 29.61 ? 2240 LYS B O   1 
ATOM   716  C CB  . LYS B 1 5  ? -13.687 -12.883 -12.322 1.00 31.26 ? 2240 LYS B CB  1 
ATOM   717  C CG  . LYS B 1 5  ? -15.147 -13.357 -12.343 1.00 34.15 ? 2240 LYS B CG  1 
ATOM   718  C CD  . LYS B 1 5  ? -16.009 -12.294 -12.980 1.00 40.24 ? 2240 LYS B CD  1 
ATOM   719  C CE  . LYS B 1 5  ? -17.495 -12.651 -12.918 1.00 42.89 ? 2240 LYS B CE  1 
ATOM   720  N NZ  . LYS B 1 5  ? -18.295 -11.463 -13.353 1.00 46.08 ? 2240 LYS B NZ  1 
ATOM   721  N N   . VAL B 1 6  ? -10.780 -12.571 -10.486 1.00 29.04 ? 2241 VAL B N   1 
ATOM   722  C CA  . VAL B 1 6  ? -9.339  -12.250 -10.527 1.00 26.50 ? 2241 VAL B CA  1 
ATOM   723  C C   . VAL B 1 6  ? -8.511  -13.440 -10.042 1.00 25.68 ? 2241 VAL B C   1 
ATOM   724  O O   . VAL B 1 6  ? -8.938  -14.175 -9.171  1.00 25.15 ? 2241 VAL B O   1 
ATOM   725  C CB  . VAL B 1 6  ? -9.026  -10.953 -9.668  1.00 26.39 ? 2241 VAL B CB  1 
ATOM   726  C CG1 . VAL B 1 6  ? -7.500  -10.529 -9.744  1.00 24.22 ? 2241 VAL B CG1 1 
ATOM   727  C CG2 . VAL B 1 6  ? -9.926  -9.790  -10.052 1.00 25.61 ? 2241 VAL B CG2 1 
ATOM   728  N N   . ARG B 1 7  ? -7.331  -13.646 -10.635 1.00 24.71 ? 2242 ARG B N   1 
ATOM   729  C CA  . ARG B 1 7  ? -6.374  -14.645 -10.177 1.00 24.76 ? 2242 ARG B CA  1 
ATOM   730  C C   . ARG B 1 7  ? -5.000  -13.997 -9.947  1.00 23.34 ? 2242 ARG B C   1 
ATOM   731  O O   . ARG B 1 7  ? -4.607  -13.136 -10.690 1.00 23.19 ? 2242 ARG B O   1 
ATOM   732  C CB  . ARG B 1 7  ? -6.174  -15.745 -11.220 1.00 25.98 ? 2242 ARG B CB  1 
ATOM   733  C CG  . ARG B 1 7  ? -7.393  -16.610 -11.508 1.00 29.97 ? 2242 ARG B CG  1 
ATOM   734  C CD  . ARG B 1 7  ? -7.873  -17.304 -10.251 1.00 35.27 ? 2242 ARG B CD  1 
ATOM   735  N NE  . ARG B 1 7  ? -9.091  -18.081 -10.534 1.00 41.12 ? 2242 ARG B NE  1 
ATOM   736  C CZ  . ARG B 1 7  ? -10.347 -17.620 -10.462 1.00 41.45 ? 2242 ARG B CZ  1 
ATOM   737  N NH1 . ARG B 1 7  ? -10.608 -16.361 -10.101 1.00 40.24 ? 2242 ARG B NH1 1 
ATOM   738  N NH2 . ARG B 1 7  ? -11.362 -18.440 -10.759 1.00 40.74 ? 2242 ARG B NH2 1 
ATOM   739  N N   . ALA B 1 8  ? -4.252  -14.473 -8.961  1.00 23.70 ? 2243 ALA B N   1 
ATOM   740  C CA  . ALA B 1 8  ? -2.851  -14.040 -8.830  1.00 22.09 ? 2243 ALA B CA  1 
ATOM   741  C C   . ALA B 1 8  ? -2.009  -15.234 -8.520  1.00 22.06 ? 2243 ALA B C   1 
ATOM   742  O O   . ALA B 1 8  ? -2.499  -16.227 -7.968  1.00 22.44 ? 2243 ALA B O   1 
ATOM   743  C CB  . ALA B 1 8  ? -2.707  -12.953 -7.718  1.00 22.75 ? 2243 ALA B CB  1 
ATOM   744  N N   . GLY B 1 9  ? -0.739  -15.153 -8.848  1.00 19.85 ? 2244 GLY B N   1 
ATOM   745  C CA  . GLY B 1 9  ? 0.154   -16.225 -8.487  1.00 20.53 ? 2244 GLY B CA  1 
ATOM   746  C C   . GLY B 1 9  ? 1.581   -15.864 -8.810  1.00 19.49 ? 2244 GLY B C   1 
ATOM   747  O O   . GLY B 1 9  ? 1.850   -14.924 -9.578  1.00 20.23 ? 2244 GLY B O   1 
ATOM   748  N N   . GLY B 1 10 ? 2.499   -16.619 -8.239  1.00 18.96 ? 2245 GLY B N   1 
ATOM   749  C CA  . GLY B 1 10 ? 3.932   -16.370 -8.491  1.00 19.00 ? 2245 GLY B CA  1 
ATOM   750  C C   . GLY B 1 10 ? 4.762   -16.581 -7.218  1.00 18.43 ? 2245 GLY B C   1 
ATOM   751  O O   . GLY B 1 10 ? 4.199   -16.591 -6.113  1.00 19.03 ? 2245 GLY B O   1 
ATOM   752  N N   . PRO B 1 11 ? 6.085   -16.640 -7.370  1.00 18.89 ? 2246 PRO B N   1 
ATOM   753  C CA  . PRO B 1 11 ? 6.979   -16.890 -6.227  1.00 19.75 ? 2246 PRO B CA  1 
ATOM   754  C C   . PRO B 1 11 ? 6.813   -15.862 -5.108  1.00 19.40 ? 2246 PRO B C   1 
ATOM   755  O O   . PRO B 1 11 ? 6.892   -16.231 -3.932  1.00 20.09 ? 2246 PRO B O   1 
ATOM   756  C CB  . PRO B 1 11 ? 8.389   -16.817 -6.821  1.00 20.70 ? 2246 PRO B CB  1 
ATOM   757  C CG  . PRO B 1 11 ? 8.268   -16.298 -8.256  1.00 20.67 ? 2246 PRO B CG  1 
ATOM   758  C CD  . PRO B 1 11 ? 6.804   -16.442 -8.648  1.00 17.86 ? 2246 PRO B CD  1 
ATOM   759  N N   . GLY B 1 12 ? 6.537   -14.586 -5.442  1.00 18.36 ? 2247 GLY B N   1 
ATOM   760  C CA  . GLY B 1 12 ? 6.380   -13.545 -4.383  1.00 17.91 ? 2247 GLY B CA  1 
ATOM   761  C C   . GLY B 1 12 ? 5.144   -13.703 -3.489  1.00 16.39 ? 2247 GLY B C   1 
ATOM   762  O O   . GLY B 1 12 ? 4.993   -12.964 -2.496  1.00 15.31 ? 2247 GLY B O   1 
ATOM   763  N N   . LEU B 1 13 ? 4.245   -14.631 -3.860  1.00 15.74 ? 2248 LEU B N   1 
ATOM   764  C CA  . LEU B 1 13 ? 3.112   -14.934 -3.002  1.00 15.21 ? 2248 LEU B CA  1 
ATOM   765  C C   . LEU B 1 13 ? 3.353   -16.225 -2.173  1.00 16.49 ? 2248 LEU B C   1 
ATOM   766  O O   . LEU B 1 13 ? 2.420   -16.690 -1.476  1.00 17.07 ? 2248 LEU B O   1 
ATOM   767  C CB  . LEU B 1 13 ? 1.823   -15.070 -3.835  1.00 15.87 ? 2248 LEU B CB  1 
ATOM   768  C CG  . LEU B 1 13 ? 1.368   -13.756 -4.514  1.00 16.32 ? 2248 LEU B CG  1 
ATOM   769  C CD1 . LEU B 1 13 ? 0.115   -14.017 -5.417  1.00 20.36 ? 2248 LEU B CD1 1 
ATOM   770  C CD2 . LEU B 1 13 ? 1.141   -12.594 -3.534  1.00 15.48 ? 2248 LEU B CD2 1 
ATOM   771  N N   . GLU B 1 14 ? 4.568   -16.763 -2.257  1.00 16.06 ? 2249 GLU B N   1 
ATOM   772  C CA  . GLU B 1 14 ? 4.907   -18.037 -1.599  1.00 18.83 ? 2249 GLU B CA  1 
ATOM   773  C C   . GLU B 1 14 ? 6.050   -17.890 -0.567  1.00 17.93 ? 2249 GLU B C   1 
ATOM   774  O O   . GLU B 1 14 ? 5.887   -18.247 0.604   1.00 18.50 ? 2249 GLU B O   1 
ATOM   775  C CB  . GLU B 1 14 ? 5.279   -19.096 -2.656  1.00 19.14 ? 2249 GLU B CB  1 
ATOM   776  C CG  . GLU B 1 14 ? 4.099   -19.418 -3.635  1.00 23.12 ? 2249 GLU B CG  1 
ATOM   777  C CD  . GLU B 1 14 ? 4.511   -20.115 -4.964  1.00 25.37 ? 2249 GLU B CD  1 
ATOM   778  O OE1 . GLU B 1 14 ? 5.723   -20.418 -5.197  1.00 32.31 ? 2249 GLU B OE1 1 
ATOM   779  O OE2 . GLU B 1 14 ? 3.611   -20.293 -5.837  1.00 30.19 ? 2249 GLU B OE2 1 
ATOM   780  N N   . ARG B 1 15 ? 7.179   -17.348 -1.013  1.00 18.46 ? 2250 ARG B N   1 
ATOM   781  C CA  . ARG B 1 15 ? 8.408   -17.237 -0.210  1.00 20.21 ? 2250 ARG B CA  1 
ATOM   782  C C   . ARG B 1 15 ? 9.172   -16.055 -0.755  1.00 19.98 ? 2250 ARG B C   1 
ATOM   783  O O   . ARG B 1 15 ? 9.074   -15.730 -1.963  1.00 20.61 ? 2250 ARG B O   1 
ATOM   784  C CB  . ARG B 1 15 ? 9.307   -18.476 -0.335  1.00 22.09 ? 2250 ARG B CB  1 
ATOM   785  C CG  . ARG B 1 15 ? 8.623   -19.793 -0.063  1.00 29.16 ? 2250 ARG B CG  1 
ATOM   786  C CD  . ARG B 1 15 ? 8.410   -20.075 1.430   1.00 36.28 ? 2250 ARG B CD  1 
ATOM   787  N NE  . ARG B 1 15 ? 8.019   -21.482 1.608   1.00 45.76 ? 2250 ARG B NE  1 
ATOM   788  C CZ  . ARG B 1 15 ? 6.773   -21.944 1.498   1.00 50.09 ? 2250 ARG B CZ  1 
ATOM   789  N NH1 . ARG B 1 15 ? 5.760   -21.116 1.226   1.00 53.89 ? 2250 ARG B NH1 1 
ATOM   790  N NH2 . ARG B 1 15 ? 6.526   -23.239 1.659   1.00 51.55 ? 2250 ARG B NH2 1 
ATOM   791  N N   . ALA B 1 16 ? 9.946   -15.385 0.097   1.00 17.58 ? 2251 ALA B N   1 
ATOM   792  C CA  . ALA B 1 16 ? 10.782  -14.317 -0.403  1.00 17.62 ? 2251 ALA B CA  1 
ATOM   793  C C   . ALA B 1 16 ? 12.053  -14.296 0.393   1.00 17.75 ? 2251 ALA B C   1 
ATOM   794  O O   . ALA B 1 16 ? 12.175  -14.999 1.406   1.00 15.69 ? 2251 ALA B O   1 
ATOM   795  C CB  . ALA B 1 16 ? 10.064  -12.930 -0.361  1.00 17.06 ? 2251 ALA B CB  1 
ATOM   796  N N   . GLU B 1 17 ? 13.001  -13.517 -0.104  1.00 19.37 ? 2252 GLU B N   1 
ATOM   797  C CA  . GLU B 1 17 ? 14.280  -13.311 0.586   1.00 20.90 ? 2252 GLU B CA  1 
ATOM   798  C C   . GLU B 1 17 ? 14.423  -11.798 0.914   1.00 20.50 ? 2252 GLU B C   1 
ATOM   799  O O   . GLU B 1 17 ? 14.102  -10.914 0.107   1.00 20.20 ? 2252 GLU B O   1 
ATOM   800  C CB  . GLU B 1 17 ? 15.462  -13.900 -0.252  1.00 20.76 ? 2252 GLU B CB  1 
ATOM   801  C CG  A GLU B 1 17 ? 16.807  -13.768 0.421   0.50 21.27 ? 2252 GLU B CG  1 
ATOM   802  C CG  B GLU B 1 17 ? 15.266  -15.384 -0.618  0.50 21.92 ? 2252 GLU B CG  1 
ATOM   803  C CD  A GLU B 1 17 ? 18.017  -13.867 -0.529  0.50 22.95 ? 2252 GLU B CD  1 
ATOM   804  C CD  B GLU B 1 17 ? 16.539  -16.125 -1.052  0.50 24.15 ? 2252 GLU B CD  1 
ATOM   805  O OE1 A GLU B 1 17 ? 17.899  -14.148 -1.758  0.50 25.02 ? 2252 GLU B OE1 1 
ATOM   806  O OE1 B GLU B 1 17 ? 17.650  -15.605 -0.801  0.50 26.26 ? 2252 GLU B OE1 1 
ATOM   807  O OE2 A GLU B 1 17 ? 19.119  -13.645 -0.013  0.50 24.11 ? 2252 GLU B OE2 1 
ATOM   808  O OE2 B GLU B 1 17 ? 16.420  -17.239 -1.646  0.50 28.34 ? 2252 GLU B OE2 1 
ATOM   809  N N   . ALA B 1 18 ? 14.903  -11.501 2.115   1.00 20.73 ? 2253 ALA B N   1 
ATOM   810  C CA  . ALA B 1 18 ? 15.076  -10.107 2.547   1.00 22.58 ? 2253 ALA B CA  1 
ATOM   811  C C   . ALA B 1 18 ? 15.997  -9.362  1.566   1.00 23.47 ? 2253 ALA B C   1 
ATOM   812  O O   . ALA B 1 18 ? 17.102  -9.845  1.211   1.00 24.40 ? 2253 ALA B O   1 
ATOM   813  C CB  . ALA B 1 18 ? 15.645  -10.038 3.971   1.00 21.13 ? 2253 ALA B CB  1 
ATOM   814  N N   . GLY B 1 19 ? 15.529  -8.196  1.142   1.00 23.00 ? 2254 GLY B N   1 
ATOM   815  C CA  . GLY B 1 19 ? 16.277  -7.337  0.248   1.00 24.37 ? 2254 GLY B CA  1 
ATOM   816  C C   . GLY B 1 19 ? 16.225  -7.710  -1.220  1.00 24.65 ? 2254 GLY B C   1 
ATOM   817  O O   . GLY B 1 19 ? 16.800  -6.989  -2.016  1.00 26.77 ? 2254 GLY B O   1 
ATOM   818  N N   . VAL B 1 20 ? 15.558  -8.812  -1.578  1.00 22.93 ? 2255 VAL B N   1 
ATOM   819  C CA  . VAL B 1 20 ? 15.428  -9.314  -2.966  1.00 22.82 ? 2255 VAL B CA  1 
ATOM   820  C C   . VAL B 1 20 ? 13.977  -9.150  -3.504  1.00 22.48 ? 2255 VAL B C   1 
ATOM   821  O O   . VAL B 1 20 ? 13.030  -9.531  -2.830  1.00 21.26 ? 2255 VAL B O   1 
ATOM   822  C CB  . VAL B 1 20 ? 15.822  -10.835 -3.100  1.00 23.33 ? 2255 VAL B CB  1 
ATOM   823  C CG1 . VAL B 1 20 ? 15.556  -11.376 -4.512  1.00 23.31 ? 2255 VAL B CG1 1 
ATOM   824  C CG2 . VAL B 1 20 ? 17.253  -11.108 -2.640  1.00 25.24 ? 2255 VAL B CG2 1 
ATOM   825  N N   . PRO B 1 21 ? 13.819  -8.607  -4.731  1.00 22.89 ? 2256 PRO B N   1 
ATOM   826  C CA  . PRO B 1 21 ? 12.495  -8.465  -5.306  1.00 21.67 ? 2256 PRO B CA  1 
ATOM   827  C C   . PRO B 1 21 ? 11.666  -9.762  -5.342  1.00 20.86 ? 2256 PRO B C   1 
ATOM   828  O O   . PRO B 1 21 ? 12.112  -10.745 -5.891  1.00 22.03 ? 2256 PRO B O   1 
ATOM   829  C CB  . PRO B 1 21 ? 12.753  -7.915  -6.707  1.00 22.48 ? 2256 PRO B CB  1 
ATOM   830  C CG  . PRO B 1 21 ? 14.084  -7.238  -6.628  1.00 23.60 ? 2256 PRO B CG  1 
ATOM   831  C CD  . PRO B 1 21 ? 14.874  -8.054  -5.609  1.00 23.45 ? 2256 PRO B CD  1 
ATOM   832  N N   . ALA B 1 22 ? 10.459  -9.706  -4.777  1.00 18.11 ? 2257 ALA B N   1 
ATOM   833  C CA  . ALA B 1 22 ? 9.498   -10.803 -4.771  1.00 17.85 ? 2257 ALA B CA  1 
ATOM   834  C C   . ALA B 1 22 ? 8.412   -10.463 -5.799  1.00 18.19 ? 2257 ALA B C   1 
ATOM   835  O O   . ALA B 1 22 ? 7.726   -9.416  -5.683  1.00 18.46 ? 2257 ALA B O   1 
ATOM   836  C CB  . ALA B 1 22 ? 8.894   -10.919 -3.411  1.00 17.62 ? 2257 ALA B CB  1 
ATOM   837  N N   . GLU B 1 23 ? 8.215   -11.369 -6.756  1.00 15.92 ? 2258 GLU B N   1 
ATOM   838  C CA  . GLU B 1 23 ? 7.423   -11.059 -7.940  1.00 17.64 ? 2258 GLU B CA  1 
ATOM   839  C C   . GLU B 1 23 ? 6.235   -11.980 -8.071  1.00 14.89 ? 2258 GLU B C   1 
ATOM   840  O O   . GLU B 1 23 ? 6.320   -13.162 -7.736  1.00 15.49 ? 2258 GLU B O   1 
ATOM   841  C CB  . GLU B 1 23 ? 8.309   -11.106 -9.197  1.00 17.68 ? 2258 GLU B CB  1 
ATOM   842  C CG  . GLU B 1 23 ? 9.633   -10.424 -8.906  1.00 25.73 ? 2258 GLU B CG  1 
ATOM   843  C CD  . GLU B 1 23 ? 10.385  -10.028 -10.139 1.00 35.73 ? 2258 GLU B CD  1 
ATOM   844  O OE1 . GLU B 1 23 ? 9.900   -9.143  -10.881 1.00 39.81 ? 2258 GLU B OE1 1 
ATOM   845  O OE2 . GLU B 1 23 ? 11.466  -10.610 -10.357 1.00 37.87 ? 2258 GLU B OE2 1 
ATOM   846  N N   . PHE B 1 24 ? 5.117   -11.413 -8.509  1.00 14.16 ? 2259 PHE B N   1 
ATOM   847  C CA  . PHE B 1 24 ? 3.932   -12.203 -8.828  1.00 14.93 ? 2259 PHE B CA  1 
ATOM   848  C C   . PHE B 1 24 ? 3.122   -11.458 -9.914  1.00 14.28 ? 2259 PHE B C   1 
ATOM   849  O O   . PHE B 1 24 ? 3.422   -10.295 -10.270 1.00 14.02 ? 2259 PHE B O   1 
ATOM   850  C CB  . PHE B 1 24 ? 3.098   -12.545 -7.545  1.00 12.77 ? 2259 PHE B CB  1 
ATOM   851  C CG  . PHE B 1 24 ? 2.484   -11.353 -6.864  1.00 14.14 ? 2259 PHE B CG  1 
ATOM   852  C CD1 . PHE B 1 24 ? 1.168   -10.921 -7.198  1.00 15.38 ? 2259 PHE B CD1 1 
ATOM   853  C CD2 . PHE B 1 24 ? 3.207   -10.634 -5.893  1.00 13.57 ? 2259 PHE B CD2 1 
ATOM   854  C CE1 . PHE B 1 24 ? 0.569   -9.813  -6.563  1.00 17.08 ? 2259 PHE B CE1 1 
ATOM   855  C CE2 . PHE B 1 24 ? 2.638   -9.550  -5.245  1.00 16.92 ? 2259 PHE B CE2 1 
ATOM   856  C CZ  . PHE B 1 24 ? 1.294   -9.121  -5.541  1.00 17.51 ? 2259 PHE B CZ  1 
ATOM   857  N N   . SER B 1 25 ? 2.150   -12.161 -10.485 1.00 14.69 ? 2260 SER B N   1 
ATOM   858  C CA  . SER B 1 25 ? 1.287   -11.558 -11.513 1.00 15.61 ? 2260 SER B CA  1 
ATOM   859  C C   . SER B 1 25 ? -0.174  -11.632 -11.046 1.00 15.80 ? 2260 SER B C   1 
ATOM   860  O O   . SER B 1 25 ? -0.578  -12.514 -10.253 1.00 14.52 ? 2260 SER B O   1 
ATOM   861  C CB  . SER B 1 25 ? 1.406   -12.250 -12.924 1.00 15.39 ? 2260 SER B CB  1 
ATOM   862  O OG  A SER B 1 25 ? 1.628   -13.626 -12.806 0.50 17.40 ? 2260 SER B OG  1 
ATOM   863  O OG  B SER B 1 25 ? 2.715   -12.368 -13.399 0.50 19.06 ? 2260 SER B OG  1 
ATOM   864  N N   . ILE B 1 26 ? -0.937  -10.697 -11.569 1.00 17.72 ? 2261 ILE B N   1 
ATOM   865  C CA  . ILE B 1 26 ? -2.369  -10.636 -11.367 1.00 19.85 ? 2261 ILE B CA  1 
ATOM   866  C C   . ILE B 1 26 ? -3.003  -10.628 -12.771 1.00 20.89 ? 2261 ILE B C   1 
ATOM   867  O O   . ILE B 1 26 ? -2.528  -9.962  -13.684 1.00 21.01 ? 2261 ILE B O   1 
ATOM   868  C CB  . ILE B 1 26 ? -2.798  -9.358  -10.613 1.00 20.34 ? 2261 ILE B CB  1 
ATOM   869  C CG1 . ILE B 1 26 ? -2.071  -9.235  -9.265  1.00 20.91 ? 2261 ILE B CG1 1 
ATOM   870  C CG2 . ILE B 1 26 ? -4.328  -9.358  -10.376 1.00 19.25 ? 2261 ILE B CG2 1 
ATOM   871  C CD1 . ILE B 1 26 ? -2.220  -7.823  -8.607  1.00 20.94 ? 2261 ILE B CD1 1 
ATOM   872  N N   . TRP B 1 27 ? -4.072  -11.385 -12.930 1.00 23.77 ? 2262 TRP B N   1 
ATOM   873  C CA  . TRP B 1 27 ? -4.845  -11.387 -14.171 1.00 27.19 ? 2262 TRP B CA  1 
ATOM   874  C C   . TRP B 1 27 ? -6.273  -10.966 -13.800 1.00 27.29 ? 2262 TRP B C   1 
ATOM   875  O O   . TRP B 1 27 ? -6.950  -11.656 -13.036 1.00 25.26 ? 2262 TRP B O   1 
ATOM   876  C CB  . TRP B 1 27 ? -4.837  -12.775 -14.794 1.00 30.04 ? 2262 TRP B CB  1 
ATOM   877  C CG  . TRP B 1 27 ? -3.444  -13.348 -15.196 1.00 34.64 ? 2262 TRP B CG  1 
ATOM   878  C CD1 . TRP B 1 27 ? -2.830  -13.269 -16.430 1.00 38.42 ? 2262 TRP B CD1 1 
ATOM   879  C CD2 . TRP B 1 27 ? -2.561  -14.145 -14.373 1.00 37.36 ? 2262 TRP B CD2 1 
ATOM   880  N NE1 . TRP B 1 27 ? -1.624  -13.960 -16.418 1.00 38.03 ? 2262 TRP B NE1 1 
ATOM   881  C CE2 . TRP B 1 27 ? -1.437  -14.501 -15.173 1.00 38.37 ? 2262 TRP B CE2 1 
ATOM   882  C CE3 . TRP B 1 27 ? -2.616  -14.599 -13.046 1.00 39.47 ? 2262 TRP B CE3 1 
ATOM   883  C CZ2 . TRP B 1 27 ? -0.390  -15.271 -14.684 1.00 36.82 ? 2262 TRP B CZ2 1 
ATOM   884  C CZ3 . TRP B 1 27 ? -1.586  -15.375 -12.559 1.00 36.84 ? 2262 TRP B CZ3 1 
ATOM   885  C CH2 . TRP B 1 27 ? -0.481  -15.699 -13.378 1.00 38.20 ? 2262 TRP B CH2 1 
ATOM   886  N N   . THR B 1 28 ? -6.656  -9.782  -14.275 1.00 29.41 ? 2263 THR B N   1 
ATOM   887  C CA  . THR B 1 28 ? -7.954  -9.136  -13.985 1.00 32.29 ? 2263 THR B CA  1 
ATOM   888  C C   . THR B 1 28 ? -8.812  -9.053  -15.247 1.00 34.27 ? 2263 THR B C   1 
ATOM   889  O O   . THR B 1 28 ? -9.915  -8.483  -15.210 1.00 33.47 ? 2263 THR B O   1 
ATOM   890  C CB  . THR B 1 28 ? -7.798  -7.692  -13.455 1.00 31.78 ? 2263 THR B CB  1 
ATOM   891  O OG1 . THR B 1 28 ? -7.096  -6.917  -14.429 1.00 35.89 ? 2263 THR B OG1 1 
ATOM   892  C CG2 . THR B 1 28 ? -6.993  -7.622  -12.155 1.00 30.70 ? 2263 THR B CG2 1 
ATOM   893  N N   . ARG B 1 29 ? -8.311  -9.647  -16.349 1.00 36.72 ? 2264 ARG B N   1 
ATOM   894  C CA  . ARG B 1 29 ? -8.949  -9.573  -17.701 1.00 38.94 ? 2264 ARG B CA  1 
ATOM   895  C C   . ARG B 1 29 ? -10.414 -10.000 -17.729 1.00 39.79 ? 2264 ARG B C   1 
ATOM   896  O O   . ARG B 1 29 ? -11.210 -9.385  -18.410 1.00 40.50 ? 2264 ARG B O   1 
ATOM   897  C CB  . ARG B 1 29 ? -8.152  -10.375 -18.768 1.00 38.98 ? 2264 ARG B CB  1 
ATOM   898  C CG  . ARG B 1 29 ? -8.018  -9.647  -20.090 1.00 40.34 ? 2264 ARG B CG  1 
ATOM   899  C CD  . ARG B 1 29 ? -7.459  -10.475 -21.283 1.00 39.87 ? 2264 ARG B CD  1 
ATOM   900  N NE  . ARG B 1 29 ? -7.971  -9.906  -22.545 1.00 40.78 ? 2264 ARG B NE  1 
ATOM   901  C CZ  . ARG B 1 29 ? -7.772  -8.645  -22.938 1.00 40.26 ? 2264 ARG B CZ  1 
ATOM   902  N NH1 . ARG B 1 29 ? -7.054  -7.822  -22.191 1.00 41.90 ? 2264 ARG B NH1 1 
ATOM   903  N NH2 . ARG B 1 29 ? -8.293  -8.194  -24.073 1.00 38.89 ? 2264 ARG B NH2 1 
ATOM   904  N N   . GLU B 1 30 ? -10.755 -11.058 -17.004 1.00 40.99 ? 2265 GLU B N   1 
ATOM   905  C CA  . GLU B 1 30 ? -12.126 -11.536 -16.910 1.00 42.64 ? 2265 GLU B CA  1 
ATOM   906  C C   . GLU B 1 30 ? -13.007 -10.855 -15.872 1.00 43.07 ? 2265 GLU B C   1 
ATOM   907  O O   . GLU B 1 30 ? -14.217 -11.116 -15.818 1.00 43.55 ? 2265 GLU B O   1 
ATOM   908  C CB  . GLU B 1 30 ? -12.155 -13.062 -16.743 1.00 43.20 ? 2265 GLU B CB  1 
ATOM   909  C CG  . GLU B 1 30 ? -11.598 -13.812 -18.001 1.00 46.82 ? 2265 GLU B CG  1 
ATOM   910  C CD  . GLU B 1 30 ? -12.309 -13.417 -19.313 1.00 50.76 ? 2265 GLU B CD  1 
ATOM   911  O OE1 . GLU B 1 30 ? -13.452 -13.882 -19.540 1.00 51.71 ? 2265 GLU B OE1 1 
ATOM   912  O OE2 . GLU B 1 30 ? -11.725 -12.641 -20.118 1.00 54.04 ? 2265 GLU B OE2 1 
ATOM   913  N N   . ALA B 1 31 ? -12.422 -9.948  -15.091 1.00 43.48 ? 2266 ALA B N   1 
ATOM   914  C CA  . ALA B 1 31 ? -13.096 -9.351  -13.930 1.00 43.63 ? 2266 ALA B CA  1 
ATOM   915  C C   . ALA B 1 31 ? -13.979 -8.157  -14.272 1.00 43.81 ? 2266 ALA B C   1 
ATOM   916  O O   . ALA B 1 31 ? -14.877 -7.809  -13.499 1.00 44.04 ? 2266 ALA B O   1 
ATOM   917  C CB  . ALA B 1 31 ? -12.058 -8.924  -12.893 1.00 42.84 ? 2266 ALA B CB  1 
ATOM   918  N N   . GLY B 1 32 ? -13.671 -7.509  -15.396 1.00 44.46 ? 2267 GLY B N   1 
ATOM   919  C CA  . GLY B 1 32 ? -14.317 -6.266  -15.803 1.00 44.67 ? 2267 GLY B CA  1 
ATOM   920  C C   . GLY B 1 32 ? -13.626 -5.035  -15.249 1.00 45.24 ? 2267 GLY B C   1 
ATOM   921  O O   . GLY B 1 32 ? -12.396 -5.015  -15.055 1.00 45.16 ? 2267 GLY B O   1 
ATOM   922  N N   . ALA B 1 33 ? -14.417 -3.993  -15.000 1.00 44.89 ? 2268 ALA B N   1 
ATOM   923  C CA  . ALA B 1 33 ? -13.866 -2.734  -14.485 1.00 44.21 ? 2268 ALA B CA  1 
ATOM   924  C C   . ALA B 1 33 ? -13.642 -2.818  -12.985 1.00 42.80 ? 2268 ALA B C   1 
ATOM   925  O O   . ALA B 1 33 ? -14.432 -3.434  -12.263 1.00 43.52 ? 2268 ALA B O   1 
ATOM   926  C CB  . ALA B 1 33 ? -14.785 -1.555  -14.830 1.00 44.42 ? 2268 ALA B CB  1 
ATOM   927  N N   . GLY B 1 34 ? -12.561 -2.190  -12.519 1.00 41.69 ? 2269 GLY B N   1 
ATOM   928  C CA  . GLY B 1 34 ? -12.270 -2.142  -11.102 1.00 38.62 ? 2269 GLY B CA  1 
ATOM   929  C C   . GLY B 1 34 ? -10.889 -1.620  -10.804 1.00 36.97 ? 2269 GLY B C   1 
ATOM   930  O O   . GLY B 1 34 ? -10.043 -1.558  -11.693 1.00 37.93 ? 2269 GLY B O   1 
ATOM   931  N N   . GLY B 1 35 ? -10.671 -1.234  -9.554  1.00 33.97 ? 2270 GLY B N   1 
ATOM   932  C CA  . GLY B 1 35 ? -9.367  -0.776  -9.105  1.00 31.29 ? 2270 GLY B CA  1 
ATOM   933  C C   . GLY B 1 35 ? -8.748  -1.906  -8.318  1.00 27.63 ? 2270 GLY B C   1 
ATOM   934  O O   . GLY B 1 35 ? -9.463  -2.737  -7.768  1.00 28.05 ? 2270 GLY B O   1 
ATOM   935  N N   . LEU B 1 36 ? -7.416  -1.956  -8.325  1.00 25.84 ? 2271 LEU B N   1 
ATOM   936  C CA  . LEU B 1 36 ? -6.632  -2.892  -7.520  1.00 23.72 ? 2271 LEU B CA  1 
ATOM   937  C C   . LEU B 1 36 ? -5.969  -2.169  -6.323  1.00 21.79 ? 2271 LEU B C   1 
ATOM   938  O O   . LEU B 1 36 ? -5.528  -1.013  -6.420  1.00 19.77 ? 2271 LEU B O   1 
ATOM   939  C CB  . LEU B 1 36 ? -5.509  -3.524  -8.358  1.00 24.93 ? 2271 LEU B CB  1 
ATOM   940  C CG  . LEU B 1 36 ? -5.870  -4.711  -9.245  1.00 26.59 ? 2271 LEU B CG  1 
ATOM   941  C CD1 . LEU B 1 36 ? -4.669  -5.056  -10.126 1.00 27.68 ? 2271 LEU B CD1 1 
ATOM   942  C CD2 . LEU B 1 36 ? -6.335  -5.917  -8.351  1.00 26.14 ? 2271 LEU B CD2 1 
ATOM   943  N N   . ALA B 1 37 ? -5.962  -2.869  -5.196  1.00 20.85 ? 2272 ALA B N   1 
ATOM   944  C CA  . ALA B 1 37 ? -5.169  -2.474  -4.014  1.00 19.81 ? 2272 ALA B CA  1 
ATOM   945  C C   . ALA B 1 37 ? -4.249  -3.629  -3.607  1.00 18.49 ? 2272 ALA B C   1 
ATOM   946  O O   . ALA B 1 37 ? -4.732  -4.754  -3.451  1.00 18.52 ? 2272 ALA B O   1 
ATOM   947  C CB  . ALA B 1 37 ? -6.062  -2.061  -2.870  1.00 19.46 ? 2272 ALA B CB  1 
ATOM   948  N N   . ILE B 1 38 ? -2.933  -3.354  -3.489  1.00 17.35 ? 2273 ILE B N   1 
ATOM   949  C CA  . ILE B 1 38 ? -1.954  -4.405  -3.120  1.00 16.51 ? 2273 ILE B CA  1 
ATOM   950  C C   . ILE B 1 38 ? -1.326  -3.920  -1.812  1.00 16.93 ? 2273 ILE B C   1 
ATOM   951  O O   . ILE B 1 38 ? -0.765  -2.810  -1.796  1.00 15.92 ? 2273 ILE B O   1 
ATOM   952  C CB  . ILE B 1 38 ? -0.876  -4.598  -4.187  1.00 17.82 ? 2273 ILE B CB  1 
ATOM   953  C CG1 . ILE B 1 38 ? -1.551  -4.976  -5.530  1.00 19.76 ? 2273 ILE B CG1 1 
ATOM   954  C CG2 . ILE B 1 38 ? 0.120   -5.699  -3.717  1.00 16.79 ? 2273 ILE B CG2 1 
ATOM   955  C CD1 . ILE B 1 38 ? -0.784  -4.499  -6.788  1.00 23.76 ? 2273 ILE B CD1 1 
ATOM   956  N N   . ALA B 1 39 ? -1.496  -4.689  -0.733  1.00 16.13 ? 2274 ALA B N   1 
ATOM   957  C CA  . ALA B 1 39 ? -0.948  -4.299  0.578   1.00 17.04 ? 2274 ALA B CA  1 
ATOM   958  C C   . ALA B 1 39 ? 0.045   -5.351  1.073   1.00 16.49 ? 2274 ALA B C   1 
ATOM   959  O O   . ALA B 1 39 ? -0.115  -6.566  0.828   1.00 15.89 ? 2274 ALA B O   1 
ATOM   960  C CB  . ALA B 1 39 ? -2.008  -4.007  1.606   1.00 16.10 ? 2274 ALA B CB  1 
ATOM   961  N N   . VAL B 1 40 ? 1.142   -4.859  1.643   1.00 16.97 ? 2275 VAL B N   1 
ATOM   962  C CA  . VAL B 1 40 ? 2.159   -5.740  2.242   1.00 15.12 ? 2275 VAL B CA  1 
ATOM   963  C C   . VAL B 1 40 ? 2.328   -5.216  3.696   1.00 16.46 ? 2275 VAL B C   1 
ATOM   964  O O   . VAL B 1 40 ? 2.640   -4.015  3.901   1.00 14.24 ? 2275 VAL B O   1 
ATOM   965  C CB  . VAL B 1 40 ? 3.489   -5.679  1.506   1.00 16.18 ? 2275 VAL B CB  1 
ATOM   966  C CG1 . VAL B 1 40 ? 4.591   -6.510  2.258   1.00 17.97 ? 2275 VAL B CG1 1 
ATOM   967  C CG2 . VAL B 1 40 ? 3.375   -6.191  0.050   1.00 14.72 ? 2275 VAL B CG2 1 
ATOM   968  N N   . GLU B 1 41 ? 2.171   -6.118  4.680   1.00 16.02 ? 2276 GLU B N   1 
ATOM   969  C CA  . GLU B 1 41 ? 2.179   -5.735  6.112   1.00 17.92 ? 2276 GLU B CA  1 
ATOM   970  C C   . GLU B 1 41 ? 3.176   -6.658  6.830   1.00 16.24 ? 2276 GLU B C   1 
ATOM   971  O O   . GLU B 1 41 ? 3.159   -7.852  6.621   1.00 15.12 ? 2276 GLU B O   1 
ATOM   972  C CB  . GLU B 1 41 ? 0.786   -5.872  6.756   1.00 18.31 ? 2276 GLU B CB  1 
ATOM   973  C CG  . GLU B 1 41 ? -0.285  -4.876  6.235   1.00 23.53 ? 2276 GLU B CG  1 
ATOM   974  C CD  . GLU B 1 41 ? -1.609  -4.895  7.056   1.00 26.46 ? 2276 GLU B CD  1 
ATOM   975  O OE1 . GLU B 1 41 ? -2.030  -5.991  7.571   1.00 34.52 ? 2276 GLU B OE1 1 
ATOM   976  O OE2 . GLU B 1 41 ? -2.237  -3.814  7.197   1.00 35.62 ? 2276 GLU B OE2 1 
ATOM   977  N N   . GLY B 1 42 ? 4.043   -6.110  7.673   1.00 16.35 ? 2277 GLY B N   1 
ATOM   978  C CA  . GLY B 1 42 ? 4.978   -6.989  8.366   1.00 15.88 ? 2277 GLY B CA  1 
ATOM   979  C C   . GLY B 1 42 ? 6.064   -6.183  9.021   1.00 15.35 ? 2277 GLY B C   1 
ATOM   980  O O   . GLY B 1 42 ? 5.900   -4.985  9.200   1.00 15.88 ? 2277 GLY B O   1 
ATOM   981  N N   . PRO B 1 43 ? 7.197   -6.848  9.360   1.00 18.27 ? 2278 PRO B N   1 
ATOM   982  C CA  . PRO B 1 43 ? 8.293   -6.154  10.169  1.00 16.95 ? 2278 PRO B CA  1 
ATOM   983  C C   . PRO B 1 43 ? 9.073   -4.972  9.523   1.00 17.59 ? 2278 PRO B C   1 
ATOM   984  O O   . PRO B 1 43 ? 9.846   -4.341  10.171  1.00 19.12 ? 2278 PRO B O   1 
ATOM   985  C CB  . PRO B 1 43 ? 9.223   -7.326  10.551  1.00 16.85 ? 2278 PRO B CB  1 
ATOM   986  C CG  . PRO B 1 43 ? 8.940   -8.366  9.562   1.00 19.37 ? 2278 PRO B CG  1 
ATOM   987  C CD  . PRO B 1 43 ? 7.499   -8.280  9.186   1.00 16.39 ? 2278 PRO B CD  1 
ATOM   988  N N   . SER B 1 44 ? 8.780   -4.586  8.288   1.00 19.28 ? 2279 SER B N   1 
ATOM   989  C CA  . SER B 1 44 ? 9.466   -3.429  7.644   1.00 18.00 ? 2279 SER B CA  1 
ATOM   990  C C   . SER B 1 44 ? 8.628   -3.008  6.442   1.00 16.51 ? 2279 SER B C   1 
ATOM   991  O O   . SER B 1 44 ? 7.686   -3.721  6.028   1.00 15.35 ? 2279 SER B O   1 
ATOM   992  C CB  . SER B 1 44 ? 10.912  -3.849  7.146   1.00 17.03 ? 2279 SER B CB  1 
ATOM   993  O OG  . SER B 1 44 ? 10.882  -4.736  6.000   1.00 13.71 ? 2279 SER B OG  1 
ATOM   994  N N   . LYS B 1 45 ? 8.945   -1.834  5.903   1.00 16.62 ? 2280 LYS B N   1 
ATOM   995  C CA  . LYS B 1 45 ? 8.138   -1.239  4.833   1.00 17.55 ? 2280 LYS B CA  1 
ATOM   996  C C   . LYS B 1 45 ? 8.463   -1.814  3.424   1.00 17.24 ? 2280 LYS B C   1 
ATOM   997  O O   . LYS B 1 45 ? 9.590   -1.935  3.035   1.00 18.40 ? 2280 LYS B O   1 
ATOM   998  C CB  . LYS B 1 45 ? 8.331   0.301   4.853   1.00 17.74 ? 2280 LYS B CB  1 
ATOM   999  C CG  . LYS B 1 45 ? 7.390   1.114   3.933   1.00 19.43 ? 2280 LYS B CG  1 
ATOM   1000 C CD  . LYS B 1 45 ? 7.552   2.650   4.177   1.00 19.99 ? 2280 LYS B CD  1 
ATOM   1001 C CE  . LYS B 1 45 ? 8.863   3.200   3.598   1.00 22.19 ? 2280 LYS B CE  1 
ATOM   1002 N NZ  . LYS B 1 45 ? 8.938   4.692   3.773   1.00 22.48 ? 2280 LYS B NZ  1 
ATOM   1003 N N   . ALA B 1 46 ? 7.439   -2.153  2.650   1.00 17.41 ? 2281 ALA B N   1 
ATOM   1004 C CA  . ALA B 1 46 ? 7.666   -2.673  1.315   1.00 16.06 ? 2281 ALA B CA  1 
ATOM   1005 C C   . ALA B 1 46 ? 7.787   -1.526  0.290   1.00 15.99 ? 2281 ALA B C   1 
ATOM   1006 O O   . ALA B 1 46 ? 7.013   -0.554  0.366   1.00 14.57 ? 2281 ALA B O   1 
ATOM   1007 C CB  . ALA B 1 46 ? 6.523   -3.562  0.885   1.00 14.28 ? 2281 ALA B CB  1 
ATOM   1008 N N   . GLU B 1 47 ? 8.708   -1.685  -0.662  1.00 14.81 ? 2282 GLU B N   1 
ATOM   1009 C CA  . GLU B 1 47 ? 8.704   -0.822  -1.894  1.00 15.59 ? 2282 GLU B CA  1 
ATOM   1010 C C   . GLU B 1 47 ? 7.936   -1.678  -2.951  1.00 14.84 ? 2282 GLU B C   1 
ATOM   1011 O O   . GLU B 1 47 ? 8.356   -2.782  -3.246  1.00 15.92 ? 2282 GLU B O   1 
ATOM   1012 C CB  . GLU B 1 47 ? 10.097  -0.585  -2.476  1.00 16.14 ? 2282 GLU B CB  1 
ATOM   1013 C CG  . GLU B 1 47 ? 11.182  -0.070  -1.519  1.00 21.93 ? 2282 GLU B CG  1 
ATOM   1014 C CD  . GLU B 1 47 ? 10.851  1.250   -0.836  1.00 27.28 ? 2282 GLU B CD  1 
ATOM   1015 O OE1 . GLU B 1 47 ? 9.876   1.910   -1.212  1.00 32.61 ? 2282 GLU B OE1 1 
ATOM   1016 O OE2 . GLU B 1 47 ? 11.595  1.647   0.075   1.00 31.64 ? 2282 GLU B OE2 1 
ATOM   1017 N N   . ILE B 1 48 ? 6.903   -1.136  -3.548  1.00 15.16 ? 2283 ILE B N   1 
ATOM   1018 C CA  . ILE B 1 48 ? 6.010   -1.911  -4.437  1.00 15.55 ? 2283 ILE B CA  1 
ATOM   1019 C C   . ILE B 1 48 ? 6.082   -1.271  -5.827  1.00 18.32 ? 2283 ILE B C   1 
ATOM   1020 O O   . ILE B 1 48 ? 5.966   -0.046  -5.949  1.00 18.54 ? 2283 ILE B O   1 
ATOM   1021 C CB  . ILE B 1 48 ? 4.546   -1.929  -3.903  1.00 16.52 ? 2283 ILE B CB  1 
ATOM   1022 C CG1 . ILE B 1 48 ? 4.466   -2.458  -2.435  1.00 15.62 ? 2283 ILE B CG1 1 
ATOM   1023 C CG2 . ILE B 1 48 ? 3.626   -2.746  -4.886  1.00 13.36 ? 2283 ILE B CG2 1 
ATOM   1024 C CD1 . ILE B 1 48 ? 3.059   -2.242  -1.778  1.00 16.28 ? 2283 ILE B CD1 1 
ATOM   1025 N N   . SER B 1 49 ? 6.305   -2.088  -6.863  1.00 18.95 ? 2284 SER B N   1 
ATOM   1026 C CA  . SER B 1 49 ? 6.200   -1.597  -8.252  1.00 20.24 ? 2284 SER B CA  1 
ATOM   1027 C C   . SER B 1 49 ? 5.185   -2.465  -9.021  1.00 21.12 ? 2284 SER B C   1 
ATOM   1028 O O   . SER B 1 49 ? 4.925   -3.648  -8.688  1.00 19.14 ? 2284 SER B O   1 
ATOM   1029 C CB  . SER B 1 49 ? 7.551   -1.588  -8.946  1.00 21.17 ? 2284 SER B CB  1 
ATOM   1030 O OG  . SER B 1 49 ? 8.023   -2.911  -9.108  1.00 24.45 ? 2284 SER B OG  1 
ATOM   1031 N N   . PHE B 1 50 ? 4.562   -1.833  -10.007 1.00 22.63 ? 2285 PHE B N   1 
ATOM   1032 C CA  . PHE B 1 50 ? 3.397   -2.392  -10.700 1.00 23.42 ? 2285 PHE B CA  1 
ATOM   1033 C C   . PHE B 1 50 ? 3.598   -2.117  -12.192 1.00 25.25 ? 2285 PHE B C   1 
ATOM   1034 O O   . PHE B 1 50 ? 4.051   -1.002  -12.587 1.00 23.85 ? 2285 PHE B O   1 
ATOM   1035 C CB  . PHE B 1 50 ? 2.149   -1.682  -10.196 1.00 24.08 ? 2285 PHE B CB  1 
ATOM   1036 C CG  . PHE B 1 50 ? 0.888   -2.163  -10.823 1.00 26.68 ? 2285 PHE B CG  1 
ATOM   1037 C CD1 . PHE B 1 50 ? 0.189   -3.234  -10.270 1.00 28.47 ? 2285 PHE B CD1 1 
ATOM   1038 C CD2 . PHE B 1 50 ? 0.407   -1.570  -11.989 1.00 29.41 ? 2285 PHE B CD2 1 
ATOM   1039 C CE1 . PHE B 1 50 ? -0.982  -3.688  -10.858 1.00 32.03 ? 2285 PHE B CE1 1 
ATOM   1040 C CE2 . PHE B 1 50 ? -0.765  -2.047  -12.589 1.00 28.55 ? 2285 PHE B CE2 1 
ATOM   1041 C CZ  . PHE B 1 50 ? -1.447  -3.078  -12.029 1.00 26.91 ? 2285 PHE B CZ  1 
ATOM   1042 N N   . GLU B 1 51 ? 3.325   -3.130  -13.009 1.00 26.14 ? 2286 GLU B N   1 
ATOM   1043 C CA  . GLU B 1 51 ? 3.506   -2.981  -14.444 1.00 30.01 ? 2286 GLU B CA  1 
ATOM   1044 C C   . GLU B 1 51 ? 2.223   -3.415  -15.142 1.00 28.95 ? 2286 GLU B C   1 
ATOM   1045 O O   . GLU B 1 51 ? 1.830   -4.569  -15.060 1.00 27.60 ? 2286 GLU B O   1 
ATOM   1046 C CB  . GLU B 1 51 ? 4.739   -3.761  -14.919 1.00 29.35 ? 2286 GLU B CB  1 
ATOM   1047 C CG  . GLU B 1 51 ? 5.117   -3.412  -16.368 1.00 36.08 ? 2286 GLU B CG  1 
ATOM   1048 C CD  . GLU B 1 51 ? 6.185   -4.340  -16.965 1.00 37.50 ? 2286 GLU B CD  1 
ATOM   1049 O OE1 . GLU B 1 51 ? 6.544   -5.372  -16.318 1.00 48.08 ? 2286 GLU B OE1 1 
ATOM   1050 O OE2 . GLU B 1 51 ? 6.651   -4.049  -18.106 1.00 47.52 ? 2286 GLU B OE2 1 
ATOM   1051 N N   . ASP B 1 52 ? 1.525   -2.469  -15.771 1.00 30.25 ? 2287 ASP B N   1 
ATOM   1052 C CA  . ASP B 1 52 ? 0.286   -2.789  -16.524 1.00 31.43 ? 2287 ASP B CA  1 
ATOM   1053 C C   . ASP B 1 52 ? 0.779   -3.210  -17.903 1.00 31.40 ? 2287 ASP B C   1 
ATOM   1054 O O   . ASP B 1 52 ? 1.149   -2.375  -18.742 1.00 31.90 ? 2287 ASP B O   1 
ATOM   1055 C CB  . ASP B 1 52 ? -0.641  -1.554  -16.527 1.00 33.50 ? 2287 ASP B CB  1 
ATOM   1056 C CG  . ASP B 1 52 ? -1.836  -1.644  -17.523 1.00 36.70 ? 2287 ASP B CG  1 
ATOM   1057 O OD1 . ASP B 1 52 ? -2.308  -2.747  -17.918 1.00 36.80 ? 2287 ASP B OD1 1 
ATOM   1058 O OD2 . ASP B 1 52 ? -2.314  -0.544  -17.898 1.00 41.42 ? 2287 ASP B OD2 1 
ATOM   1059 N N   . ARG B 1 53 ? 0.866   -4.516  -18.124 1.00 30.23 ? 2288 ARG B N   1 
ATOM   1060 C CA  . ARG B 1 53 ? 1.440   -5.021  -19.380 1.00 30.48 ? 2288 ARG B CA  1 
ATOM   1061 C C   . ARG B 1 53 ? 0.444   -5.046  -20.543 1.00 30.63 ? 2288 ARG B C   1 
ATOM   1062 O O   . ARG B 1 53 ? -0.756  -5.111  -20.348 1.00 31.01 ? 2288 ARG B O   1 
ATOM   1063 C CB  . ARG B 1 53 ? 2.007   -6.403  -19.184 1.00 30.41 ? 2288 ARG B CB  1 
ATOM   1064 C CG  . ARG B 1 53 ? 3.059   -6.472  -18.126 1.00 29.52 ? 2288 ARG B CG  1 
ATOM   1065 C CD  . ARG B 1 53 ? 3.089   -7.851  -17.689 1.00 30.41 ? 2288 ARG B CD  1 
ATOM   1066 N NE  . ARG B 1 53 ? 4.210   -8.069  -16.811 1.00 34.09 ? 2288 ARG B NE  1 
ATOM   1067 C CZ  . ARG B 1 53 ? 4.293   -9.077  -15.969 1.00 30.62 ? 2288 ARG B CZ  1 
ATOM   1068 N NH1 . ARG B 1 53 ? 3.321   -9.993  -15.892 1.00 31.66 ? 2288 ARG B NH1 1 
ATOM   1069 N NH2 . ARG B 1 53 ? 5.367   -9.160  -15.222 1.00 31.30 ? 2288 ARG B NH2 1 
ATOM   1070 N N   . LYS B 1 54 ? 0.962   -5.036  -21.762 1.00 32.50 ? 2289 LYS B N   1 
ATOM   1071 C CA  . LYS B 1 54 ? 0.091   -5.071  -22.960 1.00 33.77 ? 2289 LYS B CA  1 
ATOM   1072 C C   . LYS B 1 54 ? -0.549  -6.471  -23.201 1.00 33.01 ? 2289 LYS B C   1 
ATOM   1073 O O   . LYS B 1 54 ? -1.506  -6.611  -23.972 1.00 31.84 ? 2289 LYS B O   1 
ATOM   1074 C CB  . LYS B 1 54 ? 0.874   -4.574  -24.193 1.00 34.58 ? 2289 LYS B CB  1 
ATOM   1075 C CG  . LYS B 1 54 ? 1.241   -3.081  -24.082 1.00 39.15 ? 2289 LYS B CG  1 
ATOM   1076 C CD  . LYS B 1 54 ? 1.367   -2.426  -25.454 1.00 44.48 ? 2289 LYS B CD  1 
ATOM   1077 C CE  . LYS B 1 54 ? 2.239   -1.169  -25.400 1.00 47.22 ? 2289 LYS B CE  1 
ATOM   1078 N NZ  . LYS B 1 54 ? 3.713   -1.531  -25.469 1.00 49.36 ? 2289 LYS B NZ  1 
ATOM   1079 N N   . ASP B 1 55 ? -0.052  -7.484  -22.472 1.00 32.90 ? 2290 ASP B N   1 
ATOM   1080 C CA  . ASP B 1 55 ? -0.396  -8.888  -22.724 1.00 30.94 ? 2290 ASP B CA  1 
ATOM   1081 C C   . ASP B 1 55 ? -1.535  -9.441  -21.846 1.00 31.91 ? 2290 ASP B C   1 
ATOM   1082 O O   . ASP B 1 55 ? -1.685  -10.655 -21.675 1.00 32.02 ? 2290 ASP B O   1 
ATOM   1083 C CB  . ASP B 1 55 ? 0.832   -9.736  -22.551 1.00 29.90 ? 2290 ASP B CB  1 
ATOM   1084 C CG  . ASP B 1 55 ? 1.267   -9.838  -21.108 1.00 28.50 ? 2290 ASP B CG  1 
ATOM   1085 O OD1 . ASP B 1 55 ? 0.531   -9.384  -20.183 1.00 22.92 ? 2290 ASP B OD1 1 
ATOM   1086 O OD2 . ASP B 1 55 ? 2.354   -10.382 -20.904 1.00 28.97 ? 2290 ASP B OD2 1 
ATOM   1087 N N   . GLY B 1 56 ? -2.335  -8.561  -21.282 1.00 32.99 ? 2291 GLY B N   1 
ATOM   1088 C CA  . GLY B 1 56 ? -3.439  -9.019  -20.448 1.00 33.40 ? 2291 GLY B CA  1 
ATOM   1089 C C   . GLY B 1 56 ? -3.048  -9.393  -19.010 1.00 33.27 ? 2291 GLY B C   1 
ATOM   1090 O O   . GLY B 1 56 ? -3.815  -10.089 -18.318 1.00 35.56 ? 2291 GLY B O   1 
ATOM   1091 N N   . SER B 1 57 ? -1.862  -8.982  -18.561 1.00 30.81 ? 2292 SER B N   1 
ATOM   1092 C CA  . SER B 1 57 ? -1.411  -9.351  -17.197 1.00 27.56 ? 2292 SER B CA  1 
ATOM   1093 C C   . SER B 1 57 ? -0.924  -8.101  -16.496 1.00 26.07 ? 2292 SER B C   1 
ATOM   1094 O O   . SER B 1 57 ? -0.622  -7.105  -17.168 1.00 24.85 ? 2292 SER B O   1 
ATOM   1095 C CB  . SER B 1 57 ? -0.364  -10.476 -17.172 1.00 27.67 ? 2292 SER B CB  1 
ATOM   1096 O OG  . SER B 1 57 ? 0.936   -10.056 -17.605 1.00 24.72 ? 2292 SER B OG  1 
ATOM   1097 N N   . CYS B 1 58 ? -0.882  -8.143  -15.158 1.00 23.58 ? 2293 CYS B N   1 
ATOM   1098 C CA  . CYS B 1 58 ? -0.375  -7.029  -14.332 1.00 22.94 ? 2293 CYS B CA  1 
ATOM   1099 C C   . CYS B 1 58 ? 0.776   -7.617  -13.488 1.00 21.16 ? 2293 CYS B C   1 
ATOM   1100 O O   . CYS B 1 58 ? 0.574   -8.606  -12.823 1.00 21.17 ? 2293 CYS B O   1 
ATOM   1101 C CB  . CYS B 1 58 ? -1.519  -6.499  -13.452 1.00 23.13 ? 2293 CYS B CB  1 
ATOM   1102 S SG  . CYS B 1 58 ? -2.845  -5.509  -14.414 1.00 31.39 ? 2293 CYS B SG  1 
ATOM   1103 N N   . GLY B 1 59 ? 1.971   -7.077  -13.627 1.00 18.55 ? 2294 GLY B N   1 
ATOM   1104 C CA  . GLY B 1 59 ? 3.199   -7.577  -12.948 1.00 18.43 ? 2294 GLY B CA  1 
ATOM   1105 C C   . GLY B 1 59 ? 3.346   -6.761  -11.644 1.00 17.68 ? 2294 GLY B C   1 
ATOM   1106 O O   . GLY B 1 59 ? 3.218   -5.525  -11.671 1.00 16.80 ? 2294 GLY B O   1 
ATOM   1107 N N   . VAL B 1 60 ? 3.574   -7.450  -10.523 1.00 17.11 ? 2295 VAL B N   1 
ATOM   1108 C CA  . VAL B 1 60 ? 3.846   -6.782  -9.242  1.00 16.31 ? 2295 VAL B CA  1 
ATOM   1109 C C   . VAL B 1 60 ? 5.224   -7.228  -8.716  1.00 16.78 ? 2295 VAL B C   1 
ATOM   1110 O O   . VAL B 1 60 ? 5.584   -8.392  -8.858  1.00 16.54 ? 2295 VAL B O   1 
ATOM   1111 C CB  . VAL B 1 60 ? 2.733   -7.091  -8.214  1.00 18.28 ? 2295 VAL B CB  1 
ATOM   1112 C CG1 . VAL B 1 60 ? 2.941   -6.262  -6.833  1.00 15.78 ? 2295 VAL B CG1 1 
ATOM   1113 C CG2 . VAL B 1 60 ? 1.324   -6.837  -8.830  1.00 16.40 ? 2295 VAL B CG2 1 
ATOM   1114 N N   . ALA B 1 61 ? 6.018   -6.295  -8.158  1.00 16.28 ? 2296 ALA B N   1 
ATOM   1115 C CA  . ALA B 1 61 ? 7.229   -6.690  -7.491  1.00 17.38 ? 2296 ALA B CA  1 
ATOM   1116 C C   . ALA B 1 61 ? 7.272   -5.922  -6.155  1.00 17.47 ? 2296 ALA B C   1 
ATOM   1117 O O   . ALA B 1 61 ? 6.844   -4.758  -6.106  1.00 18.79 ? 2296 ALA B O   1 
ATOM   1118 C CB  . ALA B 1 61 ? 8.457   -6.357  -8.342  1.00 18.10 ? 2296 ALA B CB  1 
ATOM   1119 N N   . TYR B 1 62 ? 7.684   -6.584  -5.070  1.00 15.36 ? 2297 TYR B N   1 
ATOM   1120 C CA  . TYR B 1 62 ? 7.920   -5.833  -3.839  1.00 14.40 ? 2297 TYR B CA  1 
ATOM   1121 C C   . TYR B 1 62 ? 9.279   -6.246  -3.225  1.00 14.78 ? 2297 TYR B C   1 
ATOM   1122 O O   . TYR B 1 62 ? 9.772   -7.380  -3.449  1.00 15.01 ? 2297 TYR B O   1 
ATOM   1123 C CB  . TYR B 1 62 ? 6.763   -5.996  -2.823  1.00 14.42 ? 2297 TYR B CB  1 
ATOM   1124 C CG  . TYR B 1 62 ? 6.629   -7.420  -2.309  1.00 15.78 ? 2297 TYR B CG  1 
ATOM   1125 C CD1 . TYR B 1 62 ? 5.811   -8.348  -2.956  1.00 13.41 ? 2297 TYR B CD1 1 
ATOM   1126 C CD2 . TYR B 1 62 ? 7.277   -7.821  -1.135  1.00 15.21 ? 2297 TYR B CD2 1 
ATOM   1127 C CE1 . TYR B 1 62 ? 5.630   -9.613  -2.452  1.00 12.43 ? 2297 TYR B CE1 1 
ATOM   1128 C CE2 . TYR B 1 62 ? 7.145   -9.111  -0.639  1.00 15.27 ? 2297 TYR B CE2 1 
ATOM   1129 C CZ  . TYR B 1 62 ? 6.318   -10.004 -1.288  1.00 18.10 ? 2297 TYR B CZ  1 
ATOM   1130 O OH  . TYR B 1 62 ? 6.211   -11.284 -0.782  1.00 17.69 ? 2297 TYR B OH  1 
ATOM   1131 N N   . VAL B 1 63 ? 9.885   -5.321  -2.462  1.00 15.06 ? 2298 VAL B N   1 
ATOM   1132 C CA  . VAL B 1 63 ? 11.075  -5.678  -1.683  1.00 13.53 ? 2298 VAL B CA  1 
ATOM   1133 C C   . VAL B 1 63 ? 10.835  -5.228  -0.270  1.00 13.46 ? 2298 VAL B C   1 
ATOM   1134 O O   . VAL B 1 63 ? 10.407  -4.105  -0.036  1.00 12.44 ? 2298 VAL B O   1 
ATOM   1135 C CB  . VAL B 1 63 ? 12.407  -4.944  -2.245  1.00 15.30 ? 2298 VAL B CB  1 
ATOM   1136 C CG1 A VAL B 1 63 ? 13.668  -5.532  -1.644  0.50 16.24 ? 2298 VAL B CG1 1 
ATOM   1137 C CG1 B VAL B 1 63 ? 12.163  -3.479  -2.449  0.50 13.82 ? 2298 VAL B CG1 1 
ATOM   1138 C CG2 A VAL B 1 63 ? 12.509  -5.066  -3.751  0.50 11.33 ? 2298 VAL B CG2 1 
ATOM   1139 C CG2 B VAL B 1 63 ? 13.598  -5.112  -1.305  0.50 16.32 ? 2298 VAL B CG2 1 
ATOM   1140 N N   . VAL B 1 64 ? 11.242  -6.086  0.681   1.00 13.31 ? 2299 VAL B N   1 
ATOM   1141 C CA  . VAL B 1 64 ? 11.213  -5.729  2.086   1.00 14.64 ? 2299 VAL B CA  1 
ATOM   1142 C C   . VAL B 1 64 ? 12.603  -6.028  2.643   1.00 15.55 ? 2299 VAL B C   1 
ATOM   1143 O O   . VAL B 1 64 ? 13.253  -6.986  2.238   1.00 15.59 ? 2299 VAL B O   1 
ATOM   1144 C CB  . VAL B 1 64 ? 10.117  -6.510  2.843   1.00 14.98 ? 2299 VAL B CB  1 
ATOM   1145 C CG1 . VAL B 1 64 ? 8.707   -5.971  2.418   1.00 14.08 ? 2299 VAL B CG1 1 
ATOM   1146 C CG2 . VAL B 1 64 ? 10.278  -8.029  2.587   1.00 14.79 ? 2299 VAL B CG2 1 
ATOM   1147 N N   . GLN B 1 65 ? 13.073  -5.189  3.545   1.00 16.93 ? 2300 GLN B N   1 
ATOM   1148 C CA  . GLN B 1 65 ? 14.462  -5.350  4.004   1.00 19.69 ? 2300 GLN B CA  1 
ATOM   1149 C C   . GLN B 1 65 ? 14.632  -6.302  5.166   1.00 19.57 ? 2300 GLN B C   1 
ATOM   1150 O O   . GLN B 1 65 ? 15.697  -6.881  5.331   1.00 20.79 ? 2300 GLN B O   1 
ATOM   1151 C CB  . GLN B 1 65 ? 15.066  -3.965  4.360   1.00 21.89 ? 2300 GLN B CB  1 
ATOM   1152 C CG  . GLN B 1 65 ? 15.403  -3.123  3.119   1.00 26.92 ? 2300 GLN B CG  1 
ATOM   1153 C CD  . GLN B 1 65 ? 16.342  -3.818  2.083   1.00 30.73 ? 2300 GLN B CD  1 
ATOM   1154 O OE1 . GLN B 1 65 ? 17.269  -4.533  2.429   1.00 32.21 ? 2300 GLN B OE1 1 
ATOM   1155 N NE2 . GLN B 1 65 ? 16.073  -3.580  0.811   1.00 35.19 ? 2300 GLN B NE2 1 
ATOM   1156 N N   . GLU B 1 66 ? 13.613  -6.437  5.996   1.00 18.45 ? 2301 GLU B N   1 
ATOM   1157 C CA  . GLU B 1 66 ? 13.734  -7.256  7.218   1.00 18.90 ? 2301 GLU B CA  1 
ATOM   1158 C C   . GLU B 1 66 ? 13.123  -8.648  7.023   1.00 18.00 ? 2301 GLU B C   1 
ATOM   1159 O O   . GLU B 1 66 ? 11.999  -8.748  6.448   1.00 15.87 ? 2301 GLU B O   1 
ATOM   1160 C CB  . GLU B 1 66 ? 13.008  -6.579  8.386   1.00 18.98 ? 2301 GLU B CB  1 
ATOM   1161 C CG  . GLU B 1 66 ? 13.676  -5.316  8.910   1.00 24.54 ? 2301 GLU B CG  1 
ATOM   1162 C CD  . GLU B 1 66 ? 15.181  -5.520  9.199   1.00 33.28 ? 2301 GLU B CD  1 
ATOM   1163 O OE1 . GLU B 1 66 ? 15.516  -6.449  9.965   1.00 32.48 ? 2301 GLU B OE1 1 
ATOM   1164 O OE2 . GLU B 1 66 ? 16.017  -4.760  8.640   1.00 34.53 ? 2301 GLU B OE2 1 
ATOM   1165 N N   . PRO B 1 67 ? 13.807  -9.705  7.545   1.00 17.21 ? 2302 PRO B N   1 
ATOM   1166 C CA  . PRO B 1 67 ? 13.253  -11.059 7.568   1.00 16.52 ? 2302 PRO B CA  1 
ATOM   1167 C C   . PRO B 1 67 ? 12.007  -11.139 8.452   1.00 15.68 ? 2302 PRO B C   1 
ATOM   1168 O O   . PRO B 1 67 ? 11.849  -10.329 9.387   1.00 15.60 ? 2302 PRO B O   1 
ATOM   1169 C CB  . PRO B 1 67 ? 14.358  -11.924 8.196   1.00 16.68 ? 2302 PRO B CB  1 
ATOM   1170 C CG  . PRO B 1 67 ? 15.482  -11.024 8.532   1.00 18.50 ? 2302 PRO B CG  1 
ATOM   1171 C CD  . PRO B 1 67 ? 15.130  -9.606  8.204   1.00 18.61 ? 2302 PRO B CD  1 
ATOM   1172 N N   . GLY B 1 68 ? 11.157  -12.109 8.192   1.00 14.80 ? 2303 GLY B N   1 
ATOM   1173 C CA  . GLY B 1 68 ? 9.982   -12.329 9.046   1.00 16.28 ? 2303 GLY B CA  1 
ATOM   1174 C C   . GLY B 1 68 ? 8.746   -12.680 8.240   1.00 16.05 ? 2303 GLY B C   1 
ATOM   1175 O O   . GLY B 1 68 ? 8.842   -12.894 7.059   1.00 14.90 ? 2303 GLY B O   1 
ATOM   1176 N N   . ASP B 1 69 ? 7.578   -12.708 8.893   1.00 15.80 ? 2304 ASP B N   1 
ATOM   1177 C CA  . ASP B 1 69 ? 6.336   -13.072 8.236   1.00 15.69 ? 2304 ASP B CA  1 
ATOM   1178 C C   . ASP B 1 69 ? 5.602   -11.814 7.736   1.00 14.92 ? 2304 ASP B C   1 
ATOM   1179 O O   . ASP B 1 69 ? 5.326   -10.862 8.510   1.00 13.20 ? 2304 ASP B O   1 
ATOM   1180 C CB  . ASP B 1 69 ? 5.427   -13.819 9.189   1.00 16.34 ? 2304 ASP B CB  1 
ATOM   1181 C CG  . ASP B 1 69 ? 5.947   -15.207 9.492   1.00 21.15 ? 2304 ASP B CG  1 
ATOM   1182 O OD1 . ASP B 1 69 ? 6.714   -15.743 8.664   1.00 19.55 ? 2304 ASP B OD1 1 
ATOM   1183 O OD2 . ASP B 1 69 ? 5.553   -15.747 10.545  1.00 24.28 ? 2304 ASP B OD2 1 
ATOM   1184 N N   . TYR B 1 70 ? 5.274   -11.857 6.447   1.00 14.05 ? 2305 TYR B N   1 
ATOM   1185 C CA  . TYR B 1 70 ? 4.554   -10.743 5.838   1.00 14.17 ? 2305 TYR B CA  1 
ATOM   1186 C C   . TYR B 1 70 ? 3.209   -11.229 5.347   1.00 15.40 ? 2305 TYR B C   1 
ATOM   1187 O O   . TYR B 1 70 ? 3.041   -12.403 5.008   1.00 16.68 ? 2305 TYR B O   1 
ATOM   1188 C CB  . TYR B 1 70 ? 5.337   -10.149 4.668   1.00 14.75 ? 2305 TYR B CB  1 
ATOM   1189 C CG  . TYR B 1 70 ? 6.598   -9.398  5.108   1.00 11.38 ? 2305 TYR B CG  1 
ATOM   1190 C CD1 . TYR B 1 70 ? 6.596   -8.014  5.210   1.00 13.30 ? 2305 TYR B CD1 1 
ATOM   1191 C CD2 . TYR B 1 70 ? 7.745   -10.095 5.469   1.00 14.72 ? 2305 TYR B CD2 1 
ATOM   1192 C CE1 . TYR B 1 70 ? 7.737   -7.278  5.666   1.00 14.20 ? 2305 TYR B CE1 1 
ATOM   1193 C CE2 . TYR B 1 70 ? 8.898   -9.402  5.903   1.00 12.06 ? 2305 TYR B CE2 1 
ATOM   1194 C CZ  . TYR B 1 70 ? 8.873   -7.992  6.012   1.00 13.63 ? 2305 TYR B CZ  1 
ATOM   1195 O OH  . TYR B 1 70 ? 10.024  -7.338  6.425   1.00 11.62 ? 2305 TYR B OH  1 
ATOM   1196 N N   . GLU B 1 71 ? 2.241   -10.330 5.349   1.00 16.13 ? 2306 GLU B N   1 
ATOM   1197 C CA  . GLU B 1 71 ? 0.911   -10.626 4.794   1.00 17.50 ? 2306 GLU B CA  1 
ATOM   1198 C C   . GLU B 1 71 ? 0.749   -9.796  3.543   1.00 15.63 ? 2306 GLU B C   1 
ATOM   1199 O O   . GLU B 1 71 ? 0.893   -8.562  3.615   1.00 16.79 ? 2306 GLU B O   1 
ATOM   1200 C CB  . GLU B 1 71 ? -0.177  -10.230 5.784   1.00 19.24 ? 2306 GLU B CB  1 
ATOM   1201 C CG  . GLU B 1 71 ? -0.715  -11.417 6.553   1.00 29.00 ? 2306 GLU B CG  1 
ATOM   1202 C CD  . GLU B 1 71 ? -2.035  -11.091 7.274   1.00 36.66 ? 2306 GLU B CD  1 
ATOM   1203 O OE1 . GLU B 1 71 ? -2.930  -10.434 6.653   1.00 41.98 ? 2306 GLU B OE1 1 
ATOM   1204 O OE2 . GLU B 1 71 ? -2.151  -11.485 8.462   1.00 40.24 ? 2306 GLU B OE2 1 
ATOM   1205 N N   . VAL B 1 72 ? 0.456   -10.455 2.427   1.00 14.59 ? 2307 VAL B N   1 
ATOM   1206 C CA  . VAL B 1 72 ? 0.280   -9.781  1.114   1.00 14.63 ? 2307 VAL B CA  1 
ATOM   1207 C C   . VAL B 1 72 ? -1.181  -9.898  0.726   1.00 15.51 ? 2307 VAL B C   1 
ATOM   1208 O O   . VAL B 1 72 ? -1.718  -11.036 0.616   1.00 16.37 ? 2307 VAL B O   1 
ATOM   1209 C CB  . VAL B 1 72 ? 1.213   -10.334 -0.051  1.00 15.50 ? 2307 VAL B CB  1 
ATOM   1210 C CG1 . VAL B 1 72 ? 0.925   -9.547  -1.370  1.00 14.59 ? 2307 VAL B CG1 1 
ATOM   1211 C CG2 . VAL B 1 72 ? 2.742   -10.230 0.353   1.00 15.89 ? 2307 VAL B CG2 1 
ATOM   1212 N N   . SER B 1 73 ? -1.838  -8.752  0.612   1.00 16.12 ? 2308 SER B N   1 
ATOM   1213 C CA  . SER B 1 73 ? -3.284  -8.746  0.283   1.00 17.12 ? 2308 SER B CA  1 
ATOM   1214 C C   . SER B 1 73 ? -3.485  -8.156  -1.125  1.00 16.99 ? 2308 SER B C   1 
ATOM   1215 O O   . SER B 1 73 ? -2.783  -7.217  -1.527  1.00 16.22 ? 2308 SER B O   1 
ATOM   1216 C CB  . SER B 1 73 ? -4.124  -7.981  1.315   1.00 15.95 ? 2308 SER B CB  1 
ATOM   1217 O OG  A SER B 1 73 ? -3.954  -8.381  2.683   0.50 15.99 ? 2308 SER B OG  1 
ATOM   1218 O OG  B SER B 1 73 ? -3.901  -6.611  1.207   0.50 18.09 ? 2308 SER B OG  1 
ATOM   1219 N N   . VAL B 1 74 ? -4.410  -8.759  -1.897  1.00 17.61 ? 2309 VAL B N   1 
ATOM   1220 C CA  . VAL B 1 74 ? -4.704  -8.260  -3.215  1.00 17.24 ? 2309 VAL B CA  1 
ATOM   1221 C C   . VAL B 1 74 ? -6.238  -8.075  -3.240  1.00 17.32 ? 2309 VAL B C   1 
ATOM   1222 O O   . VAL B 1 74 ? -6.980  -9.064  -3.033  1.00 16.28 ? 2309 VAL B O   1 
ATOM   1223 C CB  . VAL B 1 74 ? -4.172  -9.211  -4.376  1.00 18.68 ? 2309 VAL B CB  1 
ATOM   1224 C CG1 . VAL B 1 74 ? -4.523  -8.659  -5.773  1.00 16.52 ? 2309 VAL B CG1 1 
ATOM   1225 C CG2 . VAL B 1 74 ? -2.615  -9.398  -4.324  1.00 17.45 ? 2309 VAL B CG2 1 
ATOM   1226 N N   . LYS B 1 75 ? -6.686  -6.823  -3.413  1.00 17.66 ? 2310 LYS B N   1 
ATOM   1227 C CA  . LYS B 1 75 ? -8.132  -6.548  -3.398  1.00 20.45 ? 2310 LYS B CA  1 
ATOM   1228 C C   . LYS B 1 75 ? -8.526  -5.900  -4.711  1.00 21.55 ? 2310 LYS B C   1 
ATOM   1229 O O   . LYS B 1 75 ? -7.806  -5.059  -5.201  1.00 21.42 ? 2310 LYS B O   1 
ATOM   1230 C CB  . LYS B 1 75 ? -8.505  -5.658  -2.211  1.00 20.19 ? 2310 LYS B CB  1 
ATOM   1231 C CG  . LYS B 1 75 ? -8.188  -6.317  -0.859  1.00 22.00 ? 2310 LYS B CG  1 
ATOM   1232 C CD  . LYS B 1 75 ? -8.495  -5.347  0.262   1.00 23.75 ? 2310 LYS B CD  1 
ATOM   1233 C CE  . LYS B 1 75 ? -8.161  -5.957  1.609   1.00 28.39 ? 2310 LYS B CE  1 
ATOM   1234 N NZ  . LYS B 1 75 ? -8.900  -5.124  2.641   1.00 29.55 ? 2310 LYS B NZ  1 
ATOM   1235 N N   . PHE B 1 76 ? -9.668  -6.314  -5.286  1.00 23.15 ? 2311 PHE B N   1 
ATOM   1236 C CA  . PHE B 1 76 ? -10.214 -5.734  -6.548  1.00 24.28 ? 2311 PHE B CA  1 
ATOM   1237 C C   . PHE B 1 76 ? -11.575 -5.138  -6.209  1.00 25.69 ? 2311 PHE B C   1 
ATOM   1238 O O   . PHE B 1 76 ? -12.404 -5.824  -5.635  1.00 24.40 ? 2311 PHE B O   1 
ATOM   1239 C CB  . PHE B 1 76 ? -10.423 -6.850  -7.568  1.00 25.74 ? 2311 PHE B CB  1 
ATOM   1240 C CG  . PHE B 1 76 ? -10.870 -6.360  -8.918  1.00 27.32 ? 2311 PHE B CG  1 
ATOM   1241 C CD1 . PHE B 1 76 ? -9.942  -5.825  -9.810  1.00 28.90 ? 2311 PHE B CD1 1 
ATOM   1242 C CD2 . PHE B 1 76 ? -12.215 -6.471  -9.312  1.00 29.46 ? 2311 PHE B CD2 1 
ATOM   1243 C CE1 . PHE B 1 76 ? -10.342 -5.402  -11.077 1.00 31.14 ? 2311 PHE B CE1 1 
ATOM   1244 C CE2 . PHE B 1 76 ? -12.633 -6.040  -10.569 1.00 25.60 ? 2311 PHE B CE2 1 
ATOM   1245 C CZ  . PHE B 1 76 ? -11.704 -5.523  -11.451 1.00 28.93 ? 2311 PHE B CZ  1 
ATOM   1246 N N   . ASN B 1 77 ? -11.790 -3.863  -6.515  1.00 27.54 ? 2312 ASN B N   1 
ATOM   1247 C CA  . ASN B 1 77 ? -13.009 -3.185  -6.012  1.00 30.77 ? 2312 ASN B CA  1 
ATOM   1248 C C   . ASN B 1 77 ? -13.267 -3.482  -4.532  1.00 31.36 ? 2312 ASN B C   1 
ATOM   1249 O O   . ASN B 1 77 ? -14.411 -3.736  -4.129  1.00 31.96 ? 2312 ASN B O   1 
ATOM   1250 C CB  . ASN B 1 77 ? -14.227 -3.538  -6.863  1.00 30.17 ? 2312 ASN B CB  1 
ATOM   1251 C CG  . ASN B 1 77 ? -14.115 -2.985  -8.269  1.00 31.09 ? 2312 ASN B CG  1 
ATOM   1252 O OD1 . ASN B 1 77 ? -14.667 -3.530  -9.222  1.00 33.96 ? 2312 ASN B OD1 1 
ATOM   1253 N ND2 . ASN B 1 77 ? -13.390 -1.901  -8.403  1.00 33.50 ? 2312 ASN B ND2 1 
ATOM   1254 N N   . GLU B 1 78 ? -12.168 -3.485  -3.763  1.00 31.47 ? 2313 GLU B N   1 
ATOM   1255 C CA  . GLU B 1 78 ? -12.119 -3.609  -2.296  1.00 32.38 ? 2313 GLU B CA  1 
ATOM   1256 C C   . GLU B 1 78 ? -12.543 -4.947  -1.690  1.00 30.44 ? 2313 GLU B C   1 
ATOM   1257 O O   . GLU B 1 78 ? -12.804 -5.060  -0.475  1.00 30.88 ? 2313 GLU B O   1 
ATOM   1258 C CB  . GLU B 1 78 ? -12.798 -2.408  -1.613  1.00 32.97 ? 2313 GLU B CB  1 
ATOM   1259 C CG  . GLU B 1 78 ? -11.950 -1.114  -1.771  1.00 36.66 ? 2313 GLU B CG  1 
ATOM   1260 C CD  . GLU B 1 78 ? -12.682 0.183   -1.383  1.00 37.85 ? 2313 GLU B CD  1 
ATOM   1261 O OE1 . GLU B 1 78 ? -13.949 0.197   -1.322  1.00 42.17 ? 2313 GLU B OE1 1 
ATOM   1262 O OE2 . GLU B 1 78 ? -11.963 1.205   -1.140  1.00 42.89 ? 2313 GLU B OE2 1 
ATOM   1263 N N   . GLU B 1 79 ? -12.569 -5.987  -2.509  1.00 28.40 ? 2314 GLU B N   1 
ATOM   1264 C CA  . GLU B 1 79 ? -12.764 -7.314  -1.979  1.00 28.43 ? 2314 GLU B CA  1 
ATOM   1265 C C   . GLU B 1 79 ? -11.512 -8.110  -2.202  1.00 25.51 ? 2314 GLU B C   1 
ATOM   1266 O O   . GLU B 1 79 ? -10.938 -8.024  -3.274  1.00 23.92 ? 2314 GLU B O   1 
ATOM   1267 C CB  . GLU B 1 79 ? -13.917 -8.026  -2.682  1.00 27.73 ? 2314 GLU B CB  1 
ATOM   1268 C CG  . GLU B 1 79 ? -15.305 -7.398  -2.380  1.00 33.52 ? 2314 GLU B CG  1 
ATOM   1269 C CD  . GLU B 1 79 ? -16.476 -8.166  -3.055  1.00 35.28 ? 2314 GLU B CD  1 
ATOM   1270 O OE1 . GLU B 1 79 ? -16.351 -8.627  -4.229  1.00 43.09 ? 2314 GLU B OE1 1 
ATOM   1271 O OE2 . GLU B 1 79 ? -17.539 -8.300  -2.397  1.00 44.02 ? 2314 GLU B OE2 1 
ATOM   1272 N N   . HIS B 1 80 ? -11.148 -8.957  -1.238  1.00 24.28 ? 2315 HIS B N   1 
ATOM   1273 C CA  . HIS B 1 80 ? -10.059 -9.900  -1.427  1.00 23.08 ? 2315 HIS B CA  1 
ATOM   1274 C C   . HIS B 1 80 ? -10.346 -10.794 -2.642  1.00 23.60 ? 2315 HIS B C   1 
ATOM   1275 O O   . HIS B 1 80 ? -11.469 -11.337 -2.805  1.00 22.47 ? 2315 HIS B O   1 
ATOM   1276 C CB  . HIS B 1 80 ? -9.863  -10.791 -0.185  1.00 22.57 ? 2315 HIS B CB  1 
ATOM   1277 C CG  . HIS B 1 80 ? -9.157  -10.116 0.965   1.00 23.72 ? 2315 HIS B CG  1 
ATOM   1278 N ND1 . HIS B 1 80 ? -7.788  -9.939  0.994   1.00 22.60 ? 2315 HIS B ND1 1 
ATOM   1279 C CD2 . HIS B 1 80 ? -9.632  -9.584  2.125   1.00 24.14 ? 2315 HIS B CD2 1 
ATOM   1280 C CE1 . HIS B 1 80 ? -7.446  -9.344  2.125   1.00 23.86 ? 2315 HIS B CE1 1 
ATOM   1281 N NE2 . HIS B 1 80 ? -8.542  -9.130  2.836   1.00 24.94 ? 2315 HIS B NE2 1 
ATOM   1282 N N   . ILE B 1 81 ? -9.348  -10.958 -3.497  1.00 21.53 ? 2316 ILE B N   1 
ATOM   1283 C CA  . ILE B 1 81 ? -9.415  -11.932 -4.602  1.00 21.30 ? 2316 ILE B CA  1 
ATOM   1284 C C   . ILE B 1 81 ? -9.285  -13.319 -3.990  1.00 22.73 ? 2316 ILE B C   1 
ATOM   1285 O O   . ILE B 1 81 ? -8.969  -13.429 -2.777  1.00 23.44 ? 2316 ILE B O   1 
ATOM   1286 C CB  . ILE B 1 81 ? -8.285  -11.660 -5.687  1.00 20.99 ? 2316 ILE B CB  1 
ATOM   1287 C CG1 . ILE B 1 81 ? -6.875  -12.003 -5.129  1.00 19.90 ? 2316 ILE B CG1 1 
ATOM   1288 C CG2 . ILE B 1 81 ? -8.387  -10.189 -6.301  1.00 20.22 ? 2316 ILE B CG2 1 
ATOM   1289 C CD1 . ILE B 1 81 ? -5.837  -12.133 -6.282  1.00 19.59 ? 2316 ILE B CD1 1 
ATOM   1290 N N   . PRO B 1 82 ? -9.530  -14.393 -4.776  1.00 23.74 ? 2317 PRO B N   1 
ATOM   1291 C CA  . PRO B 1 82 ? -9.303  -15.760 -4.276  1.00 23.87 ? 2317 PRO B CA  1 
ATOM   1292 C C   . PRO B 1 82 ? -7.872  -15.975 -3.759  1.00 23.91 ? 2317 PRO B C   1 
ATOM   1293 O O   . PRO B 1 82 ? -6.910  -15.522 -4.394  1.00 22.77 ? 2317 PRO B O   1 
ATOM   1294 C CB  . PRO B 1 82 ? -9.551  -16.632 -5.530  1.00 24.25 ? 2317 PRO B CB  1 
ATOM   1295 C CG  . PRO B 1 82 ? -10.595 -15.862 -6.289  1.00 24.10 ? 2317 PRO B CG  1 
ATOM   1296 C CD  . PRO B 1 82 ? -10.048 -14.427 -6.164  1.00 23.76 ? 2317 PRO B CD  1 
ATOM   1297 N N   . ASP B 1 83 ? -7.761  -16.616 -2.591  1.00 21.88 ? 2318 ASP B N   1 
ATOM   1298 C CA  . ASP B 1 83 ? -6.472  -16.897 -1.928  1.00 22.77 ? 2318 ASP B CA  1 
ATOM   1299 C C   . ASP B 1 83 ? -5.793  -15.716 -1.192  1.00 20.84 ? 2318 ASP B C   1 
ATOM   1300 O O   . ASP B 1 83 ? -4.803  -15.918 -0.477  1.00 21.41 ? 2318 ASP B O   1 
ATOM   1301 C CB  . ASP B 1 83 ? -5.491  -17.619 -2.882  1.00 22.76 ? 2318 ASP B CB  1 
ATOM   1302 C CG  . ASP B 1 83 ? -6.045  -18.974 -3.407  1.00 27.07 ? 2318 ASP B CG  1 
ATOM   1303 O OD1 . ASP B 1 83 ? -6.794  -19.617 -2.679  1.00 29.25 ? 2318 ASP B OD1 1 
ATOM   1304 O OD2 . ASP B 1 83 ? -5.693  -19.382 -4.530  1.00 30.85 ? 2318 ASP B OD2 1 
ATOM   1305 N N   . SER B 1 84 ? -6.334  -14.496 -1.328  1.00 20.66 ? 2319 SER B N   1 
ATOM   1306 C CA  . SER B 1 84 ? -5.851  -13.381 -0.540  1.00 19.97 ? 2319 SER B CA  1 
ATOM   1307 C C   . SER B 1 84 ? -6.546  -13.344 0.838   1.00 20.31 ? 2319 SER B C   1 
ATOM   1308 O O   . SER B 1 84 ? -7.783  -13.546 0.913   1.00 21.69 ? 2319 SER B O   1 
ATOM   1309 C CB  . SER B 1 84 ? -6.114  -12.086 -1.295  1.00 18.96 ? 2319 SER B CB  1 
ATOM   1310 O OG  . SER B 1 84 ? -5.678  -10.960 -0.524  1.00 18.38 ? 2319 SER B OG  1 
ATOM   1311 N N   . PRO B 1 85 ? -5.810  -13.007 1.924   1.00 20.31 ? 2320 PRO B N   1 
ATOM   1312 C CA  . PRO B 1 85 ? -4.384  -12.591 1.996   1.00 19.95 ? 2320 PRO B CA  1 
ATOM   1313 C C   . PRO B 1 85 ? -3.450  -13.768 2.022   1.00 19.16 ? 2320 PRO B C   1 
ATOM   1314 O O   . PRO B 1 85 ? -3.799  -14.866 2.501   1.00 19.26 ? 2320 PRO B O   1 
ATOM   1315 C CB  . PRO B 1 85 ? -4.309  -11.765 3.308   1.00 19.18 ? 2320 PRO B CB  1 
ATOM   1316 C CG  . PRO B 1 85 ? -5.431  -12.354 4.183   1.00 21.65 ? 2320 PRO B CG  1 
ATOM   1317 C CD  . PRO B 1 85 ? -6.470  -12.974 3.254   1.00 20.05 ? 2320 PRO B CD  1 
ATOM   1318 N N   . PHE B 1 86 ? -2.278  -13.564 1.447   1.00 18.18 ? 2321 PHE B N   1 
ATOM   1319 C CA  . PHE B 1 86 ? -1.206  -14.566 1.387   1.00 16.79 ? 2321 PHE B CA  1 
ATOM   1320 C C   . PHE B 1 86 ? -0.222  -14.312 2.541   1.00 17.68 ? 2321 PHE B C   1 
ATOM   1321 O O   . PHE B 1 86 ? 0.193   -13.163 2.760   1.00 18.31 ? 2321 PHE B O   1 
ATOM   1322 C CB  . PHE B 1 86 ? -0.444  -14.452 0.023   1.00 16.52 ? 2321 PHE B CB  1 
ATOM   1323 C CG  . PHE B 1 86 ? -1.371  -14.583 -1.223  1.00 16.57 ? 2321 PHE B CG  1 
ATOM   1324 C CD1 . PHE B 1 86 ? -1.499  -15.820 -1.877  1.00 18.04 ? 2321 PHE B CD1 1 
ATOM   1325 C CD2 . PHE B 1 86 ? -2.084  -13.496 -1.699  1.00 16.42 ? 2321 PHE B CD2 1 
ATOM   1326 C CE1 . PHE B 1 86 ? -2.347  -15.965 -2.981  1.00 19.37 ? 2321 PHE B CE1 1 
ATOM   1327 C CE2 . PHE B 1 86 ? -2.920  -13.606 -2.827  1.00 16.03 ? 2321 PHE B CE2 1 
ATOM   1328 C CZ  . PHE B 1 86 ? -3.040  -14.854 -3.472  1.00 17.27 ? 2321 PHE B CZ  1 
ATOM   1329 N N   . VAL B 1 87 ? 0.127   -15.355 3.305   1.00 16.81 ? 2322 VAL B N   1 
ATOM   1330 C CA  . VAL B 1 87 ? 1.231   -15.236 4.285   1.00 17.26 ? 2322 VAL B CA  1 
ATOM   1331 C C   . VAL B 1 87 ? 2.528   -15.704 3.618   1.00 15.89 ? 2322 VAL B C   1 
ATOM   1332 O O   . VAL B 1 87 ? 2.586   -16.771 2.998   1.00 15.04 ? 2322 VAL B O   1 
ATOM   1333 C CB  . VAL B 1 87 ? 0.977   -16.108 5.561   1.00 20.13 ? 2322 VAL B CB  1 
ATOM   1334 C CG1 . VAL B 1 87 ? 2.243   -16.093 6.476   1.00 20.68 ? 2322 VAL B CG1 1 
ATOM   1335 C CG2 . VAL B 1 87 ? -0.260  -15.556 6.332   1.00 22.68 ? 2322 VAL B CG2 1 
ATOM   1336 N N   . VAL B 1 88 ? 3.540   -14.833 3.667   1.00 13.67 ? 2323 VAL B N   1 
ATOM   1337 C CA  . VAL B 1 88 ? 4.806   -15.025 2.956   1.00 13.66 ? 2323 VAL B CA  1 
ATOM   1338 C C   . VAL B 1 88 ? 5.933   -14.935 3.978   1.00 14.69 ? 2323 VAL B C   1 
ATOM   1339 O O   . VAL B 1 88 ? 6.158   -13.858 4.510   1.00 13.78 ? 2323 VAL B O   1 
ATOM   1340 C CB  . VAL B 1 88 ? 5.049   -13.926 1.807   1.00 13.46 ? 2323 VAL B CB  1 
ATOM   1341 C CG1 . VAL B 1 88 ? 6.443   -14.228 1.071   1.00 11.64 ? 2323 VAL B CG1 1 
ATOM   1342 C CG2 . VAL B 1 88 ? 3.931   -13.933 0.807   1.00 12.68 ? 2323 VAL B CG2 1 
ATOM   1343 N N   . PRO B 1 89 ? 6.644   -16.071 4.244   1.00 16.23 ? 2324 PRO B N   1 
ATOM   1344 C CA  . PRO B 1 89 ? 7.872   -16.032 5.054   1.00 15.88 ? 2324 PRO B CA  1 
ATOM   1345 C C   . PRO B 1 89 ? 9.049   -15.509 4.267   1.00 15.60 ? 2324 PRO B C   1 
ATOM   1346 O O   . PRO B 1 89 ? 9.274   -15.905 3.092   1.00 15.26 ? 2324 PRO B O   1 
ATOM   1347 C CB  . PRO B 1 89 ? 8.090   -17.486 5.507   1.00 15.98 ? 2324 PRO B CB  1 
ATOM   1348 C CG  . PRO B 1 89 ? 7.205   -18.341 4.650   1.00 20.18 ? 2324 PRO B CG  1 
ATOM   1349 C CD  . PRO B 1 89 ? 6.283   -17.435 3.808   1.00 17.78 ? 2324 PRO B CD  1 
ATOM   1350 N N   . VAL B 1 90 ? 9.731   -14.521 4.866   1.00 15.06 ? 2325 VAL B N   1 
ATOM   1351 C CA  . VAL B 1 90 ? 10.848  -13.876 4.172   1.00 13.91 ? 2325 VAL B CA  1 
ATOM   1352 C C   . VAL B 1 90 ? 12.102  -14.223 4.993   1.00 15.77 ? 2325 VAL B C   1 
ATOM   1353 O O   . VAL B 1 90 ? 12.213  -13.831 6.157   1.00 14.18 ? 2325 VAL B O   1 
ATOM   1354 C CB  . VAL B 1 90 ? 10.625  -12.357 4.079   1.00 13.78 ? 2325 VAL B CB  1 
ATOM   1355 C CG1 . VAL B 1 90 ? 11.809  -11.649 3.421   1.00 12.67 ? 2325 VAL B CG1 1 
ATOM   1356 C CG2 . VAL B 1 90 ? 9.247   -12.011 3.430   1.00 12.59 ? 2325 VAL B CG2 1 
ATOM   1357 N N   . ALA B 1 91 ? 12.998  -14.989 4.412   1.00 16.46 ? 2326 ALA B N   1 
ATOM   1358 C CA  . ALA B 1 91 ? 14.132  -15.436 5.167   1.00 19.73 ? 2326 ALA B CA  1 
ATOM   1359 C C   . ALA B 1 91 ? 15.287  -14.460 5.066   1.00 22.91 ? 2326 ALA B C   1 
ATOM   1360 O O   . ALA B 1 91 ? 15.456  -13.712 4.083   1.00 19.90 ? 2326 ALA B O   1 
ATOM   1361 C CB  . ALA B 1 91 ? 14.583  -16.868 4.756   1.00 21.60 ? 2326 ALA B CB  1 
ATOM   1362 N N   . SER B 1 92 ? 16.039  -14.502 6.162   1.00 26.16 ? 2327 SER B N   1 
ATOM   1363 C CA  . SER B 1 92 ? 17.293  -13.872 6.346   1.00 28.78 ? 2327 SER B CA  1 
ATOM   1364 C C   . SER B 1 92 ? 18.356  -14.601 5.537   1.00 31.01 ? 2327 SER B C   1 
ATOM   1365 O O   . SER B 1 92 ? 18.519  -15.798 5.644   1.00 31.41 ? 2327 SER B O   1 
ATOM   1366 C CB  . SER B 1 92 ? 17.657  -13.917 7.834   1.00 28.05 ? 2327 SER B CB  1 
ATOM   1367 O OG  A SER B 1 92 ? 18.893  -13.262 8.065   0.70 26.72 ? 2327 SER B OG  1 
ATOM   1368 O OG  B SER B 1 92 ? 16.997  -14.966 8.490   0.30 27.47 ? 2327 SER B OG  1 
ATOM   1369 N N   . PRO B 1 93 ? 19.134  -13.848 4.783   1.00 33.76 ? 2328 PRO B N   1 
ATOM   1370 C CA  . PRO B 1 93 ? 20.156  -14.401 3.908   1.00 34.98 ? 2328 PRO B CA  1 
ATOM   1371 C C   . PRO B 1 93 ? 21.122  -15.367 4.600   1.00 36.86 ? 2328 PRO B C   1 
ATOM   1372 O O   . PRO B 1 93 ? 21.514  -15.165 5.767   1.00 36.09 ? 2328 PRO B O   1 
ATOM   1373 C CB  . PRO B 1 93 ? 20.927  -13.147 3.419   1.00 35.30 ? 2328 PRO B CB  1 
ATOM   1374 C CG  . PRO B 1 93 ? 19.949  -11.967 3.574   1.00 34.72 ? 2328 PRO B CG  1 
ATOM   1375 C CD  . PRO B 1 93 ? 19.090  -12.364 4.786   1.00 34.11 ? 2328 PRO B CD  1 
ATOM   1376 N N   . SER B 1 94 ? 21.452  -16.426 3.866   1.00 38.53 ? 2329 SER B N   1 
ATOM   1377 C CA  . SER B 1 94 ? 22.591  -17.328 4.139   1.00 41.56 ? 2329 SER B CA  1 
ATOM   1378 C C   . SER B 1 94 ? 22.224  -18.799 4.028   1.00 41.73 ? 2329 SER B C   1 
ATOM   1379 O O   . SER B 1 94 ? 21.635  -19.220 3.025   1.00 43.57 ? 2329 SER B O   1 
ATOM   1380 C CB  . SER B 1 94 ? 23.285  -17.031 5.469   1.00 40.86 ? 2329 SER B CB  1 
ATOM   1381 O OG  . SER B 1 94 ? 24.295  -17.985 5.722   1.00 44.77 ? 2329 SER B OG  1 
ATOM   1382 N N   . ARG C 2 4  ? 9.471   -1.235  15.110  1.00 33.63 ? 8    ARG C N   1 
ATOM   1383 C CA  . ARG C 2 4  ? 8.819   -0.706  13.869  1.00 31.60 ? 8    ARG C CA  1 
ATOM   1384 C C   . ARG C 2 4  ? 8.205   -1.844  13.035  1.00 30.22 ? 8    ARG C C   1 
ATOM   1385 O O   . ARG C 2 4  ? 8.907   -2.777  12.594  1.00 30.90 ? 8    ARG C O   1 
ATOM   1386 C CB  . ARG C 2 4  ? 9.778   0.104   12.976  1.00 32.81 ? 8    ARG C CB  1 
ATOM   1387 C CG  . ARG C 2 4  ? 10.473  1.292   13.589  1.00 36.25 ? 8    ARG C CG  1 
ATOM   1388 C CD  . ARG C 2 4  ? 10.625  2.446   12.564  1.00 43.15 ? 8    ARG C CD  1 
ATOM   1389 N NE  . ARG C 2 4  ? 11.491  2.182   11.392  1.00 45.47 ? 8    ARG C NE  1 
ATOM   1390 C CZ  . ARG C 2 4  ? 11.542  2.966   10.304  1.00 47.05 ? 8    ARG C CZ  1 
ATOM   1391 N NH1 . ARG C 2 4  ? 10.788  4.075   10.223  1.00 46.21 ? 8    ARG C NH1 1 
ATOM   1392 N NH2 . ARG C 2 4  ? 12.354  2.649   9.286   1.00 46.54 ? 8    ARG C NH2 1 
ATOM   1393 N N   . VAL C 2 5  ? 6.894   -1.763  12.817  1.00 25.69 ? 9    VAL C N   1 
ATOM   1394 C CA  . VAL C 2 5  ? 6.227   -2.601  11.840  1.00 22.46 ? 9    VAL C CA  1 
ATOM   1395 C C   . VAL C 2 5  ? 5.531   -1.627  10.868  1.00 17.51 ? 9    VAL C C   1 
ATOM   1396 O O   . VAL C 2 5  ? 5.353   -0.427  11.180  1.00 16.49 ? 9    VAL C O   1 
ATOM   1397 C CB  . VAL C 2 5  ? 5.196   -3.511  12.472  1.00 22.60 ? 9    VAL C CB  1 
ATOM   1398 C CG1 . VAL C 2 5  ? 5.873   -4.736  13.174  1.00 28.04 ? 9    VAL C CG1 1 
ATOM   1399 C CG2 . VAL C 2 5  ? 4.346   -2.727  13.427  1.00 24.95 ? 9    VAL C CG2 1 
ATOM   1400 N N   . ALA C 2 6  ? 5.133   -2.146  9.716   1.00 15.50 ? 10   ALA C N   1 
ATOM   1401 C CA  . ALA C 2 6  ? 4.694   -1.270  8.613   1.00 14.39 ? 10   ALA C CA  1 
ATOM   1402 C C   . ALA C 2 6  ? 3.563   -1.914  7.784   1.00 15.78 ? 10   ALA C C   1 
ATOM   1403 O O   . ALA C 2 6  ? 3.456   -3.146  7.703   1.00 16.82 ? 10   ALA C O   1 
ATOM   1404 C CB  . ALA C 2 6  ? 5.866   -0.896  7.722   1.00 13.32 ? 10   ALA C CB  1 
ATOM   1405 N N   . SER C 2 7  ? 2.700   -1.064  7.211   1.00 15.38 ? 11   SER C N   1 
ATOM   1406 C CA  . SER C 2 7  ? 1.672   -1.460  6.266   1.00 16.76 ? 11   SER C CA  1 
ATOM   1407 C C   . SER C 2 7  ? 1.911   -0.505  5.127   1.00 16.56 ? 11   SER C C   1 
ATOM   1408 O O   . SER C 2 7  ? 1.977   0.701   5.360   1.00 15.54 ? 11   SER C O   1 
ATOM   1409 C CB  . SER C 2 7  ? 0.276   -1.161  6.803   1.00 16.41 ? 11   SER C CB  1 
ATOM   1410 O OG  . SER C 2 7  ? 0.091   -1.804  8.052   1.00 21.72 ? 11   SER C OG  1 
ATOM   1411 N N   . SER C 2 8  ? 2.067   -1.093  3.939   1.00 16.72 ? 12   SER C N   1 
ATOM   1412 C CA  . SER C 2 8  ? 2.480   -0.419  2.686   1.00 16.25 ? 12   SER C CA  1 
ATOM   1413 C C   . SER C 2 8  ? 1.427   -0.852  1.670   1.00 17.93 ? 12   SER C C   1 
ATOM   1414 O O   . SER C 2 8  ? 1.252   -2.030  1.480   1.00 18.47 ? 12   SER C O   1 
ATOM   1415 C CB  . SER C 2 8  ? 3.795   -1.005  2.224   1.00 17.28 ? 12   SER C CB  1 
ATOM   1416 O OG  A SER C 2 8  ? 4.405   -0.232  1.217   0.50 13.58 ? 12   SER C OG  1 
ATOM   1417 O OG  B SER C 2 8  ? 4.802   -0.838  3.218   0.50 17.28 ? 12   SER C OG  1 
ATOM   1418 N N   . VAL C 2 9  ? 0.751   0.105   1.033   1.00 17.65 ? 13   VAL C N   1 
ATOM   1419 C CA  . VAL C 2 9  ? -0.369  -0.188  0.131   1.00 17.83 ? 13   VAL C CA  1 
ATOM   1420 C C   . VAL C 2 9  ? -0.118  0.529   -1.203  1.00 17.87 ? 13   VAL C C   1 
ATOM   1421 O O   . VAL C 2 9  ? 0.381   1.661   -1.210  1.00 19.20 ? 13   VAL C O   1 
ATOM   1422 C CB  . VAL C 2 9  ? -1.754  0.222   0.732   1.00 18.30 ? 13   VAL C CB  1 
ATOM   1423 C CG1 A VAL C 2 9  ? -2.906  -0.393  -0.118  0.38 16.18 ? 13   VAL C CG1 1 
ATOM   1424 C CG1 C VAL C 2 9  ? -1.896  -0.295  2.149   0.62 19.89 ? 13   VAL C CG1 1 
ATOM   1425 C CG2 A VAL C 2 9  ? -1.873  -0.149  2.203   0.25 18.33 ? 13   VAL C CG2 1 
ATOM   1426 C CG2 C VAL C 2 9  ? -1.967  1.722   0.740   0.50 19.47 ? 13   VAL C CG2 1 
ATOM   1427 N N   . PHE C 2 10 ? -0.415  -0.160  -2.297  1.00 16.56 ? 14   PHE C N   1 
ATOM   1428 C CA  . PHE C 2 10 ? -0.262  0.407   -3.635  1.00 17.44 ? 14   PHE C CA  1 
ATOM   1429 C C   . PHE C 2 10 ? -1.632  0.359   -4.307  1.00 17.56 ? 14   PHE C C   1 
ATOM   1430 O O   . PHE C 2 10 ? -2.321  -0.668  -4.255  1.00 16.70 ? 14   PHE C O   1 
ATOM   1431 C CB  . PHE C 2 10 ? 0.762   -0.382  -4.440  1.00 17.04 ? 14   PHE C CB  1 
ATOM   1432 C CG  . PHE C 2 10 ? 0.882   0.094   -5.881  1.00 20.07 ? 14   PHE C CG  1 
ATOM   1433 C CD1 . PHE C 2 10 ? 1.857   1.019   -6.229  1.00 24.66 ? 14   PHE C CD1 1 
ATOM   1434 C CD2 . PHE C 2 10 ? -0.005  -0.376  -6.869  1.00 23.95 ? 14   PHE C CD2 1 
ATOM   1435 C CE1 . PHE C 2 10 ? 1.962   1.462   -7.549  1.00 26.53 ? 14   PHE C CE1 1 
ATOM   1436 C CE2 . PHE C 2 10 ? 0.075   0.074   -8.179  1.00 26.94 ? 14   PHE C CE2 1 
ATOM   1437 C CZ  . PHE C 2 10 ? 1.061   0.998   -8.521  1.00 25.94 ? 14   PHE C CZ  1 
ATOM   1438 N N   . ILE C 2 11 ? -2.023  1.474   -4.915  1.00 18.10 ? 15   ILE C N   1 
ATOM   1439 C CA  . ILE C 2 11 ? -3.392  1.584   -5.452  1.00 20.81 ? 15   ILE C CA  1 
ATOM   1440 C C   . ILE C 2 11 ? -3.337  2.019   -6.897  1.00 21.04 ? 15   ILE C C   1 
ATOM   1441 O O   . ILE C 2 11 ? -2.665  2.983   -7.200  1.00 18.79 ? 15   ILE C O   1 
ATOM   1442 C CB  . ILE C 2 11 ? -4.218  2.646   -4.660  1.00 22.13 ? 15   ILE C CB  1 
ATOM   1443 C CG1 . ILE C 2 11 ? -4.099  2.466   -3.142  1.00 25.90 ? 15   ILE C CG1 1 
ATOM   1444 C CG2 . ILE C 2 11 ? -5.691  2.676   -5.154  1.00 23.24 ? 15   ILE C CG2 1 
ATOM   1445 C CD1 . ILE C 2 11 ? -4.841  1.298   -2.644  1.00 33.25 ? 15   ILE C CD1 1 
ATOM   1446 N N   . THR C 2 12 ? -4.054  1.304   -7.758  1.00 24.06 ? 16   THR C N   1 
ATOM   1447 C CA  . THR C 2 12 ? -4.115  1.555   -9.211  1.00 27.06 ? 16   THR C CA  1 
ATOM   1448 C C   . THR C 2 12 ? -5.187  0.670   -9.891  1.00 26.91 ? 16   THR C C   1 
ATOM   1449 O O   . THR C 2 12 ? -6.226  0.351   -9.293  1.00 28.18 ? 16   THR C O   1 
ATOM   1450 C CB  . THR C 2 12 ? -2.835  1.058   -9.900  1.00 29.01 ? 16   THR C CB  1 
ATOM   1451 O OG1 . THR C 2 12 ? -2.641  1.767   -11.135 1.00 33.67 ? 16   THR C OG1 1 
ATOM   1452 C CG2 . THR C 2 12 ? -2.964  -0.462  -10.167 1.00 28.60 ? 16   THR C CG2 1 
HETATM 1453 S S   . SO4 D 3 .  ? 0.294   25.066  -4.622  1.00 86.63 ? 3329 SO4 A S   1 
HETATM 1454 O O1  . SO4 D 3 .  ? -0.490  25.786  -5.624  1.00 86.54 ? 3329 SO4 A O1  1 
HETATM 1455 O O2  . SO4 D 3 .  ? -0.595  24.309  -3.734  1.00 86.29 ? 3329 SO4 A O2  1 
HETATM 1456 O O3  . SO4 D 3 .  ? 1.201   24.159  -5.311  1.00 85.98 ? 3329 SO4 A O3  1 
HETATM 1457 O O4  . SO4 D 3 .  ? 1.086   26.019  -3.847  1.00 86.80 ? 3329 SO4 A O4  1 
HETATM 1458 S S   . SO4 E 3 .  ? 11.762  4.913   1.328   1.00 24.93 ? 3330 SO4 B S   1 
HETATM 1459 O O1  . SO4 E 3 .  ? 11.542  5.810   0.208   1.00 31.21 ? 3330 SO4 B O1  1 
HETATM 1460 O O2  . SO4 E 3 .  ? 11.127  3.638   1.317   1.00 29.07 ? 3330 SO4 B O2  1 
HETATM 1461 O O3  . SO4 E 3 .  ? 13.199  4.772   1.434   1.00 32.93 ? 3330 SO4 B O3  1 
HETATM 1462 O O4  . SO4 E 3 .  ? 11.324  5.393   2.600   1.00 29.55 ? 3330 SO4 B O4  1 
HETATM 1463 O O   . HOH F 4 .  ? 8.604   8.202   -11.562 1.00 34.65 ? 2001 HOH A O   1 
HETATM 1464 O O   . HOH F 4 .  ? 3.599   21.580  -8.466  1.00 41.09 ? 2002 HOH A O   1 
HETATM 1465 O O   . HOH F 4 .  ? 3.572   15.982  10.622  1.00 33.71 ? 2003 HOH A O   1 
HETATM 1466 O O   . HOH F 4 .  ? -1.951  19.001  6.619   1.00 27.33 ? 2004 HOH A O   1 
HETATM 1467 O O   . HOH F 4 .  ? -5.816  12.436  13.193  1.00 36.17 ? 2005 HOH A O   1 
HETATM 1468 O O   . HOH F 4 .  ? -5.078  5.976   15.101  1.00 16.12 ? 2006 HOH A O   1 
HETATM 1469 O O   . HOH F 4 .  ? -6.530  9.884   15.237  1.00 22.96 ? 2007 HOH A O   1 
HETATM 1470 O O   . HOH F 4 .  ? -8.001  12.570  11.702  1.00 20.22 ? 2008 HOH A O   1 
HETATM 1471 O O   . HOH F 4 .  ? 0.279   10.886  -17.829 1.00 46.46 ? 2009 HOH A O   1 
HETATM 1472 O O   . HOH F 4 .  ? 4.534   4.764   0.410   1.00 27.79 ? 2010 HOH A O   1 
HETATM 1473 O O   . HOH F 4 .  ? 8.581   4.563   7.048   1.00 20.58 ? 2011 HOH A O   1 
HETATM 1474 O O   . HOH F 4 .  ? 11.017  -0.361  7.179   1.00 18.67 ? 2012 HOH A O   1 
HETATM 1475 O O   . HOH F 4 .  ? 2.187   0.493   11.103  1.00 26.86 ? 2013 HOH A O   1 
HETATM 1476 O O   . HOH F 4 .  ? -2.554  -1.372  15.760  1.00 30.42 ? 2014 HOH A O   1 
HETATM 1477 O O   . HOH F 4 .  ? -10.207 0.885   1.781   1.00 35.20 ? 2015 HOH A O   1 
HETATM 1478 O O   . HOH F 4 .  ? -4.696  -0.635  13.797  1.00 34.74 ? 2016 HOH A O   1 
HETATM 1479 O O   . HOH F 4 .  ? 5.230   3.785   21.727  1.00 33.48 ? 2017 HOH A O   1 
HETATM 1480 O O   . HOH F 4 .  ? 4.659   10.658  20.534  1.00 45.29 ? 2018 HOH A O   1 
HETATM 1481 O O   . HOH F 4 .  ? 6.006   5.244   6.151   1.00 17.67 ? 2019 HOH A O   1 
HETATM 1482 O O   . HOH F 4 .  ? 6.715   10.300  -9.799  1.00 22.31 ? 2020 HOH A O   1 
HETATM 1483 O O   . HOH F 4 .  ? 3.955   4.759   -6.108  1.00 22.24 ? 2021 HOH A O   1 
HETATM 1484 O O   . HOH F 4 .  ? 5.299   1.000   -10.297 1.00 25.55 ? 2022 HOH A O   1 
HETATM 1485 O O   . HOH F 4 .  ? 8.025   15.328  -4.916  1.00 35.53 ? 2023 HOH A O   1 
HETATM 1486 O O   . HOH F 4 .  ? 11.184  9.501   -3.628  1.00 19.96 ? 2024 HOH A O   1 
HETATM 1487 O O   . HOH F 4 .  ? 10.602  12.928  -4.546  1.00 27.74 ? 2025 HOH A O   1 
HETATM 1488 O O   . HOH F 4 .  ? 2.391   17.458  0.017   1.00 24.33 ? 2026 HOH A O   1 
HETATM 1489 O O   . HOH F 4 .  ? 9.914   19.033  3.760   1.00 33.74 ? 2027 HOH A O   1 
HETATM 1490 O O   . HOH F 4 .  ? 6.834   16.525  6.436   1.00 24.16 ? 2028 HOH A O   1 
HETATM 1491 O O   . HOH F 4 .  ? 9.633   14.386  7.815   1.00 25.55 ? 2029 HOH A O   1 
HETATM 1492 O O   . HOH F 4 .  ? 6.216   15.979  13.245  1.00 37.07 ? 2030 HOH A O   1 
HETATM 1493 O O   . HOH F 4 .  ? 6.413   15.552  9.236   1.00 24.06 ? 2031 HOH A O   1 
HETATM 1494 O O   . HOH F 4 .  ? -0.224  13.724  19.253  1.00 30.55 ? 2032 HOH A O   1 
HETATM 1495 O O   . HOH G 4 .  ? 1.536   -18.669 -6.752  1.00 27.54 ? 2001 HOH B O   1 
HETATM 1496 O O   . HOH G 4 .  ? 1.454   -18.085 0.567   1.00 34.85 ? 2002 HOH B O   1 
HETATM 1497 O O   . HOH G 4 .  ? 8.508   -19.984 -4.247  1.00 40.54 ? 2003 HOH B O   1 
HETATM 1498 O O   . HOH G 4 .  ? 10.039  -14.163 -3.916  1.00 32.72 ? 2004 HOH B O   1 
HETATM 1499 O O   . HOH G 4 .  ? 12.464  -12.506 -2.798  1.00 13.95 ? 2005 HOH B O   1 
HETATM 1500 O O   . HOH G 4 .  ? 19.504  -7.992  1.055   1.00 32.14 ? 2006 HOH B O   1 
HETATM 1501 O O   . HOH G 4 .  ? 12.047  -8.686  -0.311  1.00 14.34 ? 2007 HOH B O   1 
HETATM 1502 O O   . HOH G 4 .  ? 10.083  -13.586 -6.552  1.00 18.12 ? 2008 HOH B O   1 
HETATM 1503 O O   . HOH G 4 .  ? 12.136  -2.555  3.916   1.00 19.44 ? 2009 HOH B O   1 
HETATM 1504 O O   . HOH G 4 .  ? 6.992   4.558   1.123   1.00 36.00 ? 2010 HOH B O   1 
HETATM 1505 O O   . HOH G 4 .  ? 7.290   2.238   -0.143  1.00 30.50 ? 2011 HOH B O   1 
HETATM 1506 O O   . HOH G 4 .  ? 6.236   1.332   -2.433  1.00 28.85 ? 2012 HOH B O   1 
HETATM 1507 O O   . HOH G 4 .  ? 5.045   2.469   -5.102  1.00 29.45 ? 2013 HOH B O   1 
HETATM 1508 O O   . HOH G 4 .  ? 2.323   0.232   -16.241 1.00 37.95 ? 2014 HOH B O   1 
HETATM 1509 O O   . HOH G 4 .  ? 6.261   -9.089  -11.708 1.00 34.77 ? 2015 HOH B O   1 
HETATM 1510 O O   . HOH G 4 .  ? 12.708  -2.295  1.100   1.00 34.14 ? 2016 HOH B O   1 
HETATM 1511 O O   . HOH G 4 .  ? 17.741  -4.238  -0.957  1.00 34.01 ? 2017 HOH B O   1 
HETATM 1512 O O   . HOH G 4 .  ? 3.632   -14.560 12.070  1.00 26.31 ? 2018 HOH B O   1 
HETATM 1513 O O   . HOH G 4 .  ? -1.649  -7.299  3.697   1.00 23.84 ? 2019 HOH B O   1 
HETATM 1514 O O   . HOH G 4 .  ? -5.102  -4.727  -0.393  1.00 31.88 ? 2020 HOH B O   1 
HETATM 1515 O O   . HOH G 4 .  ? -8.770  -6.229  5.216   1.00 50.33 ? 2021 HOH B O   1 
HETATM 1516 O O   . HOH G 4 .  ? -9.566  -2.700  -4.238  1.00 27.20 ? 2022 HOH B O   1 
HETATM 1517 O O   . HOH G 4 .  ? -12.926 -8.610  0.969   1.00 37.02 ? 2023 HOH B O   1 
HETATM 1518 O O   . HOH G 4 .  ? -12.656 -13.191 -4.314  1.00 34.96 ? 2024 HOH B O   1 
HETATM 1519 O O   . HOH G 4 .  ? -10.396 -14.746 -0.754  1.00 31.45 ? 2025 HOH B O   1 
HETATM 1520 O O   . HOH G 4 .  ? -5.947  -15.787 -6.864  1.00 31.50 ? 2026 HOH B O   1 
HETATM 1521 O O   . HOH G 4 .  ? -3.368  -17.844 0.490   1.00 26.85 ? 2027 HOH B O   1 
HETATM 1522 O O   . HOH G 4 .  ? -6.253  -16.420 2.656   1.00 27.10 ? 2028 HOH B O   1 
HETATM 1523 O O   . HOH G 4 .  ? -1.051  -17.914 2.094   1.00 35.41 ? 2029 HOH B O   1 
HETATM 1524 O O   . HOH G 4 .  ? 2.651   -19.339 3.920   1.00 34.04 ? 2030 HOH B O   1 
HETATM 1525 O O   . HOH G 4 .  ? 11.421  -17.843 2.649   1.00 27.33 ? 2031 HOH B O   1 
HETATM 1526 O O   . HOH G 4 .  ? 21.324  -13.188 8.193   1.00 37.62 ? 2032 HOH B O   1 
HETATM 1527 O O   . HOH G 4 .  ? 12.652  6.650   -1.904  1.00 28.01 ? 2033 HOH B O   1 
HETATM 1528 O O   . HOH G 4 .  ? 14.707  3.339   2.788   1.00 19.13 ? 2034 HOH B O   1 
HETATM 1529 O O   . HOH H 4 .  ? 10.494  -4.797  12.924  1.00 25.87 ? 2001 HOH C O   1 
HETATM 1530 O O   . HOH H 4 .  ? 1.612   -1.807  10.249  1.00 33.43 ? 2002 HOH C O   1 
HETATM 1531 O O   . HOH H 4 .  ? 5.089   -3.092  4.589   1.00 19.97 ? 2003 HOH C O   1 
HETATM 1532 O O   . HOH H 4 .  ? 3.815   1.693   -0.509  1.00 42.74 ? 2004 HOH C O   1 
# 
loop_
_pdbx_poly_seq_scheme.asym_id 
_pdbx_poly_seq_scheme.entity_id 
_pdbx_poly_seq_scheme.seq_id 
_pdbx_poly_seq_scheme.mon_id 
_pdbx_poly_seq_scheme.ndb_seq_num 
_pdbx_poly_seq_scheme.pdb_seq_num 
_pdbx_poly_seq_scheme.auth_seq_num 
_pdbx_poly_seq_scheme.pdb_mon_id 
_pdbx_poly_seq_scheme.auth_mon_id 
_pdbx_poly_seq_scheme.pdb_strand_id 
_pdbx_poly_seq_scheme.pdb_ins_code 
_pdbx_poly_seq_scheme.hetero 
A 1 1  GLY 1  2236 2236 GLY GLY A . n 
A 1 2  GLY 2  2237 2237 GLY GLY A . n 
A 1 3  ALA 3  2238 2238 ALA ALA A . n 
A 1 4  HIS 4  2239 2239 HIS HIS A . n 
A 1 5  LYS 5  2240 2240 LYS LYS A . n 
A 1 6  VAL 6  2241 2241 VAL VAL A . n 
A 1 7  ARG 7  2242 2242 ARG ARG A . n 
A 1 8  ALA 8  2243 2243 ALA ALA A . n 
A 1 9  GLY 9  2244 2244 GLY GLY A . n 
A 1 10 GLY 10 2245 2245 GLY GLY A . n 
A 1 11 PRO 11 2246 2246 PRO PRO A . n 
A 1 12 GLY 12 2247 2247 GLY GLY A . n 
A 1 13 LEU 13 2248 2248 LEU LEU A . n 
A 1 14 GLU 14 2249 2249 GLU GLU A . n 
A 1 15 ARG 15 2250 2250 ARG ARG A . n 
A 1 16 ALA 16 2251 2251 ALA ALA A . n 
A 1 17 GLU 17 2252 2252 GLU GLU A . n 
A 1 18 ALA 18 2253 2253 ALA ALA A . n 
A 1 19 GLY 19 2254 2254 GLY GLY A . n 
A 1 20 VAL 20 2255 2255 VAL VAL A . n 
A 1 21 PRO 21 2256 2256 PRO PRO A . n 
A 1 22 ALA 22 2257 2257 ALA ALA A . n 
A 1 23 GLU 23 2258 2258 GLU GLU A . n 
A 1 24 PHE 24 2259 2259 PHE PHE A . n 
A 1 25 SER 25 2260 2260 SER SER A . n 
A 1 26 ILE 26 2261 2261 ILE ILE A . n 
A 1 27 TRP 27 2262 2262 TRP TRP A . n 
A 1 28 THR 28 2263 2263 THR THR A . n 
A 1 29 ARG 29 2264 2264 ARG ARG A . n 
A 1 30 GLU 30 2265 2265 GLU GLU A . n 
A 1 31 ALA 31 2266 2266 ALA ALA A . n 
A 1 32 GLY 32 2267 2267 GLY GLY A . n 
A 1 33 ALA 33 2268 2268 ALA ALA A . n 
A 1 34 GLY 34 2269 2269 GLY GLY A . n 
A 1 35 GLY 35 2270 2270 GLY GLY A . n 
A 1 36 LEU 36 2271 2271 LEU LEU A . n 
A 1 37 ALA 37 2272 2272 ALA ALA A . n 
A 1 38 ILE 38 2273 2273 ILE ILE A . n 
A 1 39 ALA 39 2274 2274 ALA ALA A . n 
A 1 40 VAL 40 2275 2275 VAL VAL A . n 
A 1 41 GLU 41 2276 2276 GLU GLU A . n 
A 1 42 GLY 42 2277 2277 GLY GLY A . n 
A 1 43 PRO 43 2278 2278 PRO PRO A . n 
A 1 44 SER 44 2279 2279 SER SER A . n 
A 1 45 LYS 45 2280 2280 LYS LYS A . n 
A 1 46 ALA 46 2281 2281 ALA ALA A . n 
A 1 47 GLU 47 2282 2282 GLU GLU A . n 
A 1 48 ILE 48 2283 2283 ILE ILE A . n 
A 1 49 SER 49 2284 2284 SER SER A . n 
A 1 50 PHE 50 2285 2285 PHE PHE A . n 
A 1 51 GLU 51 2286 2286 GLU GLU A . n 
A 1 52 ASP 52 2287 2287 ASP ASP A . n 
A 1 53 ARG 53 2288 2288 ARG ARG A . n 
A 1 54 LYS 54 2289 2289 LYS LYS A . n 
A 1 55 ASP 55 2290 2290 ASP ASP A . n 
A 1 56 GLY 56 2291 2291 GLY GLY A . n 
A 1 57 SER 57 2292 2292 SER SER A . n 
A 1 58 CYS 58 2293 2293 CYS CYS A . n 
A 1 59 GLY 59 2294 2294 GLY GLY A . n 
A 1 60 VAL 60 2295 2295 VAL VAL A . n 
A 1 61 ALA 61 2296 2296 ALA ALA A . n 
A 1 62 TYR 62 2297 2297 TYR TYR A . n 
A 1 63 VAL 63 2298 2298 VAL VAL A . n 
A 1 64 VAL 64 2299 2299 VAL VAL A . n 
A 1 65 GLN 65 2300 2300 GLN GLN A . n 
A 1 66 GLU 66 2301 2301 GLU GLU A . n 
A 1 67 PRO 67 2302 2302 PRO PRO A . n 
A 1 68 GLY 68 2303 2303 GLY GLY A . n 
A 1 69 ASP 69 2304 2304 ASP ASP A . n 
A 1 70 TYR 70 2305 2305 TYR TYR A . n 
A 1 71 GLU 71 2306 2306 GLU GLU A . n 
A 1 72 VAL 72 2307 2307 VAL VAL A . n 
A 1 73 SER 73 2308 2308 SER SER A . n 
A 1 74 VAL 74 2309 2309 VAL VAL A . n 
A 1 75 LYS 75 2310 2310 LYS LYS A . n 
A 1 76 PHE 76 2311 2311 PHE PHE A . n 
A 1 77 ASN 77 2312 2312 ASN ASN A . n 
A 1 78 GLU 78 2313 2313 GLU GLU A . n 
A 1 79 GLU 79 2314 2314 GLU GLU A . n 
A 1 80 HIS 80 2315 2315 HIS HIS A . n 
A 1 81 ILE 81 2316 2316 ILE ILE A . n 
A 1 82 PRO 82 2317 2317 PRO PRO A . n 
A 1 83 ASP 83 2318 2318 ASP ASP A . n 
A 1 84 SER 84 2319 2319 SER SER A . n 
A 1 85 PRO 85 2320 2320 PRO PRO A . n 
A 1 86 PHE 86 2321 2321 PHE PHE A . n 
A 1 87 VAL 87 2322 2322 VAL VAL A . n 
A 1 88 VAL 88 2323 2323 VAL VAL A . n 
A 1 89 PRO 89 2324 2324 PRO PRO A . n 
A 1 90 VAL 90 2325 2325 VAL VAL A . n 
A 1 91 ALA 91 2326 2326 ALA ALA A . n 
A 1 92 SER 92 2327 2327 SER SER A . n 
A 1 93 PRO 93 2328 2328 PRO PRO A . n 
A 1 94 SER 94 2329 ?    ?   ?   A . n 
B 1 1  GLY 1  2236 2236 GLY GLY B . n 
B 1 2  GLY 2  2237 2237 GLY GLY B . n 
B 1 3  ALA 3  2238 2238 ALA ALA B . n 
B 1 4  HIS 4  2239 2239 HIS HIS B . n 
B 1 5  LYS 5  2240 2240 LYS LYS B . n 
B 1 6  VAL 6  2241 2241 VAL VAL B . n 
B 1 7  ARG 7  2242 2242 ARG ARG B . n 
B 1 8  ALA 8  2243 2243 ALA ALA B . n 
B 1 9  GLY 9  2244 2244 GLY GLY B . n 
B 1 10 GLY 10 2245 2245 GLY GLY B . n 
B 1 11 PRO 11 2246 2246 PRO PRO B . n 
B 1 12 GLY 12 2247 2247 GLY GLY B . n 
B 1 13 LEU 13 2248 2248 LEU LEU B . n 
B 1 14 GLU 14 2249 2249 GLU GLU B . n 
B 1 15 ARG 15 2250 2250 ARG ARG B . n 
B 1 16 ALA 16 2251 2251 ALA ALA B . n 
B 1 17 GLU 17 2252 2252 GLU GLU B . n 
B 1 18 ALA 18 2253 2253 ALA ALA B . n 
B 1 19 GLY 19 2254 2254 GLY GLY B . n 
B 1 20 VAL 20 2255 2255 VAL VAL B . n 
B 1 21 PRO 21 2256 2256 PRO PRO B . n 
B 1 22 ALA 22 2257 2257 ALA ALA B . n 
B 1 23 GLU 23 2258 2258 GLU GLU B . n 
B 1 24 PHE 24 2259 2259 PHE PHE B . n 
B 1 25 SER 25 2260 2260 SER SER B . n 
B 1 26 ILE 26 2261 2261 ILE ILE B . n 
B 1 27 TRP 27 2262 2262 TRP TRP B . n 
B 1 28 THR 28 2263 2263 THR THR B . n 
B 1 29 ARG 29 2264 2264 ARG ARG B . n 
B 1 30 GLU 30 2265 2265 GLU GLU B . n 
B 1 31 ALA 31 2266 2266 ALA ALA B . n 
B 1 32 GLY 32 2267 2267 GLY GLY B . n 
B 1 33 ALA 33 2268 2268 ALA ALA B . n 
B 1 34 GLY 34 2269 2269 GLY GLY B . n 
B 1 35 GLY 35 2270 2270 GLY GLY B . n 
B 1 36 LEU 36 2271 2271 LEU LEU B . n 
B 1 37 ALA 37 2272 2272 ALA ALA B . n 
B 1 38 ILE 38 2273 2273 ILE ILE B . n 
B 1 39 ALA 39 2274 2274 ALA ALA B . n 
B 1 40 VAL 40 2275 2275 VAL VAL B . n 
B 1 41 GLU 41 2276 2276 GLU GLU B . n 
B 1 42 GLY 42 2277 2277 GLY GLY B . n 
B 1 43 PRO 43 2278 2278 PRO PRO B . n 
B 1 44 SER 44 2279 2279 SER SER B . n 
B 1 45 LYS 45 2280 2280 LYS LYS B . n 
B 1 46 ALA 46 2281 2281 ALA ALA B . n 
B 1 47 GLU 47 2282 2282 GLU GLU B . n 
B 1 48 ILE 48 2283 2283 ILE ILE B . n 
B 1 49 SER 49 2284 2284 SER SER B . n 
B 1 50 PHE 50 2285 2285 PHE PHE B . n 
B 1 51 GLU 51 2286 2286 GLU GLU B . n 
B 1 52 ASP 52 2287 2287 ASP ASP B . n 
B 1 53 ARG 53 2288 2288 ARG ARG B . n 
B 1 54 LYS 54 2289 2289 LYS LYS B . n 
B 1 55 ASP 55 2290 2290 ASP ASP B . n 
B 1 56 GLY 56 2291 2291 GLY GLY B . n 
B 1 57 SER 57 2292 2292 SER SER B . n 
B 1 58 CYS 58 2293 2293 CYS CYS B . n 
B 1 59 GLY 59 2294 2294 GLY GLY B . n 
B 1 60 VAL 60 2295 2295 VAL VAL B . n 
B 1 61 ALA 61 2296 2296 ALA ALA B . n 
B 1 62 TYR 62 2297 2297 TYR TYR B . n 
B 1 63 VAL 63 2298 2298 VAL VAL B . n 
B 1 64 VAL 64 2299 2299 VAL VAL B . n 
B 1 65 GLN 65 2300 2300 GLN GLN B . n 
B 1 66 GLU 66 2301 2301 GLU GLU B . n 
B 1 67 PRO 67 2302 2302 PRO PRO B . n 
B 1 68 GLY 68 2303 2303 GLY GLY B . n 
B 1 69 ASP 69 2304 2304 ASP ASP B . n 
B 1 70 TYR 70 2305 2305 TYR TYR B . n 
B 1 71 GLU 71 2306 2306 GLU GLU B . n 
B 1 72 VAL 72 2307 2307 VAL VAL B . n 
B 1 73 SER 73 2308 2308 SER SER B . n 
B 1 74 VAL 74 2309 2309 VAL VAL B . n 
B 1 75 LYS 75 2310 2310 LYS LYS B . n 
B 1 76 PHE 76 2311 2311 PHE PHE B . n 
B 1 77 ASN 77 2312 2312 ASN ASN B . n 
B 1 78 GLU 78 2313 2313 GLU GLU B . n 
B 1 79 GLU 79 2314 2314 GLU GLU B . n 
B 1 80 HIS 80 2315 2315 HIS HIS B . n 
B 1 81 ILE 81 2316 2316 ILE ILE B . n 
B 1 82 PRO 82 2317 2317 PRO PRO B . n 
B 1 83 ASP 83 2318 2318 ASP ASP B . n 
B 1 84 SER 84 2319 2319 SER SER B . n 
B 1 85 PRO 85 2320 2320 PRO PRO B . n 
B 1 86 PHE 86 2321 2321 PHE PHE B . n 
B 1 87 VAL 87 2322 2322 VAL VAL B . n 
B 1 88 VAL 88 2323 2323 VAL VAL B . n 
B 1 89 PRO 89 2324 2324 PRO PRO B . n 
B 1 90 VAL 90 2325 2325 VAL VAL B . n 
B 1 91 ALA 91 2326 2326 ALA ALA B . n 
B 1 92 SER 92 2327 2327 SER SER B . n 
B 1 93 PRO 93 2328 2328 PRO PRO B . n 
B 1 94 SER 94 2329 2329 SER SER B . n 
C 2 1  PRO 1  5    ?    ?   ?   C . n 
C 2 2  GLU 2  6    ?    ?   ?   C . n 
C 2 3  LYS 3  7    ?    ?   ?   C . n 
C 2 4  ARG 4  8    8    ARG ARG C . n 
C 2 5  VAL 5  9    9    VAL VAL C . n 
C 2 6  ALA 6  10   10   ALA ALA C . n 
C 2 7  SER 7  11   11   SER SER C . n 
C 2 8  SER 8  12   12   SER SER C . n 
C 2 9  VAL 9  13   13   VAL VAL C . n 
C 2 10 PHE 10 14   14   PHE PHE C . n 
C 2 11 ILE 11 15   15   ILE ILE C . n 
C 2 12 THR 12 16   16   THR THR C . n 
C 2 13 LEU 13 17   ?    ?   ?   C . n 
C 2 14 ALA 14 18   ?    ?   ?   C . n 
C 2 15 PRO 15 19   ?    ?   ?   C . n 
# 
loop_
_pdbx_nonpoly_scheme.asym_id 
_pdbx_nonpoly_scheme.entity_id 
_pdbx_nonpoly_scheme.mon_id 
_pdbx_nonpoly_scheme.ndb_seq_num 
_pdbx_nonpoly_scheme.pdb_seq_num 
_pdbx_nonpoly_scheme.auth_seq_num 
_pdbx_nonpoly_scheme.pdb_mon_id 
_pdbx_nonpoly_scheme.auth_mon_id 
_pdbx_nonpoly_scheme.pdb_strand_id 
_pdbx_nonpoly_scheme.pdb_ins_code 
D 3 SO4 1  3329 3329 SO4 SO4 A . 
E 3 SO4 1  3330 3330 SO4 SO4 B . 
F 4 HOH 1  2001 2001 HOH HOH A . 
F 4 HOH 2  2002 2002 HOH HOH A . 
F 4 HOH 3  2003 2003 HOH HOH A . 
F 4 HOH 4  2004 2004 HOH HOH A . 
F 4 HOH 5  2005 2005 HOH HOH A . 
F 4 HOH 6  2006 2006 HOH HOH A . 
F 4 HOH 7  2007 2007 HOH HOH A . 
F 4 HOH 8  2008 2008 HOH HOH A . 
F 4 HOH 9  2009 2009 HOH HOH A . 
F 4 HOH 10 2010 2010 HOH HOH A . 
F 4 HOH 11 2011 2011 HOH HOH A . 
F 4 HOH 12 2012 2012 HOH HOH A . 
F 4 HOH 13 2013 2013 HOH HOH A . 
F 4 HOH 14 2014 2014 HOH HOH A . 
F 4 HOH 15 2015 2015 HOH HOH A . 
F 4 HOH 16 2016 2016 HOH HOH A . 
F 4 HOH 17 2017 2017 HOH HOH A . 
F 4 HOH 18 2018 2018 HOH HOH A . 
F 4 HOH 19 2019 2019 HOH HOH A . 
F 4 HOH 20 2020 2020 HOH HOH A . 
F 4 HOH 21 2021 2021 HOH HOH A . 
F 4 HOH 22 2022 2022 HOH HOH A . 
F 4 HOH 23 2023 2023 HOH HOH A . 
F 4 HOH 24 2024 2024 HOH HOH A . 
F 4 HOH 25 2025 2025 HOH HOH A . 
F 4 HOH 26 2026 2026 HOH HOH A . 
F 4 HOH 27 2027 2027 HOH HOH A . 
F 4 HOH 28 2028 2028 HOH HOH A . 
F 4 HOH 29 2029 2029 HOH HOH A . 
F 4 HOH 30 2030 2030 HOH HOH A . 
F 4 HOH 31 2031 2031 HOH HOH A . 
F 4 HOH 32 2032 2032 HOH HOH A . 
G 4 HOH 1  2001 2001 HOH HOH B . 
G 4 HOH 2  2002 2002 HOH HOH B . 
G 4 HOH 3  2003 2003 HOH HOH B . 
G 4 HOH 4  2004 2004 HOH HOH B . 
G 4 HOH 5  2005 2005 HOH HOH B . 
G 4 HOH 6  2006 2006 HOH HOH B . 
G 4 HOH 7  2007 2007 HOH HOH B . 
G 4 HOH 8  2008 2008 HOH HOH B . 
G 4 HOH 9  2009 2009 HOH HOH B . 
G 4 HOH 10 2010 2010 HOH HOH B . 
G 4 HOH 11 2011 2011 HOH HOH B . 
G 4 HOH 12 2012 2012 HOH HOH B . 
G 4 HOH 13 2013 2013 HOH HOH B . 
G 4 HOH 14 2014 2014 HOH HOH B . 
G 4 HOH 15 2015 2015 HOH HOH B . 
G 4 HOH 16 2016 2016 HOH HOH B . 
G 4 HOH 17 2017 2017 HOH HOH B . 
G 4 HOH 18 2018 2018 HOH HOH B . 
G 4 HOH 19 2019 2019 HOH HOH B . 
G 4 HOH 20 2020 2020 HOH HOH B . 
G 4 HOH 21 2021 2021 HOH HOH B . 
G 4 HOH 22 2022 2022 HOH HOH B . 
G 4 HOH 23 2023 2023 HOH HOH B . 
G 4 HOH 24 2024 2024 HOH HOH B . 
G 4 HOH 25 2025 2025 HOH HOH B . 
G 4 HOH 26 2026 2026 HOH HOH B . 
G 4 HOH 27 2027 2027 HOH HOH B . 
G 4 HOH 28 2028 2028 HOH HOH B . 
G 4 HOH 29 2029 2029 HOH HOH B . 
G 4 HOH 30 2030 2030 HOH HOH B . 
G 4 HOH 31 2031 2031 HOH HOH B . 
G 4 HOH 32 2032 2032 HOH HOH B . 
G 4 HOH 33 2033 2033 HOH HOH B . 
G 4 HOH 34 2034 2034 HOH HOH B . 
H 4 HOH 1  2001 2001 HOH HOH C . 
H 4 HOH 2  2002 2002 HOH HOH C . 
H 4 HOH 3  2003 2003 HOH HOH C . 
H 4 HOH 4  2004 2004 HOH HOH C . 
# 
_pdbx_struct_assembly.id                   1 
_pdbx_struct_assembly.details              software_defined_assembly 
_pdbx_struct_assembly.method_details       PQS 
_pdbx_struct_assembly.oligomeric_details   trimeric 
_pdbx_struct_assembly.oligomeric_count     3 
# 
_pdbx_struct_assembly_gen.assembly_id       1 
_pdbx_struct_assembly_gen.oper_expression   1 
_pdbx_struct_assembly_gen.asym_id_list      A,B,C,D,E,F,G,H 
# 
loop_
_pdbx_struct_assembly_prop.biol_id 
_pdbx_struct_assembly_prop.type 
_pdbx_struct_assembly_prop.value 
_pdbx_struct_assembly_prop.details 
1 'ABSA (A^2)' 2750  ? 
1 MORE         -7.7  ? 
1 'SSA (A^2)'  12370 ? 
# 
_pdbx_struct_oper_list.id                   1 
_pdbx_struct_oper_list.type                 'identity operation' 
_pdbx_struct_oper_list.name                 1_555 
_pdbx_struct_oper_list.symmetry_operation   x,y,z 
_pdbx_struct_oper_list.matrix[1][1]         1.0000000000 
_pdbx_struct_oper_list.matrix[1][2]         0.0000000000 
_pdbx_struct_oper_list.matrix[1][3]         0.0000000000 
_pdbx_struct_oper_list.vector[1]            0.0000000000 
_pdbx_struct_oper_list.matrix[2][1]         0.0000000000 
_pdbx_struct_oper_list.matrix[2][2]         1.0000000000 
_pdbx_struct_oper_list.matrix[2][3]         0.0000000000 
_pdbx_struct_oper_list.vector[2]            0.0000000000 
_pdbx_struct_oper_list.matrix[3][1]         0.0000000000 
_pdbx_struct_oper_list.matrix[3][2]         0.0000000000 
_pdbx_struct_oper_list.matrix[3][3]         1.0000000000 
_pdbx_struct_oper_list.vector[3]            0.0000000000 
# 
loop_
_pdbx_audit_revision_history.ordinal 
_pdbx_audit_revision_history.data_content_type 
_pdbx_audit_revision_history.major_revision 
_pdbx_audit_revision_history.minor_revision 
_pdbx_audit_revision_history.revision_date 
1 'Structure model' 1 0 2008-09-30 
2 'Structure model' 1 1 2011-05-08 
3 'Structure model' 1 2 2011-07-13 
4 'Structure model' 1 3 2023-12-13 
# 
_pdbx_audit_revision_details.ordinal             1 
_pdbx_audit_revision_details.revision_ordinal    1 
_pdbx_audit_revision_details.data_content_type   'Structure model' 
_pdbx_audit_revision_details.provider            repository 
_pdbx_audit_revision_details.type                'Initial release' 
_pdbx_audit_revision_details.description         ? 
_pdbx_audit_revision_details.details             ? 
# 
loop_
_pdbx_audit_revision_group.ordinal 
_pdbx_audit_revision_group.revision_ordinal 
_pdbx_audit_revision_group.data_content_type 
_pdbx_audit_revision_group.group 
1 2 'Structure model' 'Version format compliance' 
2 3 'Structure model' 'Version format compliance' 
3 4 'Structure model' 'Data collection'           
4 4 'Structure model' 'Database references'       
5 4 'Structure model' 'Derived calculations'      
6 4 'Structure model' Other                       
7 4 'Structure model' 'Refinement description'    
# 
loop_
_pdbx_audit_revision_category.ordinal 
_pdbx_audit_revision_category.revision_ordinal 
_pdbx_audit_revision_category.data_content_type 
_pdbx_audit_revision_category.category 
1 4 'Structure model' chem_comp_atom                
2 4 'Structure model' chem_comp_bond                
3 4 'Structure model' database_2                    
4 4 'Structure model' pdbx_database_status          
5 4 'Structure model' pdbx_initial_refinement_model 
6 4 'Structure model' struct_ncs_dom_lim            
7 4 'Structure model' struct_site                   
# 
loop_
_pdbx_audit_revision_item.ordinal 
_pdbx_audit_revision_item.revision_ordinal 
_pdbx_audit_revision_item.data_content_type 
_pdbx_audit_revision_item.item 
1  4 'Structure model' '_database_2.pdbx_DOI'                  
2  4 'Structure model' '_database_2.pdbx_database_accession'   
3  4 'Structure model' '_pdbx_database_status.status_code_sf'  
4  4 'Structure model' '_struct_ncs_dom_lim.beg_auth_comp_id'  
5  4 'Structure model' '_struct_ncs_dom_lim.beg_label_asym_id' 
6  4 'Structure model' '_struct_ncs_dom_lim.beg_label_comp_id' 
7  4 'Structure model' '_struct_ncs_dom_lim.beg_label_seq_id'  
8  4 'Structure model' '_struct_ncs_dom_lim.end_auth_comp_id'  
9  4 'Structure model' '_struct_ncs_dom_lim.end_label_asym_id' 
10 4 'Structure model' '_struct_ncs_dom_lim.end_label_comp_id' 
11 4 'Structure model' '_struct_ncs_dom_lim.end_label_seq_id'  
12 4 'Structure model' '_struct_site.pdbx_auth_asym_id'        
13 4 'Structure model' '_struct_site.pdbx_auth_comp_id'        
14 4 'Structure model' '_struct_site.pdbx_auth_seq_id'         
# 
loop_
_software.name 
_software.classification 
_software.version 
_software.citation_id 
_software.pdbx_ordinal 
REFMAC refinement       5.2.0019 ? 1 
XDS    'data reduction' .        ? 2 
XDS    'data scaling'   .        ? 3 
PHASER phasing          .        ? 4 
# 
_pdbx_database_remark.id     700 
_pdbx_database_remark.text   
;
SHEET
THE SHEET STRUCTURE OF THIS MOLECULE IS BIFURCATED. IN
ORDER TO REPRESENT THIS FEATURE IN THE SHEET RECORDS BELOW,
TWO SHEETS ARE DEFINED.
;
# 
_pdbx_validate_close_contact.id               1 
_pdbx_validate_close_contact.PDB_model_num    1 
_pdbx_validate_close_contact.auth_atom_id_1   CE1 
_pdbx_validate_close_contact.auth_asym_id_1   A 
_pdbx_validate_close_contact.auth_comp_id_1   PHE 
_pdbx_validate_close_contact.auth_seq_id_1    2285 
_pdbx_validate_close_contact.PDB_ins_code_1   ? 
_pdbx_validate_close_contact.label_alt_id_1   ? 
_pdbx_validate_close_contact.auth_atom_id_2   SG 
_pdbx_validate_close_contact.auth_asym_id_2   A 
_pdbx_validate_close_contact.auth_comp_id_2   CYS 
_pdbx_validate_close_contact.auth_seq_id_2    2293 
_pdbx_validate_close_contact.PDB_ins_code_2   ? 
_pdbx_validate_close_contact.label_alt_id_2   B 
_pdbx_validate_close_contact.dist             2.17 
# 
_pdbx_validate_symm_contact.id                1 
_pdbx_validate_symm_contact.PDB_model_num     1 
_pdbx_validate_symm_contact.auth_atom_id_1    NH2 
_pdbx_validate_symm_contact.auth_asym_id_1    A 
_pdbx_validate_symm_contact.auth_comp_id_1    ARG 
_pdbx_validate_symm_contact.auth_seq_id_1     2288 
_pdbx_validate_symm_contact.PDB_ins_code_1    ? 
_pdbx_validate_symm_contact.label_alt_id_1    ? 
_pdbx_validate_symm_contact.site_symmetry_1   1_555 
_pdbx_validate_symm_contact.auth_atom_id_2    OD2 
_pdbx_validate_symm_contact.auth_asym_id_2    B 
_pdbx_validate_symm_contact.auth_comp_id_2    ASP 
_pdbx_validate_symm_contact.auth_seq_id_2     2290 
_pdbx_validate_symm_contact.PDB_ins_code_2    ? 
_pdbx_validate_symm_contact.label_alt_id_2    ? 
_pdbx_validate_symm_contact.site_symmetry_2   3_655 
_pdbx_validate_symm_contact.dist              2.14 
# 
loop_
_pdbx_validate_torsion.id 
_pdbx_validate_torsion.PDB_model_num 
_pdbx_validate_torsion.auth_comp_id 
_pdbx_validate_torsion.auth_asym_id 
_pdbx_validate_torsion.auth_seq_id 
_pdbx_validate_torsion.PDB_ins_code 
_pdbx_validate_torsion.label_alt_id 
_pdbx_validate_torsion.phi 
_pdbx_validate_torsion.psi 
1 1 GLU A 2249 ? ? -121.24 -54.98 
2 1 ASP A 2318 ? ? 73.15   -3.91  
3 1 ASP B 2318 ? ? 77.12   -7.18  
# 
loop_
_pdbx_unobs_or_zero_occ_residues.id 
_pdbx_unobs_or_zero_occ_residues.PDB_model_num 
_pdbx_unobs_or_zero_occ_residues.polymer_flag 
_pdbx_unobs_or_zero_occ_residues.occupancy_flag 
_pdbx_unobs_or_zero_occ_residues.auth_asym_id 
_pdbx_unobs_or_zero_occ_residues.auth_comp_id 
_pdbx_unobs_or_zero_occ_residues.auth_seq_id 
_pdbx_unobs_or_zero_occ_residues.PDB_ins_code 
_pdbx_unobs_or_zero_occ_residues.label_asym_id 
_pdbx_unobs_or_zero_occ_residues.label_comp_id 
_pdbx_unobs_or_zero_occ_residues.label_seq_id 
1 1 Y 1 A SER 2329 ? A SER 94 
2 1 Y 1 C PRO 5    ? C PRO 1  
3 1 Y 1 C GLU 6    ? C GLU 2  
4 1 Y 1 C LYS 7    ? C LYS 3  
5 1 Y 1 C LEU 17   ? C LEU 13 
6 1 Y 1 C ALA 18   ? C ALA 14 
7 1 Y 1 C PRO 19   ? C PRO 15 
# 
loop_
_chem_comp_atom.comp_id 
_chem_comp_atom.atom_id 
_chem_comp_atom.type_symbol 
_chem_comp_atom.pdbx_aromatic_flag 
_chem_comp_atom.pdbx_stereo_config 
_chem_comp_atom.pdbx_ordinal 
ALA N    N N N 1   
ALA CA   C N S 2   
ALA C    C N N 3   
ALA O    O N N 4   
ALA CB   C N N 5   
ALA OXT  O N N 6   
ALA H    H N N 7   
ALA H2   H N N 8   
ALA HA   H N N 9   
ALA HB1  H N N 10  
ALA HB2  H N N 11  
ALA HB3  H N N 12  
ALA HXT  H N N 13  
ARG N    N N N 14  
ARG CA   C N S 15  
ARG C    C N N 16  
ARG O    O N N 17  
ARG CB   C N N 18  
ARG CG   C N N 19  
ARG CD   C N N 20  
ARG NE   N N N 21  
ARG CZ   C N N 22  
ARG NH1  N N N 23  
ARG NH2  N N N 24  
ARG OXT  O N N 25  
ARG H    H N N 26  
ARG H2   H N N 27  
ARG HA   H N N 28  
ARG HB2  H N N 29  
ARG HB3  H N N 30  
ARG HG2  H N N 31  
ARG HG3  H N N 32  
ARG HD2  H N N 33  
ARG HD3  H N N 34  
ARG HE   H N N 35  
ARG HH11 H N N 36  
ARG HH12 H N N 37  
ARG HH21 H N N 38  
ARG HH22 H N N 39  
ARG HXT  H N N 40  
ASN N    N N N 41  
ASN CA   C N S 42  
ASN C    C N N 43  
ASN O    O N N 44  
ASN CB   C N N 45  
ASN CG   C N N 46  
ASN OD1  O N N 47  
ASN ND2  N N N 48  
ASN OXT  O N N 49  
ASN H    H N N 50  
ASN H2   H N N 51  
ASN HA   H N N 52  
ASN HB2  H N N 53  
ASN HB3  H N N 54  
ASN HD21 H N N 55  
ASN HD22 H N N 56  
ASN HXT  H N N 57  
ASP N    N N N 58  
ASP CA   C N S 59  
ASP C    C N N 60  
ASP O    O N N 61  
ASP CB   C N N 62  
ASP CG   C N N 63  
ASP OD1  O N N 64  
ASP OD2  O N N 65  
ASP OXT  O N N 66  
ASP H    H N N 67  
ASP H2   H N N 68  
ASP HA   H N N 69  
ASP HB2  H N N 70  
ASP HB3  H N N 71  
ASP HD2  H N N 72  
ASP HXT  H N N 73  
CYS N    N N N 74  
CYS CA   C N R 75  
CYS C    C N N 76  
CYS O    O N N 77  
CYS CB   C N N 78  
CYS SG   S N N 79  
CYS OXT  O N N 80  
CYS H    H N N 81  
CYS H2   H N N 82  
CYS HA   H N N 83  
CYS HB2  H N N 84  
CYS HB3  H N N 85  
CYS HG   H N N 86  
CYS HXT  H N N 87  
GLN N    N N N 88  
GLN CA   C N S 89  
GLN C    C N N 90  
GLN O    O N N 91  
GLN CB   C N N 92  
GLN CG   C N N 93  
GLN CD   C N N 94  
GLN OE1  O N N 95  
GLN NE2  N N N 96  
GLN OXT  O N N 97  
GLN H    H N N 98  
GLN H2   H N N 99  
GLN HA   H N N 100 
GLN HB2  H N N 101 
GLN HB3  H N N 102 
GLN HG2  H N N 103 
GLN HG3  H N N 104 
GLN HE21 H N N 105 
GLN HE22 H N N 106 
GLN HXT  H N N 107 
GLU N    N N N 108 
GLU CA   C N S 109 
GLU C    C N N 110 
GLU O    O N N 111 
GLU CB   C N N 112 
GLU CG   C N N 113 
GLU CD   C N N 114 
GLU OE1  O N N 115 
GLU OE2  O N N 116 
GLU OXT  O N N 117 
GLU H    H N N 118 
GLU H2   H N N 119 
GLU HA   H N N 120 
GLU HB2  H N N 121 
GLU HB3  H N N 122 
GLU HG2  H N N 123 
GLU HG3  H N N 124 
GLU HE2  H N N 125 
GLU HXT  H N N 126 
GLY N    N N N 127 
GLY CA   C N N 128 
GLY C    C N N 129 
GLY O    O N N 130 
GLY OXT  O N N 131 
GLY H    H N N 132 
GLY H2   H N N 133 
GLY HA2  H N N 134 
GLY HA3  H N N 135 
GLY HXT  H N N 136 
HIS N    N N N 137 
HIS CA   C N S 138 
HIS C    C N N 139 
HIS O    O N N 140 
HIS CB   C N N 141 
HIS CG   C Y N 142 
HIS ND1  N Y N 143 
HIS CD2  C Y N 144 
HIS CE1  C Y N 145 
HIS NE2  N Y N 146 
HIS OXT  O N N 147 
HIS H    H N N 148 
HIS H2   H N N 149 
HIS HA   H N N 150 
HIS HB2  H N N 151 
HIS HB3  H N N 152 
HIS HD1  H N N 153 
HIS HD2  H N N 154 
HIS HE1  H N N 155 
HIS HE2  H N N 156 
HIS HXT  H N N 157 
HOH O    O N N 158 
HOH H1   H N N 159 
HOH H2   H N N 160 
ILE N    N N N 161 
ILE CA   C N S 162 
ILE C    C N N 163 
ILE O    O N N 164 
ILE CB   C N S 165 
ILE CG1  C N N 166 
ILE CG2  C N N 167 
ILE CD1  C N N 168 
ILE OXT  O N N 169 
ILE H    H N N 170 
ILE H2   H N N 171 
ILE HA   H N N 172 
ILE HB   H N N 173 
ILE HG12 H N N 174 
ILE HG13 H N N 175 
ILE HG21 H N N 176 
ILE HG22 H N N 177 
ILE HG23 H N N 178 
ILE HD11 H N N 179 
ILE HD12 H N N 180 
ILE HD13 H N N 181 
ILE HXT  H N N 182 
LEU N    N N N 183 
LEU CA   C N S 184 
LEU C    C N N 185 
LEU O    O N N 186 
LEU CB   C N N 187 
LEU CG   C N N 188 
LEU CD1  C N N 189 
LEU CD2  C N N 190 
LEU OXT  O N N 191 
LEU H    H N N 192 
LEU H2   H N N 193 
LEU HA   H N N 194 
LEU HB2  H N N 195 
LEU HB3  H N N 196 
LEU HG   H N N 197 
LEU HD11 H N N 198 
LEU HD12 H N N 199 
LEU HD13 H N N 200 
LEU HD21 H N N 201 
LEU HD22 H N N 202 
LEU HD23 H N N 203 
LEU HXT  H N N 204 
LYS N    N N N 205 
LYS CA   C N S 206 
LYS C    C N N 207 
LYS O    O N N 208 
LYS CB   C N N 209 
LYS CG   C N N 210 
LYS CD   C N N 211 
LYS CE   C N N 212 
LYS NZ   N N N 213 
LYS OXT  O N N 214 
LYS H    H N N 215 
LYS H2   H N N 216 
LYS HA   H N N 217 
LYS HB2  H N N 218 
LYS HB3  H N N 219 
LYS HG2  H N N 220 
LYS HG3  H N N 221 
LYS HD2  H N N 222 
LYS HD3  H N N 223 
LYS HE2  H N N 224 
LYS HE3  H N N 225 
LYS HZ1  H N N 226 
LYS HZ2  H N N 227 
LYS HZ3  H N N 228 
LYS HXT  H N N 229 
PHE N    N N N 230 
PHE CA   C N S 231 
PHE C    C N N 232 
PHE O    O N N 233 
PHE CB   C N N 234 
PHE CG   C Y N 235 
PHE CD1  C Y N 236 
PHE CD2  C Y N 237 
PHE CE1  C Y N 238 
PHE CE2  C Y N 239 
PHE CZ   C Y N 240 
PHE OXT  O N N 241 
PHE H    H N N 242 
PHE H2   H N N 243 
PHE HA   H N N 244 
PHE HB2  H N N 245 
PHE HB3  H N N 246 
PHE HD1  H N N 247 
PHE HD2  H N N 248 
PHE HE1  H N N 249 
PHE HE2  H N N 250 
PHE HZ   H N N 251 
PHE HXT  H N N 252 
PRO N    N N N 253 
PRO CA   C N S 254 
PRO C    C N N 255 
PRO O    O N N 256 
PRO CB   C N N 257 
PRO CG   C N N 258 
PRO CD   C N N 259 
PRO OXT  O N N 260 
PRO H    H N N 261 
PRO HA   H N N 262 
PRO HB2  H N N 263 
PRO HB3  H N N 264 
PRO HG2  H N N 265 
PRO HG3  H N N 266 
PRO HD2  H N N 267 
PRO HD3  H N N 268 
PRO HXT  H N N 269 
SER N    N N N 270 
SER CA   C N S 271 
SER C    C N N 272 
SER O    O N N 273 
SER CB   C N N 274 
SER OG   O N N 275 
SER OXT  O N N 276 
SER H    H N N 277 
SER H2   H N N 278 
SER HA   H N N 279 
SER HB2  H N N 280 
SER HB3  H N N 281 
SER HG   H N N 282 
SER HXT  H N N 283 
SO4 S    S N N 284 
SO4 O1   O N N 285 
SO4 O2   O N N 286 
SO4 O3   O N N 287 
SO4 O4   O N N 288 
THR N    N N N 289 
THR CA   C N S 290 
THR C    C N N 291 
THR O    O N N 292 
THR CB   C N R 293 
THR OG1  O N N 294 
THR CG2  C N N 295 
THR OXT  O N N 296 
THR H    H N N 297 
THR H2   H N N 298 
THR HA   H N N 299 
THR HB   H N N 300 
THR HG1  H N N 301 
THR HG21 H N N 302 
THR HG22 H N N 303 
THR HG23 H N N 304 
THR HXT  H N N 305 
TRP N    N N N 306 
TRP CA   C N S 307 
TRP C    C N N 308 
TRP O    O N N 309 
TRP CB   C N N 310 
TRP CG   C Y N 311 
TRP CD1  C Y N 312 
TRP CD2  C Y N 313 
TRP NE1  N Y N 314 
TRP CE2  C Y N 315 
TRP CE3  C Y N 316 
TRP CZ2  C Y N 317 
TRP CZ3  C Y N 318 
TRP CH2  C Y N 319 
TRP OXT  O N N 320 
TRP H    H N N 321 
TRP H2   H N N 322 
TRP HA   H N N 323 
TRP HB2  H N N 324 
TRP HB3  H N N 325 
TRP HD1  H N N 326 
TRP HE1  H N N 327 
TRP HE3  H N N 328 
TRP HZ2  H N N 329 
TRP HZ3  H N N 330 
TRP HH2  H N N 331 
TRP HXT  H N N 332 
TYR N    N N N 333 
TYR CA   C N S 334 
TYR C    C N N 335 
TYR O    O N N 336 
TYR CB   C N N 337 
TYR CG   C Y N 338 
TYR CD1  C Y N 339 
TYR CD2  C Y N 340 
TYR CE1  C Y N 341 
TYR CE2  C Y N 342 
TYR CZ   C Y N 343 
TYR OH   O N N 344 
TYR OXT  O N N 345 
TYR H    H N N 346 
TYR H2   H N N 347 
TYR HA   H N N 348 
TYR HB2  H N N 349 
TYR HB3  H N N 350 
TYR HD1  H N N 351 
TYR HD2  H N N 352 
TYR HE1  H N N 353 
TYR HE2  H N N 354 
TYR HH   H N N 355 
TYR HXT  H N N 356 
VAL N    N N N 357 
VAL CA   C N S 358 
VAL C    C N N 359 
VAL O    O N N 360 
VAL CB   C N N 361 
VAL CG1  C N N 362 
VAL CG2  C N N 363 
VAL OXT  O N N 364 
VAL H    H N N 365 
VAL H2   H N N 366 
VAL HA   H N N 367 
VAL HB   H N N 368 
VAL HG11 H N N 369 
VAL HG12 H N N 370 
VAL HG13 H N N 371 
VAL HG21 H N N 372 
VAL HG22 H N N 373 
VAL HG23 H N N 374 
VAL HXT  H N N 375 
# 
loop_
_chem_comp_bond.comp_id 
_chem_comp_bond.atom_id_1 
_chem_comp_bond.atom_id_2 
_chem_comp_bond.value_order 
_chem_comp_bond.pdbx_aromatic_flag 
_chem_comp_bond.pdbx_stereo_config 
_chem_comp_bond.pdbx_ordinal 
ALA N   CA   sing N N 1   
ALA N   H    sing N N 2   
ALA N   H2   sing N N 3   
ALA CA  C    sing N N 4   
ALA CA  CB   sing N N 5   
ALA CA  HA   sing N N 6   
ALA C   O    doub N N 7   
ALA C   OXT  sing N N 8   
ALA CB  HB1  sing N N 9   
ALA CB  HB2  sing N N 10  
ALA CB  HB3  sing N N 11  
ALA OXT HXT  sing N N 12  
ARG N   CA   sing N N 13  
ARG N   H    sing N N 14  
ARG N   H2   sing N N 15  
ARG CA  C    sing N N 16  
ARG CA  CB   sing N N 17  
ARG CA  HA   sing N N 18  
ARG C   O    doub N N 19  
ARG C   OXT  sing N N 20  
ARG CB  CG   sing N N 21  
ARG CB  HB2  sing N N 22  
ARG CB  HB3  sing N N 23  
ARG CG  CD   sing N N 24  
ARG CG  HG2  sing N N 25  
ARG CG  HG3  sing N N 26  
ARG CD  NE   sing N N 27  
ARG CD  HD2  sing N N 28  
ARG CD  HD3  sing N N 29  
ARG NE  CZ   sing N N 30  
ARG NE  HE   sing N N 31  
ARG CZ  NH1  sing N N 32  
ARG CZ  NH2  doub N N 33  
ARG NH1 HH11 sing N N 34  
ARG NH1 HH12 sing N N 35  
ARG NH2 HH21 sing N N 36  
ARG NH2 HH22 sing N N 37  
ARG OXT HXT  sing N N 38  
ASN N   CA   sing N N 39  
ASN N   H    sing N N 40  
ASN N   H2   sing N N 41  
ASN CA  C    sing N N 42  
ASN CA  CB   sing N N 43  
ASN CA  HA   sing N N 44  
ASN C   O    doub N N 45  
ASN C   OXT  sing N N 46  
ASN CB  CG   sing N N 47  
ASN CB  HB2  sing N N 48  
ASN CB  HB3  sing N N 49  
ASN CG  OD1  doub N N 50  
ASN CG  ND2  sing N N 51  
ASN ND2 HD21 sing N N 52  
ASN ND2 HD22 sing N N 53  
ASN OXT HXT  sing N N 54  
ASP N   CA   sing N N 55  
ASP N   H    sing N N 56  
ASP N   H2   sing N N 57  
ASP CA  C    sing N N 58  
ASP CA  CB   sing N N 59  
ASP CA  HA   sing N N 60  
ASP C   O    doub N N 61  
ASP C   OXT  sing N N 62  
ASP CB  CG   sing N N 63  
ASP CB  HB2  sing N N 64  
ASP CB  HB3  sing N N 65  
ASP CG  OD1  doub N N 66  
ASP CG  OD2  sing N N 67  
ASP OD2 HD2  sing N N 68  
ASP OXT HXT  sing N N 69  
CYS N   CA   sing N N 70  
CYS N   H    sing N N 71  
CYS N   H2   sing N N 72  
CYS CA  C    sing N N 73  
CYS CA  CB   sing N N 74  
CYS CA  HA   sing N N 75  
CYS C   O    doub N N 76  
CYS C   OXT  sing N N 77  
CYS CB  SG   sing N N 78  
CYS CB  HB2  sing N N 79  
CYS CB  HB3  sing N N 80  
CYS SG  HG   sing N N 81  
CYS OXT HXT  sing N N 82  
GLN N   CA   sing N N 83  
GLN N   H    sing N N 84  
GLN N   H2   sing N N 85  
GLN CA  C    sing N N 86  
GLN CA  CB   sing N N 87  
GLN CA  HA   sing N N 88  
GLN C   O    doub N N 89  
GLN C   OXT  sing N N 90  
GLN CB  CG   sing N N 91  
GLN CB  HB2  sing N N 92  
GLN CB  HB3  sing N N 93  
GLN CG  CD   sing N N 94  
GLN CG  HG2  sing N N 95  
GLN CG  HG3  sing N N 96  
GLN CD  OE1  doub N N 97  
GLN CD  NE2  sing N N 98  
GLN NE2 HE21 sing N N 99  
GLN NE2 HE22 sing N N 100 
GLN OXT HXT  sing N N 101 
GLU N   CA   sing N N 102 
GLU N   H    sing N N 103 
GLU N   H2   sing N N 104 
GLU CA  C    sing N N 105 
GLU CA  CB   sing N N 106 
GLU CA  HA   sing N N 107 
GLU C   O    doub N N 108 
GLU C   OXT  sing N N 109 
GLU CB  CG   sing N N 110 
GLU CB  HB2  sing N N 111 
GLU CB  HB3  sing N N 112 
GLU CG  CD   sing N N 113 
GLU CG  HG2  sing N N 114 
GLU CG  HG3  sing N N 115 
GLU CD  OE1  doub N N 116 
GLU CD  OE2  sing N N 117 
GLU OE2 HE2  sing N N 118 
GLU OXT HXT  sing N N 119 
GLY N   CA   sing N N 120 
GLY N   H    sing N N 121 
GLY N   H2   sing N N 122 
GLY CA  C    sing N N 123 
GLY CA  HA2  sing N N 124 
GLY CA  HA3  sing N N 125 
GLY C   O    doub N N 126 
GLY C   OXT  sing N N 127 
GLY OXT HXT  sing N N 128 
HIS N   CA   sing N N 129 
HIS N   H    sing N N 130 
HIS N   H2   sing N N 131 
HIS CA  C    sing N N 132 
HIS CA  CB   sing N N 133 
HIS CA  HA   sing N N 134 
HIS C   O    doub N N 135 
HIS C   OXT  sing N N 136 
HIS CB  CG   sing N N 137 
HIS CB  HB2  sing N N 138 
HIS CB  HB3  sing N N 139 
HIS CG  ND1  sing Y N 140 
HIS CG  CD2  doub Y N 141 
HIS ND1 CE1  doub Y N 142 
HIS ND1 HD1  sing N N 143 
HIS CD2 NE2  sing Y N 144 
HIS CD2 HD2  sing N N 145 
HIS CE1 NE2  sing Y N 146 
HIS CE1 HE1  sing N N 147 
HIS NE2 HE2  sing N N 148 
HIS OXT HXT  sing N N 149 
HOH O   H1   sing N N 150 
HOH O   H2   sing N N 151 
ILE N   CA   sing N N 152 
ILE N   H    sing N N 153 
ILE N   H2   sing N N 154 
ILE CA  C    sing N N 155 
ILE CA  CB   sing N N 156 
ILE CA  HA   sing N N 157 
ILE C   O    doub N N 158 
ILE C   OXT  sing N N 159 
ILE CB  CG1  sing N N 160 
ILE CB  CG2  sing N N 161 
ILE CB  HB   sing N N 162 
ILE CG1 CD1  sing N N 163 
ILE CG1 HG12 sing N N 164 
ILE CG1 HG13 sing N N 165 
ILE CG2 HG21 sing N N 166 
ILE CG2 HG22 sing N N 167 
ILE CG2 HG23 sing N N 168 
ILE CD1 HD11 sing N N 169 
ILE CD1 HD12 sing N N 170 
ILE CD1 HD13 sing N N 171 
ILE OXT HXT  sing N N 172 
LEU N   CA   sing N N 173 
LEU N   H    sing N N 174 
LEU N   H2   sing N N 175 
LEU CA  C    sing N N 176 
LEU CA  CB   sing N N 177 
LEU CA  HA   sing N N 178 
LEU C   O    doub N N 179 
LEU C   OXT  sing N N 180 
LEU CB  CG   sing N N 181 
LEU CB  HB2  sing N N 182 
LEU CB  HB3  sing N N 183 
LEU CG  CD1  sing N N 184 
LEU CG  CD2  sing N N 185 
LEU CG  HG   sing N N 186 
LEU CD1 HD11 sing N N 187 
LEU CD1 HD12 sing N N 188 
LEU CD1 HD13 sing N N 189 
LEU CD2 HD21 sing N N 190 
LEU CD2 HD22 sing N N 191 
LEU CD2 HD23 sing N N 192 
LEU OXT HXT  sing N N 193 
LYS N   CA   sing N N 194 
LYS N   H    sing N N 195 
LYS N   H2   sing N N 196 
LYS CA  C    sing N N 197 
LYS CA  CB   sing N N 198 
LYS CA  HA   sing N N 199 
LYS C   O    doub N N 200 
LYS C   OXT  sing N N 201 
LYS CB  CG   sing N N 202 
LYS CB  HB2  sing N N 203 
LYS CB  HB3  sing N N 204 
LYS CG  CD   sing N N 205 
LYS CG  HG2  sing N N 206 
LYS CG  HG3  sing N N 207 
LYS CD  CE   sing N N 208 
LYS CD  HD2  sing N N 209 
LYS CD  HD3  sing N N 210 
LYS CE  NZ   sing N N 211 
LYS CE  HE2  sing N N 212 
LYS CE  HE3  sing N N 213 
LYS NZ  HZ1  sing N N 214 
LYS NZ  HZ2  sing N N 215 
LYS NZ  HZ3  sing N N 216 
LYS OXT HXT  sing N N 217 
PHE N   CA   sing N N 218 
PHE N   H    sing N N 219 
PHE N   H2   sing N N 220 
PHE CA  C    sing N N 221 
PHE CA  CB   sing N N 222 
PHE CA  HA   sing N N 223 
PHE C   O    doub N N 224 
PHE C   OXT  sing N N 225 
PHE CB  CG   sing N N 226 
PHE CB  HB2  sing N N 227 
PHE CB  HB3  sing N N 228 
PHE CG  CD1  doub Y N 229 
PHE CG  CD2  sing Y N 230 
PHE CD1 CE1  sing Y N 231 
PHE CD1 HD1  sing N N 232 
PHE CD2 CE2  doub Y N 233 
PHE CD2 HD2  sing N N 234 
PHE CE1 CZ   doub Y N 235 
PHE CE1 HE1  sing N N 236 
PHE CE2 CZ   sing Y N 237 
PHE CE2 HE2  sing N N 238 
PHE CZ  HZ   sing N N 239 
PHE OXT HXT  sing N N 240 
PRO N   CA   sing N N 241 
PRO N   CD   sing N N 242 
PRO N   H    sing N N 243 
PRO CA  C    sing N N 244 
PRO CA  CB   sing N N 245 
PRO CA  HA   sing N N 246 
PRO C   O    doub N N 247 
PRO C   OXT  sing N N 248 
PRO CB  CG   sing N N 249 
PRO CB  HB2  sing N N 250 
PRO CB  HB3  sing N N 251 
PRO CG  CD   sing N N 252 
PRO CG  HG2  sing N N 253 
PRO CG  HG3  sing N N 254 
PRO CD  HD2  sing N N 255 
PRO CD  HD3  sing N N 256 
PRO OXT HXT  sing N N 257 
SER N   CA   sing N N 258 
SER N   H    sing N N 259 
SER N   H2   sing N N 260 
SER CA  C    sing N N 261 
SER CA  CB   sing N N 262 
SER CA  HA   sing N N 263 
SER C   O    doub N N 264 
SER C   OXT  sing N N 265 
SER CB  OG   sing N N 266 
SER CB  HB2  sing N N 267 
SER CB  HB3  sing N N 268 
SER OG  HG   sing N N 269 
SER OXT HXT  sing N N 270 
SO4 S   O1   doub N N 271 
SO4 S   O2   doub N N 272 
SO4 S   O3   sing N N 273 
SO4 S   O4   sing N N 274 
THR N   CA   sing N N 275 
THR N   H    sing N N 276 
THR N   H2   sing N N 277 
THR CA  C    sing N N 278 
THR CA  CB   sing N N 279 
THR CA  HA   sing N N 280 
THR C   O    doub N N 281 
THR C   OXT  sing N N 282 
THR CB  OG1  sing N N 283 
THR CB  CG2  sing N N 284 
THR CB  HB   sing N N 285 
THR OG1 HG1  sing N N 286 
THR CG2 HG21 sing N N 287 
THR CG2 HG22 sing N N 288 
THR CG2 HG23 sing N N 289 
THR OXT HXT  sing N N 290 
TRP N   CA   sing N N 291 
TRP N   H    sing N N 292 
TRP N   H2   sing N N 293 
TRP CA  C    sing N N 294 
TRP CA  CB   sing N N 295 
TRP CA  HA   sing N N 296 
TRP C   O    doub N N 297 
TRP C   OXT  sing N N 298 
TRP CB  CG   sing N N 299 
TRP CB  HB2  sing N N 300 
TRP CB  HB3  sing N N 301 
TRP CG  CD1  doub Y N 302 
TRP CG  CD2  sing Y N 303 
TRP CD1 NE1  sing Y N 304 
TRP CD1 HD1  sing N N 305 
TRP CD2 CE2  doub Y N 306 
TRP CD2 CE3  sing Y N 307 
TRP NE1 CE2  sing Y N 308 
TRP NE1 HE1  sing N N 309 
TRP CE2 CZ2  sing Y N 310 
TRP CE3 CZ3  doub Y N 311 
TRP CE3 HE3  sing N N 312 
TRP CZ2 CH2  doub Y N 313 
TRP CZ2 HZ2  sing N N 314 
TRP CZ3 CH2  sing Y N 315 
TRP CZ3 HZ3  sing N N 316 
TRP CH2 HH2  sing N N 317 
TRP OXT HXT  sing N N 318 
TYR N   CA   sing N N 319 
TYR N   H    sing N N 320 
TYR N   H2   sing N N 321 
TYR CA  C    sing N N 322 
TYR CA  CB   sing N N 323 
TYR CA  HA   sing N N 324 
TYR C   O    doub N N 325 
TYR C   OXT  sing N N 326 
TYR CB  CG   sing N N 327 
TYR CB  HB2  sing N N 328 
TYR CB  HB3  sing N N 329 
TYR CG  CD1  doub Y N 330 
TYR CG  CD2  sing Y N 331 
TYR CD1 CE1  sing Y N 332 
TYR CD1 HD1  sing N N 333 
TYR CD2 CE2  doub Y N 334 
TYR CD2 HD2  sing N N 335 
TYR CE1 CZ   doub Y N 336 
TYR CE1 HE1  sing N N 337 
TYR CE2 CZ   sing Y N 338 
TYR CE2 HE2  sing N N 339 
TYR CZ  OH   sing N N 340 
TYR OH  HH   sing N N 341 
TYR OXT HXT  sing N N 342 
VAL N   CA   sing N N 343 
VAL N   H    sing N N 344 
VAL N   H2   sing N N 345 
VAL CA  C    sing N N 346 
VAL CA  CB   sing N N 347 
VAL CA  HA   sing N N 348 
VAL C   O    doub N N 349 
VAL C   OXT  sing N N 350 
VAL CB  CG1  sing N N 351 
VAL CB  CG2  sing N N 352 
VAL CB  HB   sing N N 353 
VAL CG1 HG11 sing N N 354 
VAL CG1 HG12 sing N N 355 
VAL CG1 HG13 sing N N 356 
VAL CG2 HG21 sing N N 357 
VAL CG2 HG22 sing N N 358 
VAL CG2 HG23 sing N N 359 
VAL OXT HXT  sing N N 360 
# 
loop_
_pdbx_entity_nonpoly.entity_id 
_pdbx_entity_nonpoly.name 
_pdbx_entity_nonpoly.comp_id 
3 'SULFATE ION' SO4 
4 water         HOH 
# 
_pdbx_initial_refinement_model.id               1 
_pdbx_initial_refinement_model.entity_id_list   ? 
_pdbx_initial_refinement_model.type             'experimental model' 
_pdbx_initial_refinement_model.source_name      PDB 
_pdbx_initial_refinement_model.accession_code   2BRQ 
_pdbx_initial_refinement_model.details          'PDB ENTRY 2BRQ, CHAIN A' 
# 
